data_3H9N
# 
_entry.id   3H9N 
# 
_audit_conform.dict_name       mmcif_pdbx.dic 
_audit_conform.dict_version    5.398 
_audit_conform.dict_location   http://mmcif.pdb.org/dictionaries/ascii/mmcif_pdbx.dic 
# 
loop_
_database_2.database_id 
_database_2.database_code 
_database_2.pdbx_database_accession 
_database_2.pdbx_DOI 
PDB   3H9N         pdb_00003h9n 10.2210/pdb3h9n/pdb 
RCSB  RCSB052866   ?            ?                   
WWPDB D_1000052866 ?            ?                   
# 
loop_
_pdbx_audit_revision_history.ordinal 
_pdbx_audit_revision_history.data_content_type 
_pdbx_audit_revision_history.major_revision 
_pdbx_audit_revision_history.minor_revision 
_pdbx_audit_revision_history.revision_date 
1 'Structure model' 1 0 2009-05-19 
2 'Structure model' 1 1 2011-07-13 
3 'Structure model' 1 2 2024-11-06 
# 
_pdbx_audit_revision_details.ordinal             1 
_pdbx_audit_revision_details.revision_ordinal    1 
_pdbx_audit_revision_details.data_content_type   'Structure model' 
_pdbx_audit_revision_details.provider            repository 
_pdbx_audit_revision_details.type                'Initial release' 
_pdbx_audit_revision_details.description         ? 
_pdbx_audit_revision_details.details             ? 
# 
loop_
_pdbx_audit_revision_group.ordinal 
_pdbx_audit_revision_group.revision_ordinal 
_pdbx_audit_revision_group.data_content_type 
_pdbx_audit_revision_group.group 
1 2 'Structure model' 'Version format compliance' 
2 3 'Structure model' 'Data collection'           
3 3 'Structure model' 'Database references'       
4 3 'Structure model' 'Derived calculations'      
5 3 'Structure model' 'Structure summary'         
# 
loop_
_pdbx_audit_revision_category.ordinal 
_pdbx_audit_revision_category.revision_ordinal 
_pdbx_audit_revision_category.data_content_type 
_pdbx_audit_revision_category.category 
1 3 'Structure model' chem_comp_atom            
2 3 'Structure model' chem_comp_bond            
3 3 'Structure model' database_2                
4 3 'Structure model' pdbx_entry_details        
5 3 'Structure model' pdbx_modification_feature 
6 3 'Structure model' struct_conn               
7 3 'Structure model' struct_site               
# 
loop_
_pdbx_audit_revision_item.ordinal 
_pdbx_audit_revision_item.revision_ordinal 
_pdbx_audit_revision_item.data_content_type 
_pdbx_audit_revision_item.item 
1 3 'Structure model' '_database_2.pdbx_DOI'                
2 3 'Structure model' '_database_2.pdbx_database_accession' 
3 3 'Structure model' '_struct_conn.pdbx_leaving_atom_flag' 
4 3 'Structure model' '_struct_site.pdbx_auth_asym_id'      
5 3 'Structure model' '_struct_site.pdbx_auth_comp_id'      
6 3 'Structure model' '_struct_site.pdbx_auth_seq_id'       
# 
_pdbx_database_status.entry_id                        3H9N 
_pdbx_database_status.deposit_site                    RCSB 
_pdbx_database_status.process_site                    RCSB 
_pdbx_database_status.recvd_initial_deposition_date   2009-04-30 
_pdbx_database_status.status_code                     REL 
_pdbx_database_status.status_code_sf                  REL 
_pdbx_database_status.status_code_mr                  ? 
_pdbx_database_status.SG_entry                        Y 
_pdbx_database_status.pdb_format_compatible           Y 
_pdbx_database_status.status_code_cs                  ? 
_pdbx_database_status.status_code_nmr_data            ? 
_pdbx_database_status.methods_development_category    ? 
# 
_pdbx_database_related.db_name        TargetDB 
_pdbx_database_related.db_id          IR66 
_pdbx_database_related.details        . 
_pdbx_database_related.content_type   unspecified 
# 
loop_
_audit_author.name 
_audit_author.pdbx_ordinal 
'Kuzin, A.'                                       1  
'Su, M.'                                          2  
'Seetharaman, J.'                                 3  
'Mao, M.'                                         4  
'Xiao, R.'                                        5  
'Maglaqui, M.'                                    6  
'Zhao, L.'                                        7  
'Everett, J.K.'                                   8  
'Nair, R.'                                        9  
'Acton, T.B.'                                     10 
'Rost, B.'                                        11 
'Montelione, G.T.'                                12 
'Hunt, J.F.'                                      13 
'Tong, L.'                                        14 
'Northeast Structural Genomics Consortium (NESG)' 15 
# 
_citation.id                        primary 
_citation.title                     'Northeast Structural Genomics Consortium Target IR66' 
_citation.journal_abbrev            'To be Published' 
_citation.journal_volume            ? 
_citation.page_first                ? 
_citation.page_last                 ? 
_citation.year                      ? 
_citation.journal_id_ASTM           ? 
_citation.country                   ? 
_citation.journal_id_ISSN           ? 
_citation.journal_id_CSD            0353 
_citation.book_publisher            ? 
_citation.pdbx_database_id_PubMed   ? 
_citation.pdbx_database_id_DOI      ? 
# 
loop_
_citation_author.citation_id 
_citation_author.name 
_citation_author.ordinal 
_citation_author.identifier_ORCID 
primary 'Kuzin, A.'        1  ? 
primary 'Su, M.'           2  ? 
primary 'Seetharaman, J.'  3  ? 
primary 'Mao, M.'          4  ? 
primary 'Xiao, R.'         5  ? 
primary 'Maglaqui, M.'     6  ? 
primary 'Zhao, L.'         7  ? 
primary 'Everett, J.K.'    8  ? 
primary 'Nair, R.'         9  ? 
primary 'Acton, T.B.'      10 ? 
primary 'Rost, B.'         11 ? 
primary 'Montelione, G.T.' 12 ? 
primary 'Hunt, J.F.'       13 ? 
primary 'Tong, L.'         14 ? 
# 
loop_
_entity.id 
_entity.type 
_entity.src_method 
_entity.pdbx_description 
_entity.formula_weight 
_entity.pdbx_number_of_molecules 
_entity.pdbx_ec 
_entity.pdbx_mutation 
_entity.pdbx_fragment 
_entity.details 
1 polymer     man 'Ribosome maturation factor rimM' 20636.738 1 ? ? ? ? 
2 non-polymer syn 'SULFATE ION'                     96.063    4 ? ? ? ? 
3 water       nat water                             18.015    2 ? ? ? ? 
# 
_entity_poly.entity_id                      1 
_entity_poly.type                           'polypeptide(L)' 
_entity_poly.nstd_linkage                   no 
_entity_poly.nstd_monomer                   yes 
_entity_poly.pdbx_seq_one_letter_code       
;HIEVVGKLGSTYGIRGWLRIYSSTEQAESIFDYQPWFLKIKGEWQSIELENWRYHNHEIIVKLKGVDDREAAQILANVEI
GVDLSVFPELEEGDYYWHDLIGCTVVNLEGYT(MSE)GTVTE(MSE)(MSE)ETGSNDVLVVKANTKDAFGKQERLIPFL
YEQVVKRVDLTTKTIEVDWDAGFLEHHHH
;
_entity_poly.pdbx_seq_one_letter_code_can   
;HIEVVGKLGSTYGIRGWLRIYSSTEQAESIFDYQPWFLKIKGEWQSIELENWRYHNHEIIVKLKGVDDREAAQILANVEI
GVDLSVFPELEEGDYYWHDLIGCTVVNLEGYTMGTVTEMMETGSNDVLVVKANTKDAFGKQERLIPFLYEQVVKRVDLTT
KTIEVDWDAGFLEHHHH
;
_entity_poly.pdbx_strand_id                 A 
_entity_poly.pdbx_target_identifier         IR66 
# 
loop_
_pdbx_entity_nonpoly.entity_id 
_pdbx_entity_nonpoly.name 
_pdbx_entity_nonpoly.comp_id 
2 'SULFATE ION' SO4 
3 water         HOH 
# 
loop_
_entity_poly_seq.entity_id 
_entity_poly_seq.num 
_entity_poly_seq.mon_id 
_entity_poly_seq.hetero 
1 1   HIS n 
1 2   ILE n 
1 3   GLU n 
1 4   VAL n 
1 5   VAL n 
1 6   GLY n 
1 7   LYS n 
1 8   LEU n 
1 9   GLY n 
1 10  SER n 
1 11  THR n 
1 12  TYR n 
1 13  GLY n 
1 14  ILE n 
1 15  ARG n 
1 16  GLY n 
1 17  TRP n 
1 18  LEU n 
1 19  ARG n 
1 20  ILE n 
1 21  TYR n 
1 22  SER n 
1 23  SER n 
1 24  THR n 
1 25  GLU n 
1 26  GLN n 
1 27  ALA n 
1 28  GLU n 
1 29  SER n 
1 30  ILE n 
1 31  PHE n 
1 32  ASP n 
1 33  TYR n 
1 34  GLN n 
1 35  PRO n 
1 36  TRP n 
1 37  PHE n 
1 38  LEU n 
1 39  LYS n 
1 40  ILE n 
1 41  LYS n 
1 42  GLY n 
1 43  GLU n 
1 44  TRP n 
1 45  GLN n 
1 46  SER n 
1 47  ILE n 
1 48  GLU n 
1 49  LEU n 
1 50  GLU n 
1 51  ASN n 
1 52  TRP n 
1 53  ARG n 
1 54  TYR n 
1 55  HIS n 
1 56  ASN n 
1 57  HIS n 
1 58  GLU n 
1 59  ILE n 
1 60  ILE n 
1 61  VAL n 
1 62  LYS n 
1 63  LEU n 
1 64  LYS n 
1 65  GLY n 
1 66  VAL n 
1 67  ASP n 
1 68  ASP n 
1 69  ARG n 
1 70  GLU n 
1 71  ALA n 
1 72  ALA n 
1 73  GLN n 
1 74  ILE n 
1 75  LEU n 
1 76  ALA n 
1 77  ASN n 
1 78  VAL n 
1 79  GLU n 
1 80  ILE n 
1 81  GLY n 
1 82  VAL n 
1 83  ASP n 
1 84  LEU n 
1 85  SER n 
1 86  VAL n 
1 87  PHE n 
1 88  PRO n 
1 89  GLU n 
1 90  LEU n 
1 91  GLU n 
1 92  GLU n 
1 93  GLY n 
1 94  ASP n 
1 95  TYR n 
1 96  TYR n 
1 97  TRP n 
1 98  HIS n 
1 99  ASP n 
1 100 LEU n 
1 101 ILE n 
1 102 GLY n 
1 103 CYS n 
1 104 THR n 
1 105 VAL n 
1 106 VAL n 
1 107 ASN n 
1 108 LEU n 
1 109 GLU n 
1 110 GLY n 
1 111 TYR n 
1 112 THR n 
1 113 MSE n 
1 114 GLY n 
1 115 THR n 
1 116 VAL n 
1 117 THR n 
1 118 GLU n 
1 119 MSE n 
1 120 MSE n 
1 121 GLU n 
1 122 THR n 
1 123 GLY n 
1 124 SER n 
1 125 ASN n 
1 126 ASP n 
1 127 VAL n 
1 128 LEU n 
1 129 VAL n 
1 130 VAL n 
1 131 LYS n 
1 132 ALA n 
1 133 ASN n 
1 134 THR n 
1 135 LYS n 
1 136 ASP n 
1 137 ALA n 
1 138 PHE n 
1 139 GLY n 
1 140 LYS n 
1 141 GLN n 
1 142 GLU n 
1 143 ARG n 
1 144 LEU n 
1 145 ILE n 
1 146 PRO n 
1 147 PHE n 
1 148 LEU n 
1 149 TYR n 
1 150 GLU n 
1 151 GLN n 
1 152 VAL n 
1 153 VAL n 
1 154 LYS n 
1 155 ARG n 
1 156 VAL n 
1 157 ASP n 
1 158 LEU n 
1 159 THR n 
1 160 THR n 
1 161 LYS n 
1 162 THR n 
1 163 ILE n 
1 164 GLU n 
1 165 VAL n 
1 166 ASP n 
1 167 TRP n 
1 168 ASP n 
1 169 ALA n 
1 170 GLY n 
1 171 PHE n 
1 172 LEU n 
1 173 GLU n 
1 174 HIS n 
1 175 HIS n 
1 176 HIS n 
1 177 HIS n 
# 
_entity_src_gen.entity_id                          1 
_entity_src_gen.pdbx_src_id                        1 
_entity_src_gen.pdbx_alt_source_flag               sample 
_entity_src_gen.pdbx_seq_type                      ? 
_entity_src_gen.pdbx_beg_seq_num                   ? 
_entity_src_gen.pdbx_end_seq_num                   ? 
_entity_src_gen.gene_src_common_name               ? 
_entity_src_gen.gene_src_genus                     ? 
_entity_src_gen.pdbx_gene_src_gene                 'HI0203, rimM' 
_entity_src_gen.gene_src_species                   ? 
_entity_src_gen.gene_src_strain                    ? 
_entity_src_gen.gene_src_tissue                    ? 
_entity_src_gen.gene_src_tissue_fraction           ? 
_entity_src_gen.gene_src_details                   ? 
_entity_src_gen.pdbx_gene_src_fragment             ? 
_entity_src_gen.pdbx_gene_src_scientific_name      'Haemophilus influenzae' 
_entity_src_gen.pdbx_gene_src_ncbi_taxonomy_id     727 
_entity_src_gen.pdbx_gene_src_variant              ? 
_entity_src_gen.pdbx_gene_src_cell_line            ? 
_entity_src_gen.pdbx_gene_src_atcc                 ? 
_entity_src_gen.pdbx_gene_src_organ                ? 
_entity_src_gen.pdbx_gene_src_organelle            ? 
_entity_src_gen.pdbx_gene_src_cell                 ? 
_entity_src_gen.pdbx_gene_src_cellular_location    ? 
_entity_src_gen.host_org_common_name               ? 
_entity_src_gen.pdbx_host_org_scientific_name      'Escherichia coli BL21(DE3)' 
_entity_src_gen.pdbx_host_org_ncbi_taxonomy_id     469008 
_entity_src_gen.host_org_genus                     ? 
_entity_src_gen.pdbx_host_org_gene                 ? 
_entity_src_gen.pdbx_host_org_organ                ? 
_entity_src_gen.host_org_species                   ? 
_entity_src_gen.pdbx_host_org_tissue               ? 
_entity_src_gen.pdbx_host_org_tissue_fraction      ? 
_entity_src_gen.pdbx_host_org_strain               'BL21(DE3)+ Magic' 
_entity_src_gen.pdbx_host_org_variant              ? 
_entity_src_gen.pdbx_host_org_cell_line            ? 
_entity_src_gen.pdbx_host_org_atcc                 ? 
_entity_src_gen.pdbx_host_org_culture_collection   ? 
_entity_src_gen.pdbx_host_org_cell                 ? 
_entity_src_gen.pdbx_host_org_organelle            ? 
_entity_src_gen.pdbx_host_org_cellular_location    ? 
_entity_src_gen.pdbx_host_org_vector_type          plasmid 
_entity_src_gen.pdbx_host_org_vector               ? 
_entity_src_gen.host_org_details                   ? 
_entity_src_gen.expression_system_id               ? 
_entity_src_gen.plasmid_name                       pET21 
_entity_src_gen.plasmid_details                    ? 
_entity_src_gen.pdbx_description                   ? 
# 
loop_
_chem_comp.id 
_chem_comp.type 
_chem_comp.mon_nstd_flag 
_chem_comp.name 
_chem_comp.pdbx_synonyms 
_chem_comp.formula 
_chem_comp.formula_weight 
ALA 'L-peptide linking' y ALANINE          ? 'C3 H7 N O2'     89.093  
ARG 'L-peptide linking' y ARGININE         ? 'C6 H15 N4 O2 1' 175.209 
ASN 'L-peptide linking' y ASPARAGINE       ? 'C4 H8 N2 O3'    132.118 
ASP 'L-peptide linking' y 'ASPARTIC ACID'  ? 'C4 H7 N O4'     133.103 
CYS 'L-peptide linking' y CYSTEINE         ? 'C3 H7 N O2 S'   121.158 
GLN 'L-peptide linking' y GLUTAMINE        ? 'C5 H10 N2 O3'   146.144 
GLU 'L-peptide linking' y 'GLUTAMIC ACID'  ? 'C5 H9 N O4'     147.129 
GLY 'peptide linking'   y GLYCINE          ? 'C2 H5 N O2'     75.067  
HIS 'L-peptide linking' y HISTIDINE        ? 'C6 H10 N3 O2 1' 156.162 
HOH non-polymer         . WATER            ? 'H2 O'           18.015  
ILE 'L-peptide linking' y ISOLEUCINE       ? 'C6 H13 N O2'    131.173 
LEU 'L-peptide linking' y LEUCINE          ? 'C6 H13 N O2'    131.173 
LYS 'L-peptide linking' y LYSINE           ? 'C6 H15 N2 O2 1' 147.195 
MSE 'L-peptide linking' n SELENOMETHIONINE ? 'C5 H11 N O2 Se' 196.106 
PHE 'L-peptide linking' y PHENYLALANINE    ? 'C9 H11 N O2'    165.189 
PRO 'L-peptide linking' y PROLINE          ? 'C5 H9 N O2'     115.130 
SER 'L-peptide linking' y SERINE           ? 'C3 H7 N O3'     105.093 
SO4 non-polymer         . 'SULFATE ION'    ? 'O4 S -2'        96.063  
THR 'L-peptide linking' y THREONINE        ? 'C4 H9 N O3'     119.119 
TRP 'L-peptide linking' y TRYPTOPHAN       ? 'C11 H12 N2 O2'  204.225 
TYR 'L-peptide linking' y TYROSINE         ? 'C9 H11 N O3'    181.189 
VAL 'L-peptide linking' y VALINE           ? 'C5 H11 N O2'    117.146 
# 
loop_
_pdbx_poly_seq_scheme.asym_id 
_pdbx_poly_seq_scheme.entity_id 
_pdbx_poly_seq_scheme.seq_id 
_pdbx_poly_seq_scheme.mon_id 
_pdbx_poly_seq_scheme.ndb_seq_num 
_pdbx_poly_seq_scheme.pdb_seq_num 
_pdbx_poly_seq_scheme.auth_seq_num 
_pdbx_poly_seq_scheme.pdb_mon_id 
_pdbx_poly_seq_scheme.auth_mon_id 
_pdbx_poly_seq_scheme.pdb_strand_id 
_pdbx_poly_seq_scheme.pdb_ins_code 
_pdbx_poly_seq_scheme.hetero 
A 1 1   HIS 1   8   8   HIS HIS A . n 
A 1 2   ILE 2   9   9   ILE ILE A . n 
A 1 3   GLU 3   10  10  GLU GLU A . n 
A 1 4   VAL 4   11  11  VAL VAL A . n 
A 1 5   VAL 5   12  12  VAL VAL A . n 
A 1 6   GLY 6   13  13  GLY GLY A . n 
A 1 7   LYS 7   14  14  LYS LYS A . n 
A 1 8   LEU 8   15  15  LEU LEU A . n 
A 1 9   GLY 9   16  16  GLY GLY A . n 
A 1 10  SER 10  17  17  SER SER A . n 
A 1 11  THR 11  18  18  THR THR A . n 
A 1 12  TYR 12  19  19  TYR TYR A . n 
A 1 13  GLY 13  20  20  GLY GLY A . n 
A 1 14  ILE 14  21  21  ILE ILE A . n 
A 1 15  ARG 15  22  22  ARG ARG A . n 
A 1 16  GLY 16  23  23  GLY GLY A . n 
A 1 17  TRP 17  24  24  TRP TRP A . n 
A 1 18  LEU 18  25  25  LEU LEU A . n 
A 1 19  ARG 19  26  26  ARG ARG A . n 
A 1 20  ILE 20  27  27  ILE ILE A . n 
A 1 21  TYR 21  28  28  TYR TYR A . n 
A 1 22  SER 22  29  29  SER SER A . n 
A 1 23  SER 23  30  30  SER SER A . n 
A 1 24  THR 24  31  31  THR THR A . n 
A 1 25  GLU 25  32  32  GLU GLU A . n 
A 1 26  GLN 26  33  33  GLN GLN A . n 
A 1 27  ALA 27  34  34  ALA ALA A . n 
A 1 28  GLU 28  35  35  GLU GLU A . n 
A 1 29  SER 29  36  36  SER SER A . n 
A 1 30  ILE 30  37  37  ILE ILE A . n 
A 1 31  PHE 31  38  38  PHE PHE A . n 
A 1 32  ASP 32  39  39  ASP ASP A . n 
A 1 33  TYR 33  40  40  TYR TYR A . n 
A 1 34  GLN 34  41  41  GLN GLN A . n 
A 1 35  PRO 35  42  42  PRO PRO A . n 
A 1 36  TRP 36  43  43  TRP TRP A . n 
A 1 37  PHE 37  44  44  PHE PHE A . n 
A 1 38  LEU 38  45  45  LEU LEU A . n 
A 1 39  LYS 39  46  46  LYS LYS A . n 
A 1 40  ILE 40  47  47  ILE ILE A . n 
A 1 41  LYS 41  48  48  LYS LYS A . n 
A 1 42  GLY 42  49  49  GLY GLY A . n 
A 1 43  GLU 43  50  50  GLU GLU A . n 
A 1 44  TRP 44  51  51  TRP TRP A . n 
A 1 45  GLN 45  52  52  GLN GLN A . n 
A 1 46  SER 46  53  53  SER SER A . n 
A 1 47  ILE 47  54  54  ILE ILE A . n 
A 1 48  GLU 48  55  55  GLU GLU A . n 
A 1 49  LEU 49  56  56  LEU LEU A . n 
A 1 50  GLU 50  57  57  GLU GLU A . n 
A 1 51  ASN 51  58  58  ASN ASN A . n 
A 1 52  TRP 52  59  59  TRP TRP A . n 
A 1 53  ARG 53  60  60  ARG ARG A . n 
A 1 54  TYR 54  61  61  TYR TYR A . n 
A 1 55  HIS 55  62  62  HIS HIS A . n 
A 1 56  ASN 56  63  63  ASN ASN A . n 
A 1 57  HIS 57  64  64  HIS HIS A . n 
A 1 58  GLU 58  65  65  GLU GLU A . n 
A 1 59  ILE 59  66  66  ILE ILE A . n 
A 1 60  ILE 60  67  67  ILE ILE A . n 
A 1 61  VAL 61  68  68  VAL VAL A . n 
A 1 62  LYS 62  69  69  LYS LYS A . n 
A 1 63  LEU 63  70  70  LEU LEU A . n 
A 1 64  LYS 64  71  71  LYS LYS A . n 
A 1 65  GLY 65  72  72  GLY GLY A . n 
A 1 66  VAL 66  73  73  VAL VAL A . n 
A 1 67  ASP 67  74  74  ASP ASP A . n 
A 1 68  ASP 68  75  75  ASP ASP A . n 
A 1 69  ARG 69  76  76  ARG ARG A . n 
A 1 70  GLU 70  77  77  GLU GLU A . n 
A 1 71  ALA 71  78  78  ALA ALA A . n 
A 1 72  ALA 72  79  79  ALA ALA A . n 
A 1 73  GLN 73  80  80  GLN GLN A . n 
A 1 74  ILE 74  81  81  ILE ILE A . n 
A 1 75  LEU 75  82  82  LEU LEU A . n 
A 1 76  ALA 76  83  83  ALA ALA A . n 
A 1 77  ASN 77  84  84  ASN ASN A . n 
A 1 78  VAL 78  85  85  VAL VAL A . n 
A 1 79  GLU 79  86  86  GLU GLU A . n 
A 1 80  ILE 80  87  87  ILE ILE A . n 
A 1 81  GLY 81  88  88  GLY GLY A . n 
A 1 82  VAL 82  89  89  VAL VAL A . n 
A 1 83  ASP 83  90  90  ASP ASP A . n 
A 1 84  LEU 84  91  91  LEU LEU A . n 
A 1 85  SER 85  92  92  SER SER A . n 
A 1 86  VAL 86  93  93  VAL VAL A . n 
A 1 87  PHE 87  94  94  PHE PHE A . n 
A 1 88  PRO 88  95  95  PRO PRO A . n 
A 1 89  GLU 89  96  96  GLU GLU A . n 
A 1 90  LEU 90  97  97  LEU LEU A . n 
A 1 91  GLU 91  98  98  GLU GLU A . n 
A 1 92  GLU 92  99  99  GLU GLU A . n 
A 1 93  GLY 93  100 100 GLY GLY A . n 
A 1 94  ASP 94  101 101 ASP ASP A . n 
A 1 95  TYR 95  102 102 TYR TYR A . n 
A 1 96  TYR 96  103 103 TYR TYR A . n 
A 1 97  TRP 97  104 104 TRP TRP A . n 
A 1 98  HIS 98  105 105 HIS HIS A . n 
A 1 99  ASP 99  106 106 ASP ASP A . n 
A 1 100 LEU 100 107 107 LEU LEU A . n 
A 1 101 ILE 101 108 108 ILE ILE A . n 
A 1 102 GLY 102 109 109 GLY GLY A . n 
A 1 103 CYS 103 110 110 CYS CYS A . n 
A 1 104 THR 104 111 111 THR THR A . n 
A 1 105 VAL 105 112 112 VAL VAL A . n 
A 1 106 VAL 106 113 113 VAL VAL A . n 
A 1 107 ASN 107 114 114 ASN ASN A . n 
A 1 108 LEU 108 115 115 LEU LEU A . n 
A 1 109 GLU 109 116 116 GLU GLU A . n 
A 1 110 GLY 110 117 117 GLY GLY A . n 
A 1 111 TYR 111 118 118 TYR TYR A . n 
A 1 112 THR 112 119 119 THR THR A . n 
A 1 113 MSE 113 120 120 MSE MSE A . n 
A 1 114 GLY 114 121 121 GLY GLY A . n 
A 1 115 THR 115 122 122 THR THR A . n 
A 1 116 VAL 116 123 123 VAL VAL A . n 
A 1 117 THR 117 124 124 THR THR A . n 
A 1 118 GLU 118 125 125 GLU GLU A . n 
A 1 119 MSE 119 126 126 MSE MSE A . n 
A 1 120 MSE 120 127 127 MSE MSE A . n 
A 1 121 GLU 121 128 128 GLU GLU A . n 
A 1 122 THR 122 129 129 THR THR A . n 
A 1 123 GLY 123 130 130 GLY GLY A . n 
A 1 124 SER 124 131 131 SER SER A . n 
A 1 125 ASN 125 132 132 ASN ASN A . n 
A 1 126 ASP 126 133 133 ASP ASP A . n 
A 1 127 VAL 127 134 134 VAL VAL A . n 
A 1 128 LEU 128 135 135 LEU LEU A . n 
A 1 129 VAL 129 136 136 VAL VAL A . n 
A 1 130 VAL 130 137 137 VAL VAL A . n 
A 1 131 LYS 131 138 138 LYS LYS A . n 
A 1 132 ALA 132 139 139 ALA ALA A . n 
A 1 133 ASN 133 140 140 ASN ASN A . n 
A 1 134 THR 134 141 141 THR THR A . n 
A 1 135 LYS 135 142 142 LYS LYS A . n 
A 1 136 ASP 136 143 143 ASP ASP A . n 
A 1 137 ALA 137 144 144 ALA ALA A . n 
A 1 138 PHE 138 145 145 PHE PHE A . n 
A 1 139 GLY 139 146 146 GLY GLY A . n 
A 1 140 LYS 140 147 147 LYS LYS A . n 
A 1 141 GLN 141 148 148 GLN GLN A . n 
A 1 142 GLU 142 149 149 GLU GLU A . n 
A 1 143 ARG 143 150 150 ARG ARG A . n 
A 1 144 LEU 144 151 151 LEU LEU A . n 
A 1 145 ILE 145 152 152 ILE ILE A . n 
A 1 146 PRO 146 153 153 PRO PRO A . n 
A 1 147 PHE 147 154 154 PHE PHE A . n 
A 1 148 LEU 148 155 155 LEU LEU A . n 
A 1 149 TYR 149 156 156 TYR TYR A . n 
A 1 150 GLU 150 157 157 GLU GLU A . n 
A 1 151 GLN 151 158 158 GLN GLN A . n 
A 1 152 VAL 152 159 159 VAL VAL A . n 
A 1 153 VAL 153 160 160 VAL VAL A . n 
A 1 154 LYS 154 161 161 LYS LYS A . n 
A 1 155 ARG 155 162 162 ARG ARG A . n 
A 1 156 VAL 156 163 163 VAL VAL A . n 
A 1 157 ASP 157 164 164 ASP ASP A . n 
A 1 158 LEU 158 165 165 LEU LEU A . n 
A 1 159 THR 159 166 166 THR THR A . n 
A 1 160 THR 160 167 167 THR THR A . n 
A 1 161 LYS 161 168 168 LYS LYS A . n 
A 1 162 THR 162 169 169 THR THR A . n 
A 1 163 ILE 163 170 170 ILE ILE A . n 
A 1 164 GLU 164 171 171 GLU GLU A . n 
A 1 165 VAL 165 172 172 VAL VAL A . n 
A 1 166 ASP 166 173 173 ASP ASP A . n 
A 1 167 TRP 167 174 174 TRP TRP A . n 
A 1 168 ASP 168 175 175 ASP ASP A . n 
A 1 169 ALA 169 176 176 ALA ALA A . n 
A 1 170 GLY 170 177 177 GLY GLY A . n 
A 1 171 PHE 171 178 178 PHE PHE A . n 
A 1 172 LEU 172 179 179 LEU LEU A . n 
A 1 173 GLU 173 180 180 GLU GLU A . n 
A 1 174 HIS 174 181 181 HIS HIS A . n 
A 1 175 HIS 175 182 182 HIS HIS A . n 
A 1 176 HIS 176 183 183 HIS HIS A . n 
A 1 177 HIS 177 184 184 HIS HIS A . n 
# 
loop_
_pdbx_nonpoly_scheme.asym_id 
_pdbx_nonpoly_scheme.entity_id 
_pdbx_nonpoly_scheme.mon_id 
_pdbx_nonpoly_scheme.ndb_seq_num 
_pdbx_nonpoly_scheme.pdb_seq_num 
_pdbx_nonpoly_scheme.auth_seq_num 
_pdbx_nonpoly_scheme.pdb_mon_id 
_pdbx_nonpoly_scheme.auth_mon_id 
_pdbx_nonpoly_scheme.pdb_strand_id 
_pdbx_nonpoly_scheme.pdb_ins_code 
B 2 SO4 1 1   1 SO4 SO4 A . 
C 2 SO4 1 2   2 SO4 SO4 A . 
D 2 SO4 1 3   3 SO4 SO4 A . 
E 2 SO4 1 4   4 SO4 SO4 A . 
F 3 HOH 1 185 1 HOH WAT A . 
F 3 HOH 2 186 2 HOH WAT A . 
# 
loop_
_software.name 
_software.version 
_software.date 
_software.type 
_software.contact_author 
_software.contact_author_email 
_software.classification 
_software.location 
_software.language 
_software.citation_id 
_software.pdbx_ordinal 
REFMAC      .    ?                 program 'Murshudov, G.N.' ccp4@dl.ac.uk            refinement        
http://www.ccp4.ac.uk/main.html  Fortran_77 ? 1 
PDB_EXTRACT 3.00 'March. 27, 2007' package PDB               sw-help@rcsb.rutgers.edu 'data extraction' 
http://pdb.rutgers.edu/software/ C++        ? 2 
# 
_cell.entry_id           3H9N 
_cell.length_a           129.642 
_cell.length_b           129.642 
_cell.length_c           129.642 
_cell.angle_alpha        90.000 
_cell.angle_beta         90.000 
_cell.angle_gamma        90.000 
_cell.pdbx_unique_axis   ? 
_cell.Z_PDB              24 
_cell.length_a_esd       ? 
_cell.length_b_esd       ? 
_cell.length_c_esd       ? 
_cell.angle_alpha_esd    ? 
_cell.angle_beta_esd     ? 
_cell.angle_gamma_esd    ? 
# 
_symmetry.entry_id                         3H9N 
_symmetry.space_group_name_H-M             'I 21 3' 
_symmetry.Int_Tables_number                199 
_symmetry.pdbx_full_space_group_name_H-M   ? 
_symmetry.cell_setting                     ? 
_symmetry.space_group_name_Hall            ? 
# 
_exptl.crystals_number   1 
_exptl.entry_id          3H9N 
_exptl.method            'X-RAY DIFFRACTION' 
# 
_exptl_crystal.id                    1 
_exptl_crystal.density_Matthews      4.40 
_exptl_crystal.density_meas          ? 
_exptl_crystal.density_percent_sol   72.04 
_exptl_crystal.description           ? 
_exptl_crystal.F_000                 ? 
_exptl_crystal.preparation           ? 
# 
_exptl_crystal_grow.crystal_id      1 
_exptl_crystal_grow.method          'VAPOR DIFFUSION, HANGING DROP' 
_exptl_crystal_grow.pH              5.6 
_exptl_crystal_grow.temp            ? 
_exptl_crystal_grow.pdbx_details    
;0.4M Li2SO4, 0.1M Na3Citrate,   
0.2M NH42SO4, ph 5.6, VAPOR DIFFUSION, HANGING DROP
;
_exptl_crystal_grow.temp_details    ? 
_exptl_crystal_grow.pdbx_pH_range   ? 
# 
_diffrn.id                     1 
_diffrn.ambient_temp           100 
_diffrn.ambient_temp_details   ? 
_diffrn.crystal_id             1 
# 
_diffrn_detector.diffrn_id              1 
_diffrn_detector.detector               CCD 
_diffrn_detector.type                   'ADSC QUANTUM 4' 
_diffrn_detector.pdbx_collection_date   2009-04-02 
_diffrn_detector.details                mirror 
# 
_diffrn_radiation.diffrn_id                        1 
_diffrn_radiation.pdbx_diffrn_protocol             MAD 
_diffrn_radiation.monochromator                    'Si 111 CHANNEL' 
_diffrn_radiation.wavelength_id                    1 
_diffrn_radiation.pdbx_monochromatic_or_laue_m_l   M 
_diffrn_radiation.pdbx_scattering_type             x-ray 
# 
loop_
_diffrn_radiation_wavelength.id 
_diffrn_radiation_wavelength.wavelength 
_diffrn_radiation_wavelength.wt 
1 0.97901 1.0 
2 0.97927 1.0 
3 0.96790 1.0 
# 
_diffrn_source.diffrn_id                   1 
_diffrn_source.source                      SYNCHROTRON 
_diffrn_source.type                        'NSLS BEAMLINE X4A' 
_diffrn_source.pdbx_wavelength_list        '0.97901 0.97927 0.96790' 
_diffrn_source.pdbx_wavelength             ? 
_diffrn_source.pdbx_synchrotron_site       NSLS 
_diffrn_source.pdbx_synchrotron_beamline   X4A 
# 
_reflns.entry_id                     3H9N 
_reflns.observed_criterion_sigma_F   ? 
_reflns.observed_criterion_sigma_I   -3.0 
_reflns.d_resolution_high            2.7 
_reflns.d_resolution_low             50 
_reflns.number_all                   ? 
_reflns.number_obs                   19211 
_reflns.percent_possible_obs         99.8 
_reflns.pdbx_Rmerge_I_obs            0.091 
_reflns.pdbx_Rsym_value              ? 
_reflns.pdbx_netI_over_sigmaI        46.3 
_reflns.B_iso_Wilson_estimate        ? 
_reflns.pdbx_redundancy              34.6 
_reflns.R_free_details               ? 
_reflns.limit_h_max                  ? 
_reflns.limit_h_min                  ? 
_reflns.limit_k_max                  ? 
_reflns.limit_k_min                  ? 
_reflns.limit_l_max                  ? 
_reflns.limit_l_min                  ? 
_reflns.observed_criterion_F_max     ? 
_reflns.observed_criterion_F_min     ? 
_reflns.pdbx_chi_squared             ? 
_reflns.pdbx_scaling_rejects         ? 
_reflns.pdbx_diffrn_id               1 
_reflns.pdbx_ordinal                 1 
# 
_reflns_shell.d_res_high             2.7 
_reflns_shell.d_res_low              2.8 
_reflns_shell.percent_possible_obs   ? 
_reflns_shell.percent_possible_all   100 
_reflns_shell.Rmerge_I_obs           0.523 
_reflns_shell.meanI_over_sigI_obs    5.0 
_reflns_shell.pdbx_Rsym_value        ? 
_reflns_shell.pdbx_redundancy        ? 
_reflns_shell.number_unique_all      ? 
_reflns_shell.number_measured_all    ? 
_reflns_shell.number_measured_obs    ? 
_reflns_shell.number_unique_obs      ? 
_reflns_shell.pdbx_chi_squared       ? 
_reflns_shell.pdbx_diffrn_id         ? 
_reflns_shell.pdbx_ordinal           1 
# 
_refine.entry_id                                 3H9N 
_refine.ls_d_res_high                            2.700 
_refine.ls_d_res_low                             20.000 
_refine.pdbx_ls_sigma_F                          2 
_refine.ls_percent_reflns_obs                    89.800 
_refine.ls_number_reflns_obs                     17302 
_refine.ls_R_factor_R_work                       0.211 
_refine.ls_R_factor_R_free                       0.237 
_refine.ls_percent_reflns_R_free                 4.500 
_refine.ls_number_reflns_R_free                  872 
_refine.B_iso_mean                               59.099 
_refine.solvent_model_param_bsol                 30.952 
_refine.aniso_B[1][1]                            0.000 
_refine.aniso_B[2][2]                            0.000 
_refine.aniso_B[3][3]                            0.000 
_refine.aniso_B[1][2]                            0.000 
_refine.aniso_B[1][3]                            0.000 
_refine.aniso_B[2][3]                            0.000 
_refine.pdbx_ls_sigma_I                          ? 
_refine.ls_number_reflns_all                     ? 
_refine.ls_R_factor_all                          ? 
_refine.ls_R_factor_obs                          ? 
_refine.ls_redundancy_reflns_obs                 ? 
_refine.pdbx_data_cutoff_high_absF               ? 
_refine.pdbx_data_cutoff_low_absF                ? 
_refine.ls_number_parameters                     ? 
_refine.ls_number_restraints                     ? 
_refine.ls_R_factor_R_free_error                 ? 
_refine.ls_R_factor_R_free_error_details         ? 
_refine.pdbx_method_to_determine_struct          MAD 
_refine.pdbx_starting_model                      ? 
_refine.pdbx_ls_cross_valid_method               ? 
_refine.pdbx_R_Free_selection_details            ? 
_refine.pdbx_stereochem_target_val_spec_case     ? 
_refine.pdbx_stereochemistry_target_values       ? 
_refine.solvent_model_details                    ? 
_refine.solvent_model_param_ksol                 ? 
_refine.occupancy_max                            ? 
_refine.occupancy_min                            ? 
_refine.pdbx_isotropic_thermal_model             ? 
_refine.details                                  ? 
_refine.B_iso_min                                ? 
_refine.B_iso_max                                ? 
_refine.correlation_coeff_Fo_to_Fc               ? 
_refine.correlation_coeff_Fo_to_Fc_free          ? 
_refine.pdbx_solvent_vdw_probe_radii             ? 
_refine.pdbx_solvent_ion_probe_radii             ? 
_refine.pdbx_solvent_shrinkage_radii             ? 
_refine.overall_SU_R_Cruickshank_DPI             ? 
_refine.overall_SU_R_free                        ? 
_refine.overall_SU_ML                            ? 
_refine.overall_SU_B                             ? 
_refine.pdbx_overall_ESU_R_Free                  ? 
_refine.pdbx_data_cutoff_high_rms_absF           ? 
_refine.pdbx_overall_ESU_R                       ? 
_refine.ls_wR_factor_R_free                      ? 
_refine.ls_wR_factor_R_work                      ? 
_refine.overall_FOM_free_R_set                   ? 
_refine.overall_FOM_work_R_set                   ? 
_refine.pdbx_overall_phase_error                 ? 
_refine.pdbx_refine_id                           'X-RAY DIFFRACTION' 
_refine.pdbx_diffrn_id                           1 
_refine.pdbx_TLS_residual_ADP_flag               ? 
_refine.pdbx_overall_SU_R_free_Cruickshank_DPI   ? 
_refine.pdbx_overall_SU_R_Blow_DPI               ? 
_refine.pdbx_overall_SU_R_free_Blow_DPI          ? 
# 
_refine_hist.pdbx_refine_id                   'X-RAY DIFFRACTION' 
_refine_hist.cycle_id                         LAST 
_refine_hist.pdbx_number_atoms_protein        1448 
_refine_hist.pdbx_number_atoms_nucleic_acid   0 
_refine_hist.pdbx_number_atoms_ligand         20 
_refine_hist.number_atoms_solvent             2 
_refine_hist.number_atoms_total               1470 
_refine_hist.d_res_high                       2.700 
_refine_hist.d_res_low                        20.000 
# 
loop_
_refine_ls_restr.type 
_refine_ls_restr.number 
_refine_ls_restr.dev_ideal 
_refine_ls_restr.dev_ideal_target 
_refine_ls_restr.weight 
_refine_ls_restr.pdbx_refine_id 
_refine_ls_restr.pdbx_restraint_function 
c_bond_d     ? 0.007 ?     ? 'X-RAY DIFFRACTION' ? 
c_angle_d    ? 1.300 ?     ? 'X-RAY DIFFRACTION' ? 
c_mcbond_it  ? 1.420 1.500 ? 'X-RAY DIFFRACTION' ? 
c_scbond_it  ? 1.944 2.000 ? 'X-RAY DIFFRACTION' ? 
c_mcangle_it ? 2.490 2.000 ? 'X-RAY DIFFRACTION' ? 
c_scangle_it ? 2.993 2.500 ? 'X-RAY DIFFRACTION' ? 
# 
loop_
_pdbx_xplor_file.serial_no 
_pdbx_xplor_file.param_file 
_pdbx_xplor_file.topol_file 
_pdbx_xplor_file.pdbx_refine_id 
1 CNS_TOPPAR:protein_rep.param CNS_TOPPAR:protein.top 'X-RAY DIFFRACTION' 
2 CNS_TOPPAR:dna-rna_rep.param CNS_TOPPAR:dna-rna.top 'X-RAY DIFFRACTION' 
3 CNS_TOPPAR:water_rep.param   CNS_TOPPAR:water.top   'X-RAY DIFFRACTION' 
4 CNS_TOPPAR:ion.param         CNS_TOPPAR:ion.top     'X-RAY DIFFRACTION' 
# 
_struct.entry_id                  3H9N 
_struct.title                     
;Crystal structure of the ribosome maturation factor rimm (hi0203) from h.influenzae. northeast structural genomics consortium target IR66.
;
_struct.pdbx_model_details        ? 
_struct.pdbx_CASP_flag            N 
_struct.pdbx_model_type_details   ? 
# 
_struct_keywords.entry_id        3H9N 
_struct_keywords.text            
;Structural Genomics, PSI-2, Protein Structure Initiative, Northeast Structural Genomics Consortium, NESG, IR66, rimM, Chaperone, Cytoplasm, Ribosome biogenesis, RIBOSOMAL PROTEIN
;
_struct_keywords.pdbx_keywords   'RIBOSOMAL PROTEIN' 
# 
loop_
_struct_asym.id 
_struct_asym.pdbx_blank_PDB_chainid_flag 
_struct_asym.pdbx_modified 
_struct_asym.entity_id 
_struct_asym.details 
A N N 1 ? 
B N N 2 ? 
C N N 2 ? 
D N N 2 ? 
E N N 2 ? 
F N N 3 ? 
# 
_struct_ref.id                         1 
_struct_ref.db_name                    UNP 
_struct_ref.db_code                    RIMM_HAEIN 
_struct_ref.pdbx_db_accession          P44568 
_struct_ref.entity_id                  1 
_struct_ref.pdbx_seq_one_letter_code   
;HIEVVGKLGSTYGIRGWLRIYSSTEQAESIFDYQPWFLKIKGEWQSIELENWRYHNHEIIVKLKGVDDREAAQILANVEI
GVDLSVFPELEEGDYYWHDLIGCTVVNLEGYTMGTVTEMMETGSNDVLVVKANTKDAFGKQERLIPFLYEQVVKRVDLTT
KTIEVDWDAGF
;
_struct_ref.pdbx_align_begin           8 
_struct_ref.pdbx_db_isoform            ? 
# 
_struct_ref_seq.align_id                      1 
_struct_ref_seq.ref_id                        1 
_struct_ref_seq.pdbx_PDB_id_code              3H9N 
_struct_ref_seq.pdbx_strand_id                A 
_struct_ref_seq.seq_align_beg                 1 
_struct_ref_seq.pdbx_seq_align_beg_ins_code   ? 
_struct_ref_seq.seq_align_end                 171 
_struct_ref_seq.pdbx_seq_align_end_ins_code   ? 
_struct_ref_seq.pdbx_db_accession             P44568 
_struct_ref_seq.db_align_beg                  8 
_struct_ref_seq.pdbx_db_align_beg_ins_code    ? 
_struct_ref_seq.db_align_end                  178 
_struct_ref_seq.pdbx_db_align_end_ins_code    ? 
_struct_ref_seq.pdbx_auth_seq_align_beg       8 
_struct_ref_seq.pdbx_auth_seq_align_end       178 
# 
loop_
_struct_ref_seq_dif.align_id 
_struct_ref_seq_dif.pdbx_pdb_id_code 
_struct_ref_seq_dif.mon_id 
_struct_ref_seq_dif.pdbx_pdb_strand_id 
_struct_ref_seq_dif.seq_num 
_struct_ref_seq_dif.pdbx_pdb_ins_code 
_struct_ref_seq_dif.pdbx_seq_db_name 
_struct_ref_seq_dif.pdbx_seq_db_accession_code 
_struct_ref_seq_dif.db_mon_id 
_struct_ref_seq_dif.pdbx_seq_db_seq_num 
_struct_ref_seq_dif.details 
_struct_ref_seq_dif.pdbx_auth_seq_num 
_struct_ref_seq_dif.pdbx_ordinal 
1 3H9N LEU A 172 ? UNP P44568 ? ? 'expression tag' 179 1 
1 3H9N GLU A 173 ? UNP P44568 ? ? 'expression tag' 180 2 
1 3H9N HIS A 174 ? UNP P44568 ? ? 'expression tag' 181 3 
1 3H9N HIS A 175 ? UNP P44568 ? ? 'expression tag' 182 4 
1 3H9N HIS A 176 ? UNP P44568 ? ? 'expression tag' 183 5 
1 3H9N HIS A 177 ? UNP P44568 ? ? 'expression tag' 184 6 
# 
loop_
_pdbx_struct_assembly.id 
_pdbx_struct_assembly.details 
_pdbx_struct_assembly.method_details 
_pdbx_struct_assembly.oligomeric_details 
_pdbx_struct_assembly.oligomeric_count 
1 author_defined_assembly   ?    monomeric 1 
2 software_defined_assembly PISA trimeric  3 
# 
loop_
_pdbx_struct_assembly_prop.biol_id 
_pdbx_struct_assembly_prop.type 
_pdbx_struct_assembly_prop.value 
_pdbx_struct_assembly_prop.details 
2 'ABSA (A^2)' 12510 ? 
2 MORE         -176  ? 
2 'SSA (A^2)'  23880 ? 
# 
loop_
_pdbx_struct_assembly_gen.assembly_id 
_pdbx_struct_assembly_gen.oper_expression 
_pdbx_struct_assembly_gen.asym_id_list 
1 1     A,B,C,D,E,F 
2 1,2,3 A,B,C,D,E,F 
# 
loop_
_pdbx_struct_oper_list.id 
_pdbx_struct_oper_list.type 
_pdbx_struct_oper_list.name 
_pdbx_struct_oper_list.symmetry_operation 
_pdbx_struct_oper_list.matrix[1][1] 
_pdbx_struct_oper_list.matrix[1][2] 
_pdbx_struct_oper_list.matrix[1][3] 
_pdbx_struct_oper_list.vector[1] 
_pdbx_struct_oper_list.matrix[2][1] 
_pdbx_struct_oper_list.matrix[2][2] 
_pdbx_struct_oper_list.matrix[2][3] 
_pdbx_struct_oper_list.vector[2] 
_pdbx_struct_oper_list.matrix[3][1] 
_pdbx_struct_oper_list.matrix[3][2] 
_pdbx_struct_oper_list.matrix[3][3] 
_pdbx_struct_oper_list.vector[3] 
1 'identity operation'         1_555  x,y,z           1.0000000000 0.0000000000  0.0000000000  0.0000000000 0.0000000000  1.0000000000  0.0000000000  0.0000000000 0.0000000000  0.0000000000  1.0000000000  0.0000000000  
2 'crystal symmetry operation' 6_555  z+1/2,-x+1/2,-y 0.7807082853 -0.6064033666 0.1508957593  2.3920963726 -0.4014830180 -0.3017044600 0.8647460929  4.7166105829 -0.4788590184 -0.7356965243 -0.4790038254 4.1875047328  
3 'crystal symmetry operation' 12_554 -y+1/2,-z,x-1/2 0.7807082853 -0.4014830180 -0.4788590184 2.0313339999 -0.6064033666 -0.3017044600 -0.7356965243 5.9543304196 0.1508957593  0.8647460929  -0.4790038254 -2.4337969859 
# 
_struct_biol.id        1 
_struct_biol.details   ? 
# 
loop_
_struct_conf.conf_type_id 
_struct_conf.id 
_struct_conf.pdbx_PDB_helix_id 
_struct_conf.beg_label_comp_id 
_struct_conf.beg_label_asym_id 
_struct_conf.beg_label_seq_id 
_struct_conf.pdbx_beg_PDB_ins_code 
_struct_conf.end_label_comp_id 
_struct_conf.end_label_asym_id 
_struct_conf.end_label_seq_id 
_struct_conf.pdbx_end_PDB_ins_code 
_struct_conf.beg_auth_comp_id 
_struct_conf.beg_auth_asym_id 
_struct_conf.beg_auth_seq_id 
_struct_conf.end_auth_comp_id 
_struct_conf.end_auth_asym_id 
_struct_conf.end_auth_seq_id 
_struct_conf.pdbx_PDB_helix_class 
_struct_conf.details 
_struct_conf.pdbx_PDB_helix_length 
HELX_P HELX_P1 1 ALA A 27  ? TYR A 33  ? ALA A 34  TYR A 40  5 ? 7 
HELX_P HELX_P2 2 ASP A 68  ? ILE A 74  ? ASP A 75  ILE A 81  1 ? 7 
HELX_P HELX_P3 3 ASP A 94  ? LEU A 100 ? ASP A 101 LEU A 107 5 ? 7 
HELX_P HELX_P4 4 LEU A 158 ? THR A 160 ? LEU A 165 THR A 167 5 ? 3 
# 
_struct_conf_type.id          HELX_P 
_struct_conf_type.criteria    ? 
_struct_conf_type.reference   ? 
# 
loop_
_struct_conn.id 
_struct_conn.conn_type_id 
_struct_conn.pdbx_leaving_atom_flag 
_struct_conn.pdbx_PDB_id 
_struct_conn.ptnr1_label_asym_id 
_struct_conn.ptnr1_label_comp_id 
_struct_conn.ptnr1_label_seq_id 
_struct_conn.ptnr1_label_atom_id 
_struct_conn.pdbx_ptnr1_label_alt_id 
_struct_conn.pdbx_ptnr1_PDB_ins_code 
_struct_conn.pdbx_ptnr1_standard_comp_id 
_struct_conn.ptnr1_symmetry 
_struct_conn.ptnr2_label_asym_id 
_struct_conn.ptnr2_label_comp_id 
_struct_conn.ptnr2_label_seq_id 
_struct_conn.ptnr2_label_atom_id 
_struct_conn.pdbx_ptnr2_label_alt_id 
_struct_conn.pdbx_ptnr2_PDB_ins_code 
_struct_conn.ptnr1_auth_asym_id 
_struct_conn.ptnr1_auth_comp_id 
_struct_conn.ptnr1_auth_seq_id 
_struct_conn.ptnr2_auth_asym_id 
_struct_conn.ptnr2_auth_comp_id 
_struct_conn.ptnr2_auth_seq_id 
_struct_conn.ptnr2_symmetry 
_struct_conn.pdbx_ptnr3_label_atom_id 
_struct_conn.pdbx_ptnr3_label_seq_id 
_struct_conn.pdbx_ptnr3_label_comp_id 
_struct_conn.pdbx_ptnr3_label_asym_id 
_struct_conn.pdbx_ptnr3_label_alt_id 
_struct_conn.pdbx_ptnr3_PDB_ins_code 
_struct_conn.details 
_struct_conn.pdbx_dist_value 
_struct_conn.pdbx_value_order 
_struct_conn.pdbx_role 
covale1 covale both ? A THR 112 C ? ? ? 1_555 A MSE 113 N ? ? A THR 119 A MSE 120 1_555 ? ? ? ? ? ? ? 1.325 ? ? 
covale2 covale both ? A MSE 113 C ? ? ? 1_555 A GLY 114 N ? ? A MSE 120 A GLY 121 1_555 ? ? ? ? ? ? ? 1.329 ? ? 
covale3 covale both ? A GLU 118 C ? ? ? 1_555 A MSE 119 N ? ? A GLU 125 A MSE 126 1_555 ? ? ? ? ? ? ? 1.328 ? ? 
covale4 covale both ? A MSE 119 C ? ? ? 1_555 A MSE 120 N ? ? A MSE 126 A MSE 127 1_555 ? ? ? ? ? ? ? 1.321 ? ? 
covale5 covale both ? A MSE 120 C ? ? ? 1_555 A GLU 121 N ? ? A MSE 127 A GLU 128 1_555 ? ? ? ? ? ? ? 1.326 ? ? 
# 
_struct_conn_type.id          covale 
_struct_conn_type.criteria    ? 
_struct_conn_type.reference   ? 
# 
loop_
_pdbx_modification_feature.ordinal 
_pdbx_modification_feature.label_comp_id 
_pdbx_modification_feature.label_asym_id 
_pdbx_modification_feature.label_seq_id 
_pdbx_modification_feature.label_alt_id 
_pdbx_modification_feature.modified_residue_label_comp_id 
_pdbx_modification_feature.modified_residue_label_asym_id 
_pdbx_modification_feature.modified_residue_label_seq_id 
_pdbx_modification_feature.modified_residue_label_alt_id 
_pdbx_modification_feature.auth_comp_id 
_pdbx_modification_feature.auth_asym_id 
_pdbx_modification_feature.auth_seq_id 
_pdbx_modification_feature.PDB_ins_code 
_pdbx_modification_feature.symmetry 
_pdbx_modification_feature.modified_residue_auth_comp_id 
_pdbx_modification_feature.modified_residue_auth_asym_id 
_pdbx_modification_feature.modified_residue_auth_seq_id 
_pdbx_modification_feature.modified_residue_PDB_ins_code 
_pdbx_modification_feature.modified_residue_symmetry 
_pdbx_modification_feature.comp_id_linking_atom 
_pdbx_modification_feature.modified_residue_id_linking_atom 
_pdbx_modification_feature.modified_residue_id 
_pdbx_modification_feature.ref_pcm_id 
_pdbx_modification_feature.ref_comp_id 
_pdbx_modification_feature.type 
_pdbx_modification_feature.category 
1 MSE A 113 ? . . . . MSE A 120 ? 1_555 . . . . . . . MET 1 MSE Selenomethionine 'Named protein modification' 
2 MSE A 119 ? . . . . MSE A 126 ? 1_555 . . . . . . . MET 1 MSE Selenomethionine 'Named protein modification' 
3 MSE A 120 ? . . . . MSE A 127 ? 1_555 . . . . . . . MET 1 MSE Selenomethionine 'Named protein modification' 
# 
_struct_mon_prot_cis.pdbx_id                1 
_struct_mon_prot_cis.label_comp_id          GLN 
_struct_mon_prot_cis.label_seq_id           34 
_struct_mon_prot_cis.label_asym_id          A 
_struct_mon_prot_cis.label_alt_id           . 
_struct_mon_prot_cis.pdbx_PDB_ins_code      ? 
_struct_mon_prot_cis.auth_comp_id           GLN 
_struct_mon_prot_cis.auth_seq_id            41 
_struct_mon_prot_cis.auth_asym_id           A 
_struct_mon_prot_cis.pdbx_label_comp_id_2   PRO 
_struct_mon_prot_cis.pdbx_label_seq_id_2    35 
_struct_mon_prot_cis.pdbx_label_asym_id_2   A 
_struct_mon_prot_cis.pdbx_PDB_ins_code_2    ? 
_struct_mon_prot_cis.pdbx_auth_comp_id_2    PRO 
_struct_mon_prot_cis.pdbx_auth_seq_id_2     42 
_struct_mon_prot_cis.pdbx_auth_asym_id_2    A 
_struct_mon_prot_cis.pdbx_PDB_model_num     1 
_struct_mon_prot_cis.pdbx_omega_angle       -0.25 
# 
loop_
_struct_sheet.id 
_struct_sheet.type 
_struct_sheet.number_strands 
_struct_sheet.details 
A ? 7 ? 
B ? 6 ? 
# 
loop_
_struct_sheet_order.sheet_id 
_struct_sheet_order.range_id_1 
_struct_sheet_order.range_id_2 
_struct_sheet_order.offset 
_struct_sheet_order.sense 
A 1 2 ? anti-parallel 
A 2 3 ? anti-parallel 
A 3 4 ? anti-parallel 
A 4 5 ? anti-parallel 
A 5 6 ? anti-parallel 
A 6 7 ? anti-parallel 
B 1 2 ? anti-parallel 
B 2 3 ? anti-parallel 
B 3 4 ? anti-parallel 
B 4 5 ? parallel      
B 5 6 ? anti-parallel 
# 
loop_
_struct_sheet_range.sheet_id 
_struct_sheet_range.id 
_struct_sheet_range.beg_label_comp_id 
_struct_sheet_range.beg_label_asym_id 
_struct_sheet_range.beg_label_seq_id 
_struct_sheet_range.pdbx_beg_PDB_ins_code 
_struct_sheet_range.end_label_comp_id 
_struct_sheet_range.end_label_asym_id 
_struct_sheet_range.end_label_seq_id 
_struct_sheet_range.pdbx_end_PDB_ins_code 
_struct_sheet_range.beg_auth_comp_id 
_struct_sheet_range.beg_auth_asym_id 
_struct_sheet_range.beg_auth_seq_id 
_struct_sheet_range.end_auth_comp_id 
_struct_sheet_range.end_auth_asym_id 
_struct_sheet_range.end_auth_seq_id 
A 1 GLU A 43  ? ILE A 47  ? GLU A 50  ILE A 54  
A 2 TRP A 36  ? ILE A 40  ? TRP A 43  ILE A 47  
A 3 GLU A 79  ? ASP A 83  ? GLU A 86  ASP A 90  
A 4 ILE A 2   ? THR A 11  ? ILE A 9   THR A 18  
A 5 LEU A 18  ? SER A 22  ? LEU A 25  SER A 29  
A 6 ILE A 59  ? LEU A 63  ? ILE A 66  LEU A 70  
A 7 LEU A 49  ? TYR A 54  ? LEU A 56  TYR A 61  
B 1 GLU A 142 ? PRO A 146 ? GLU A 149 PRO A 153 
B 2 ASP A 126 ? LYS A 131 ? ASP A 133 LYS A 138 
B 3 THR A 112 ? GLU A 121 ? THR A 119 GLU A 128 
B 4 THR A 104 ? ASN A 107 ? THR A 111 ASN A 114 
B 5 THR A 162 ? VAL A 165 ? THR A 169 VAL A 172 
B 6 VAL A 153 ? ASP A 157 ? VAL A 160 ASP A 164 
# 
loop_
_pdbx_struct_sheet_hbond.sheet_id 
_pdbx_struct_sheet_hbond.range_id_1 
_pdbx_struct_sheet_hbond.range_id_2 
_pdbx_struct_sheet_hbond.range_1_label_atom_id 
_pdbx_struct_sheet_hbond.range_1_label_comp_id 
_pdbx_struct_sheet_hbond.range_1_label_asym_id 
_pdbx_struct_sheet_hbond.range_1_label_seq_id 
_pdbx_struct_sheet_hbond.range_1_PDB_ins_code 
_pdbx_struct_sheet_hbond.range_1_auth_atom_id 
_pdbx_struct_sheet_hbond.range_1_auth_comp_id 
_pdbx_struct_sheet_hbond.range_1_auth_asym_id 
_pdbx_struct_sheet_hbond.range_1_auth_seq_id 
_pdbx_struct_sheet_hbond.range_2_label_atom_id 
_pdbx_struct_sheet_hbond.range_2_label_comp_id 
_pdbx_struct_sheet_hbond.range_2_label_asym_id 
_pdbx_struct_sheet_hbond.range_2_label_seq_id 
_pdbx_struct_sheet_hbond.range_2_PDB_ins_code 
_pdbx_struct_sheet_hbond.range_2_auth_atom_id 
_pdbx_struct_sheet_hbond.range_2_auth_comp_id 
_pdbx_struct_sheet_hbond.range_2_auth_asym_id 
_pdbx_struct_sheet_hbond.range_2_auth_seq_id 
A 1 2 O GLN A 45  ? O GLN A 52  N LEU A 38  ? N LEU A 45  
A 2 3 N PHE A 37  ? N PHE A 44  O GLY A 81  ? O GLY A 88  
A 3 4 O ILE A 80  ? O ILE A 87  N VAL A 5   ? N VAL A 12  
A 4 5 N SER A 10  ? N SER A 17  O ARG A 19  ? O ARG A 26  
A 5 6 N LEU A 18  ? N LEU A 25  O VAL A 61  ? O VAL A 68  
A 6 7 O LYS A 62  ? O LYS A 69  N GLU A 50  ? N GLU A 57  
B 1 2 O ILE A 145 ? O ILE A 152 N LEU A 128 ? N LEU A 135 
B 2 3 O VAL A 129 ? O VAL A 136 N GLU A 118 ? N GLU A 125 
B 3 4 O MSE A 113 ? O MSE A 120 N VAL A 105 ? N VAL A 112 
B 4 5 N THR A 104 ? N THR A 111 O ILE A 163 ? O ILE A 170 
B 5 6 O THR A 162 ? O THR A 169 N ASP A 157 ? N ASP A 164 
# 
loop_
_struct_site.id 
_struct_site.pdbx_evidence_code 
_struct_site.pdbx_auth_asym_id 
_struct_site.pdbx_auth_comp_id 
_struct_site.pdbx_auth_seq_id 
_struct_site.pdbx_auth_ins_code 
_struct_site.pdbx_num_residues 
_struct_site.details 
AC1 Software A SO4 1 ? 3 'BINDING SITE FOR RESIDUE SO4 A 1' 
AC2 Software A SO4 2 ? 3 'BINDING SITE FOR RESIDUE SO4 A 2' 
AC3 Software A SO4 3 ? 4 'BINDING SITE FOR RESIDUE SO4 A 3' 
AC4 Software A SO4 4 ? 4 'BINDING SITE FOR RESIDUE SO4 A 4' 
# 
loop_
_struct_site_gen.id 
_struct_site_gen.site_id 
_struct_site_gen.pdbx_num_res 
_struct_site_gen.label_comp_id 
_struct_site_gen.label_asym_id 
_struct_site_gen.label_seq_id 
_struct_site_gen.pdbx_auth_ins_code 
_struct_site_gen.auth_comp_id 
_struct_site_gen.auth_asym_id 
_struct_site_gen.auth_seq_id 
_struct_site_gen.label_atom_id 
_struct_site_gen.label_alt_id 
_struct_site_gen.symmetry 
_struct_site_gen.details 
1  AC1 3 LYS A 140 ? LYS A 147 . ? 1_555 ? 
2  AC1 3 GLY A 170 ? GLY A 177 . ? 1_555 ? 
3  AC1 3 PHE A 171 ? PHE A 178 . ? 1_555 ? 
4  AC2 3 TYR A 12  ? TYR A 19  . ? 1_555 ? 
5  AC2 3 ARG A 53  ? ARG A 60  . ? 1_555 ? 
6  AC2 3 HIS A 55  ? HIS A 62  . ? 1_555 ? 
7  AC3 4 LYS A 140 ? LYS A 147 . ? 1_555 ? 
8  AC3 4 ARG A 143 ? ARG A 150 . ? 1_555 ? 
9  AC3 4 LEU A 144 ? LEU A 151 . ? 1_555 ? 
10 AC3 4 TRP A 167 ? TRP A 174 . ? 1_555 ? 
11 AC4 4 GLY A 139 ? GLY A 146 . ? 1_555 ? 
12 AC4 4 LYS A 140 ? LYS A 147 . ? 1_555 ? 
13 AC4 4 GLN A 141 ? GLN A 148 . ? 1_555 ? 
14 AC4 4 GLU A 142 ? GLU A 149 . ? 1_555 ? 
# 
_pdbx_entry_details.entry_id                   3H9N 
_pdbx_entry_details.compound_details           ? 
_pdbx_entry_details.source_details             ? 
_pdbx_entry_details.nonpolymer_details         ? 
_pdbx_entry_details.sequence_details           ? 
_pdbx_entry_details.has_ligand_of_interest     ? 
_pdbx_entry_details.has_protein_modification   Y 
# 
loop_
_pdbx_validate_torsion.id 
_pdbx_validate_torsion.PDB_model_num 
_pdbx_validate_torsion.auth_comp_id 
_pdbx_validate_torsion.auth_asym_id 
_pdbx_validate_torsion.auth_seq_id 
_pdbx_validate_torsion.PDB_ins_code 
_pdbx_validate_torsion.label_alt_id 
_pdbx_validate_torsion.phi 
_pdbx_validate_torsion.psi 
1  1 GLU A 32  ? ? -30.05  -37.69 
2  1 ALA A 34  ? ? 170.63  -83.52 
3  1 ASN A 63  ? ? 62.60   75.96  
4  1 LYS A 142 ? ? 49.98   71.10  
5  1 ALA A 144 ? ? -36.66  -34.84 
6  1 GLU A 157 ? ? 90.03   -59.53 
7  1 VAL A 159 ? ? -122.16 -61.04 
8  1 LYS A 168 ? ? 36.30   59.13  
9  1 ASP A 173 ? ? -105.08 77.27  
10 1 HIS A 183 ? ? 19.74   -93.57 
# 
_pdbx_SG_project.id                    1 
_pdbx_SG_project.project_name          'PSI, Protein Structure Initiative' 
_pdbx_SG_project.full_name_of_center   'Northeast Structural Genomics Consortium' 
_pdbx_SG_project.initial_of_center     NESG 
# 
loop_
_pdbx_struct_mod_residue.id 
_pdbx_struct_mod_residue.label_asym_id 
_pdbx_struct_mod_residue.label_comp_id 
_pdbx_struct_mod_residue.label_seq_id 
_pdbx_struct_mod_residue.auth_asym_id 
_pdbx_struct_mod_residue.auth_comp_id 
_pdbx_struct_mod_residue.auth_seq_id 
_pdbx_struct_mod_residue.PDB_ins_code 
_pdbx_struct_mod_residue.parent_comp_id 
_pdbx_struct_mod_residue.details 
1 A MSE 113 A MSE 120 ? MET SELENOMETHIONINE 
2 A MSE 119 A MSE 126 ? MET SELENOMETHIONINE 
3 A MSE 120 A MSE 127 ? MET SELENOMETHIONINE 
# 
loop_
_chem_comp_atom.comp_id 
_chem_comp_atom.atom_id 
_chem_comp_atom.type_symbol 
_chem_comp_atom.pdbx_aromatic_flag 
_chem_comp_atom.pdbx_stereo_config 
_chem_comp_atom.pdbx_ordinal 
ALA N    N  N N 1   
ALA CA   C  N S 2   
ALA C    C  N N 3   
ALA O    O  N N 4   
ALA CB   C  N N 5   
ALA OXT  O  N N 6   
ALA H    H  N N 7   
ALA H2   H  N N 8   
ALA HA   H  N N 9   
ALA HB1  H  N N 10  
ALA HB2  H  N N 11  
ALA HB3  H  N N 12  
ALA HXT  H  N N 13  
ARG N    N  N N 14  
ARG CA   C  N S 15  
ARG C    C  N N 16  
ARG O    O  N N 17  
ARG CB   C  N N 18  
ARG CG   C  N N 19  
ARG CD   C  N N 20  
ARG NE   N  N N 21  
ARG CZ   C  N N 22  
ARG NH1  N  N N 23  
ARG NH2  N  N N 24  
ARG OXT  O  N N 25  
ARG H    H  N N 26  
ARG H2   H  N N 27  
ARG HA   H  N N 28  
ARG HB2  H  N N 29  
ARG HB3  H  N N 30  
ARG HG2  H  N N 31  
ARG HG3  H  N N 32  
ARG HD2  H  N N 33  
ARG HD3  H  N N 34  
ARG HE   H  N N 35  
ARG HH11 H  N N 36  
ARG HH12 H  N N 37  
ARG HH21 H  N N 38  
ARG HH22 H  N N 39  
ARG HXT  H  N N 40  
ASN N    N  N N 41  
ASN CA   C  N S 42  
ASN C    C  N N 43  
ASN O    O  N N 44  
ASN CB   C  N N 45  
ASN CG   C  N N 46  
ASN OD1  O  N N 47  
ASN ND2  N  N N 48  
ASN OXT  O  N N 49  
ASN H    H  N N 50  
ASN H2   H  N N 51  
ASN HA   H  N N 52  
ASN HB2  H  N N 53  
ASN HB3  H  N N 54  
ASN HD21 H  N N 55  
ASN HD22 H  N N 56  
ASN HXT  H  N N 57  
ASP N    N  N N 58  
ASP CA   C  N S 59  
ASP C    C  N N 60  
ASP O    O  N N 61  
ASP CB   C  N N 62  
ASP CG   C  N N 63  
ASP OD1  O  N N 64  
ASP OD2  O  N N 65  
ASP OXT  O  N N 66  
ASP H    H  N N 67  
ASP H2   H  N N 68  
ASP HA   H  N N 69  
ASP HB2  H  N N 70  
ASP HB3  H  N N 71  
ASP HD2  H  N N 72  
ASP HXT  H  N N 73  
CYS N    N  N N 74  
CYS CA   C  N R 75  
CYS C    C  N N 76  
CYS O    O  N N 77  
CYS CB   C  N N 78  
CYS SG   S  N N 79  
CYS OXT  O  N N 80  
CYS H    H  N N 81  
CYS H2   H  N N 82  
CYS HA   H  N N 83  
CYS HB2  H  N N 84  
CYS HB3  H  N N 85  
CYS HG   H  N N 86  
CYS HXT  H  N N 87  
GLN N    N  N N 88  
GLN CA   C  N S 89  
GLN C    C  N N 90  
GLN O    O  N N 91  
GLN CB   C  N N 92  
GLN CG   C  N N 93  
GLN CD   C  N N 94  
GLN OE1  O  N N 95  
GLN NE2  N  N N 96  
GLN OXT  O  N N 97  
GLN H    H  N N 98  
GLN H2   H  N N 99  
GLN HA   H  N N 100 
GLN HB2  H  N N 101 
GLN HB3  H  N N 102 
GLN HG2  H  N N 103 
GLN HG3  H  N N 104 
GLN HE21 H  N N 105 
GLN HE22 H  N N 106 
GLN HXT  H  N N 107 
GLU N    N  N N 108 
GLU CA   C  N S 109 
GLU C    C  N N 110 
GLU O    O  N N 111 
GLU CB   C  N N 112 
GLU CG   C  N N 113 
GLU CD   C  N N 114 
GLU OE1  O  N N 115 
GLU OE2  O  N N 116 
GLU OXT  O  N N 117 
GLU H    H  N N 118 
GLU H2   H  N N 119 
GLU HA   H  N N 120 
GLU HB2  H  N N 121 
GLU HB3  H  N N 122 
GLU HG2  H  N N 123 
GLU HG3  H  N N 124 
GLU HE2  H  N N 125 
GLU HXT  H  N N 126 
GLY N    N  N N 127 
GLY CA   C  N N 128 
GLY C    C  N N 129 
GLY O    O  N N 130 
GLY OXT  O  N N 131 
GLY H    H  N N 132 
GLY H2   H  N N 133 
GLY HA2  H  N N 134 
GLY HA3  H  N N 135 
GLY HXT  H  N N 136 
HIS N    N  N N 137 
HIS CA   C  N S 138 
HIS C    C  N N 139 
HIS O    O  N N 140 
HIS CB   C  N N 141 
HIS CG   C  Y N 142 
HIS ND1  N  Y N 143 
HIS CD2  C  Y N 144 
HIS CE1  C  Y N 145 
HIS NE2  N  Y N 146 
HIS OXT  O  N N 147 
HIS H    H  N N 148 
HIS H2   H  N N 149 
HIS HA   H  N N 150 
HIS HB2  H  N N 151 
HIS HB3  H  N N 152 
HIS HD1  H  N N 153 
HIS HD2  H  N N 154 
HIS HE1  H  N N 155 
HIS HE2  H  N N 156 
HIS HXT  H  N N 157 
HOH O    O  N N 158 
HOH H1   H  N N 159 
HOH H2   H  N N 160 
ILE N    N  N N 161 
ILE CA   C  N S 162 
ILE C    C  N N 163 
ILE O    O  N N 164 
ILE CB   C  N S 165 
ILE CG1  C  N N 166 
ILE CG2  C  N N 167 
ILE CD1  C  N N 168 
ILE OXT  O  N N 169 
ILE H    H  N N 170 
ILE H2   H  N N 171 
ILE HA   H  N N 172 
ILE HB   H  N N 173 
ILE HG12 H  N N 174 
ILE HG13 H  N N 175 
ILE HG21 H  N N 176 
ILE HG22 H  N N 177 
ILE HG23 H  N N 178 
ILE HD11 H  N N 179 
ILE HD12 H  N N 180 
ILE HD13 H  N N 181 
ILE HXT  H  N N 182 
LEU N    N  N N 183 
LEU CA   C  N S 184 
LEU C    C  N N 185 
LEU O    O  N N 186 
LEU CB   C  N N 187 
LEU CG   C  N N 188 
LEU CD1  C  N N 189 
LEU CD2  C  N N 190 
LEU OXT  O  N N 191 
LEU H    H  N N 192 
LEU H2   H  N N 193 
LEU HA   H  N N 194 
LEU HB2  H  N N 195 
LEU HB3  H  N N 196 
LEU HG   H  N N 197 
LEU HD11 H  N N 198 
LEU HD12 H  N N 199 
LEU HD13 H  N N 200 
LEU HD21 H  N N 201 
LEU HD22 H  N N 202 
LEU HD23 H  N N 203 
LEU HXT  H  N N 204 
LYS N    N  N N 205 
LYS CA   C  N S 206 
LYS C    C  N N 207 
LYS O    O  N N 208 
LYS CB   C  N N 209 
LYS CG   C  N N 210 
LYS CD   C  N N 211 
LYS CE   C  N N 212 
LYS NZ   N  N N 213 
LYS OXT  O  N N 214 
LYS H    H  N N 215 
LYS H2   H  N N 216 
LYS HA   H  N N 217 
LYS HB2  H  N N 218 
LYS HB3  H  N N 219 
LYS HG2  H  N N 220 
LYS HG3  H  N N 221 
LYS HD2  H  N N 222 
LYS HD3  H  N N 223 
LYS HE2  H  N N 224 
LYS HE3  H  N N 225 
LYS HZ1  H  N N 226 
LYS HZ2  H  N N 227 
LYS HZ3  H  N N 228 
LYS HXT  H  N N 229 
MSE N    N  N N 230 
MSE CA   C  N S 231 
MSE C    C  N N 232 
MSE O    O  N N 233 
MSE OXT  O  N N 234 
MSE CB   C  N N 235 
MSE CG   C  N N 236 
MSE SE   SE N N 237 
MSE CE   C  N N 238 
MSE H    H  N N 239 
MSE H2   H  N N 240 
MSE HA   H  N N 241 
MSE HXT  H  N N 242 
MSE HB2  H  N N 243 
MSE HB3  H  N N 244 
MSE HG2  H  N N 245 
MSE HG3  H  N N 246 
MSE HE1  H  N N 247 
MSE HE2  H  N N 248 
MSE HE3  H  N N 249 
PHE N    N  N N 250 
PHE CA   C  N S 251 
PHE C    C  N N 252 
PHE O    O  N N 253 
PHE CB   C  N N 254 
PHE CG   C  Y N 255 
PHE CD1  C  Y N 256 
PHE CD2  C  Y N 257 
PHE CE1  C  Y N 258 
PHE CE2  C  Y N 259 
PHE CZ   C  Y N 260 
PHE OXT  O  N N 261 
PHE H    H  N N 262 
PHE H2   H  N N 263 
PHE HA   H  N N 264 
PHE HB2  H  N N 265 
PHE HB3  H  N N 266 
PHE HD1  H  N N 267 
PHE HD2  H  N N 268 
PHE HE1  H  N N 269 
PHE HE2  H  N N 270 
PHE HZ   H  N N 271 
PHE HXT  H  N N 272 
PRO N    N  N N 273 
PRO CA   C  N S 274 
PRO C    C  N N 275 
PRO O    O  N N 276 
PRO CB   C  N N 277 
PRO CG   C  N N 278 
PRO CD   C  N N 279 
PRO OXT  O  N N 280 
PRO H    H  N N 281 
PRO HA   H  N N 282 
PRO HB2  H  N N 283 
PRO HB3  H  N N 284 
PRO HG2  H  N N 285 
PRO HG3  H  N N 286 
PRO HD2  H  N N 287 
PRO HD3  H  N N 288 
PRO HXT  H  N N 289 
SER N    N  N N 290 
SER CA   C  N S 291 
SER C    C  N N 292 
SER O    O  N N 293 
SER CB   C  N N 294 
SER OG   O  N N 295 
SER OXT  O  N N 296 
SER H    H  N N 297 
SER H2   H  N N 298 
SER HA   H  N N 299 
SER HB2  H  N N 300 
SER HB3  H  N N 301 
SER HG   H  N N 302 
SER HXT  H  N N 303 
SO4 S    S  N N 304 
SO4 O1   O  N N 305 
SO4 O2   O  N N 306 
SO4 O3   O  N N 307 
SO4 O4   O  N N 308 
THR N    N  N N 309 
THR CA   C  N S 310 
THR C    C  N N 311 
THR O    O  N N 312 
THR CB   C  N R 313 
THR OG1  O  N N 314 
THR CG2  C  N N 315 
THR OXT  O  N N 316 
THR H    H  N N 317 
THR H2   H  N N 318 
THR HA   H  N N 319 
THR HB   H  N N 320 
THR HG1  H  N N 321 
THR HG21 H  N N 322 
THR HG22 H  N N 323 
THR HG23 H  N N 324 
THR HXT  H  N N 325 
TRP N    N  N N 326 
TRP CA   C  N S 327 
TRP C    C  N N 328 
TRP O    O  N N 329 
TRP CB   C  N N 330 
TRP CG   C  Y N 331 
TRP CD1  C  Y N 332 
TRP CD2  C  Y N 333 
TRP NE1  N  Y N 334 
TRP CE2  C  Y N 335 
TRP CE3  C  Y N 336 
TRP CZ2  C  Y N 337 
TRP CZ3  C  Y N 338 
TRP CH2  C  Y N 339 
TRP OXT  O  N N 340 
TRP H    H  N N 341 
TRP H2   H  N N 342 
TRP HA   H  N N 343 
TRP HB2  H  N N 344 
TRP HB3  H  N N 345 
TRP HD1  H  N N 346 
TRP HE1  H  N N 347 
TRP HE3  H  N N 348 
TRP HZ2  H  N N 349 
TRP HZ3  H  N N 350 
TRP HH2  H  N N 351 
TRP HXT  H  N N 352 
TYR N    N  N N 353 
TYR CA   C  N S 354 
TYR C    C  N N 355 
TYR O    O  N N 356 
TYR CB   C  N N 357 
TYR CG   C  Y N 358 
TYR CD1  C  Y N 359 
TYR CD2  C  Y N 360 
TYR CE1  C  Y N 361 
TYR CE2  C  Y N 362 
TYR CZ   C  Y N 363 
TYR OH   O  N N 364 
TYR OXT  O  N N 365 
TYR H    H  N N 366 
TYR H2   H  N N 367 
TYR HA   H  N N 368 
TYR HB2  H  N N 369 
TYR HB3  H  N N 370 
TYR HD1  H  N N 371 
TYR HD2  H  N N 372 
TYR HE1  H  N N 373 
TYR HE2  H  N N 374 
TYR HH   H  N N 375 
TYR HXT  H  N N 376 
VAL N    N  N N 377 
VAL CA   C  N S 378 
VAL C    C  N N 379 
VAL O    O  N N 380 
VAL CB   C  N N 381 
VAL CG1  C  N N 382 
VAL CG2  C  N N 383 
VAL OXT  O  N N 384 
VAL H    H  N N 385 
VAL H2   H  N N 386 
VAL HA   H  N N 387 
VAL HB   H  N N 388 
VAL HG11 H  N N 389 
VAL HG12 H  N N 390 
VAL HG13 H  N N 391 
VAL HG21 H  N N 392 
VAL HG22 H  N N 393 
VAL HG23 H  N N 394 
VAL HXT  H  N N 395 
# 
loop_
_chem_comp_bond.comp_id 
_chem_comp_bond.atom_id_1 
_chem_comp_bond.atom_id_2 
_chem_comp_bond.value_order 
_chem_comp_bond.pdbx_aromatic_flag 
_chem_comp_bond.pdbx_stereo_config 
_chem_comp_bond.pdbx_ordinal 
ALA N   CA   sing N N 1   
ALA N   H    sing N N 2   
ALA N   H2   sing N N 3   
ALA CA  C    sing N N 4   
ALA CA  CB   sing N N 5   
ALA CA  HA   sing N N 6   
ALA C   O    doub N N 7   
ALA C   OXT  sing N N 8   
ALA CB  HB1  sing N N 9   
ALA CB  HB2  sing N N 10  
ALA CB  HB3  sing N N 11  
ALA OXT HXT  sing N N 12  
ARG N   CA   sing N N 13  
ARG N   H    sing N N 14  
ARG N   H2   sing N N 15  
ARG CA  C    sing N N 16  
ARG CA  CB   sing N N 17  
ARG CA  HA   sing N N 18  
ARG C   O    doub N N 19  
ARG C   OXT  sing N N 20  
ARG CB  CG   sing N N 21  
ARG CB  HB2  sing N N 22  
ARG CB  HB3  sing N N 23  
ARG CG  CD   sing N N 24  
ARG CG  HG2  sing N N 25  
ARG CG  HG3  sing N N 26  
ARG CD  NE   sing N N 27  
ARG CD  HD2  sing N N 28  
ARG CD  HD3  sing N N 29  
ARG NE  CZ   sing N N 30  
ARG NE  HE   sing N N 31  
ARG CZ  NH1  sing N N 32  
ARG CZ  NH2  doub N N 33  
ARG NH1 HH11 sing N N 34  
ARG NH1 HH12 sing N N 35  
ARG NH2 HH21 sing N N 36  
ARG NH2 HH22 sing N N 37  
ARG OXT HXT  sing N N 38  
ASN N   CA   sing N N 39  
ASN N   H    sing N N 40  
ASN N   H2   sing N N 41  
ASN CA  C    sing N N 42  
ASN CA  CB   sing N N 43  
ASN CA  HA   sing N N 44  
ASN C   O    doub N N 45  
ASN C   OXT  sing N N 46  
ASN CB  CG   sing N N 47  
ASN CB  HB2  sing N N 48  
ASN CB  HB3  sing N N 49  
ASN CG  OD1  doub N N 50  
ASN CG  ND2  sing N N 51  
ASN ND2 HD21 sing N N 52  
ASN ND2 HD22 sing N N 53  
ASN OXT HXT  sing N N 54  
ASP N   CA   sing N N 55  
ASP N   H    sing N N 56  
ASP N   H2   sing N N 57  
ASP CA  C    sing N N 58  
ASP CA  CB   sing N N 59  
ASP CA  HA   sing N N 60  
ASP C   O    doub N N 61  
ASP C   OXT  sing N N 62  
ASP CB  CG   sing N N 63  
ASP CB  HB2  sing N N 64  
ASP CB  HB3  sing N N 65  
ASP CG  OD1  doub N N 66  
ASP CG  OD2  sing N N 67  
ASP OD2 HD2  sing N N 68  
ASP OXT HXT  sing N N 69  
CYS N   CA   sing N N 70  
CYS N   H    sing N N 71  
CYS N   H2   sing N N 72  
CYS CA  C    sing N N 73  
CYS CA  CB   sing N N 74  
CYS CA  HA   sing N N 75  
CYS C   O    doub N N 76  
CYS C   OXT  sing N N 77  
CYS CB  SG   sing N N 78  
CYS CB  HB2  sing N N 79  
CYS CB  HB3  sing N N 80  
CYS SG  HG   sing N N 81  
CYS OXT HXT  sing N N 82  
GLN N   CA   sing N N 83  
GLN N   H    sing N N 84  
GLN N   H2   sing N N 85  
GLN CA  C    sing N N 86  
GLN CA  CB   sing N N 87  
GLN CA  HA   sing N N 88  
GLN C   O    doub N N 89  
GLN C   OXT  sing N N 90  
GLN CB  CG   sing N N 91  
GLN CB  HB2  sing N N 92  
GLN CB  HB3  sing N N 93  
GLN CG  CD   sing N N 94  
GLN CG  HG2  sing N N 95  
GLN CG  HG3  sing N N 96  
GLN CD  OE1  doub N N 97  
GLN CD  NE2  sing N N 98  
GLN NE2 HE21 sing N N 99  
GLN NE2 HE22 sing N N 100 
GLN OXT HXT  sing N N 101 
GLU N   CA   sing N N 102 
GLU N   H    sing N N 103 
GLU N   H2   sing N N 104 
GLU CA  C    sing N N 105 
GLU CA  CB   sing N N 106 
GLU CA  HA   sing N N 107 
GLU C   O    doub N N 108 
GLU C   OXT  sing N N 109 
GLU CB  CG   sing N N 110 
GLU CB  HB2  sing N N 111 
GLU CB  HB3  sing N N 112 
GLU CG  CD   sing N N 113 
GLU CG  HG2  sing N N 114 
GLU CG  HG3  sing N N 115 
GLU CD  OE1  doub N N 116 
GLU CD  OE2  sing N N 117 
GLU OE2 HE2  sing N N 118 
GLU OXT HXT  sing N N 119 
GLY N   CA   sing N N 120 
GLY N   H    sing N N 121 
GLY N   H2   sing N N 122 
GLY CA  C    sing N N 123 
GLY CA  HA2  sing N N 124 
GLY CA  HA3  sing N N 125 
GLY C   O    doub N N 126 
GLY C   OXT  sing N N 127 
GLY OXT HXT  sing N N 128 
HIS N   CA   sing N N 129 
HIS N   H    sing N N 130 
HIS N   H2   sing N N 131 
HIS CA  C    sing N N 132 
HIS CA  CB   sing N N 133 
HIS CA  HA   sing N N 134 
HIS C   O    doub N N 135 
HIS C   OXT  sing N N 136 
HIS CB  CG   sing N N 137 
HIS CB  HB2  sing N N 138 
HIS CB  HB3  sing N N 139 
HIS CG  ND1  sing Y N 140 
HIS CG  CD2  doub Y N 141 
HIS ND1 CE1  doub Y N 142 
HIS ND1 HD1  sing N N 143 
HIS CD2 NE2  sing Y N 144 
HIS CD2 HD2  sing N N 145 
HIS CE1 NE2  sing Y N 146 
HIS CE1 HE1  sing N N 147 
HIS NE2 HE2  sing N N 148 
HIS OXT HXT  sing N N 149 
HOH O   H1   sing N N 150 
HOH O   H2   sing N N 151 
ILE N   CA   sing N N 152 
ILE N   H    sing N N 153 
ILE N   H2   sing N N 154 
ILE CA  C    sing N N 155 
ILE CA  CB   sing N N 156 
ILE CA  HA   sing N N 157 
ILE C   O    doub N N 158 
ILE C   OXT  sing N N 159 
ILE CB  CG1  sing N N 160 
ILE CB  CG2  sing N N 161 
ILE CB  HB   sing N N 162 
ILE CG1 CD1  sing N N 163 
ILE CG1 HG12 sing N N 164 
ILE CG1 HG13 sing N N 165 
ILE CG2 HG21 sing N N 166 
ILE CG2 HG22 sing N N 167 
ILE CG2 HG23 sing N N 168 
ILE CD1 HD11 sing N N 169 
ILE CD1 HD12 sing N N 170 
ILE CD1 HD13 sing N N 171 
ILE OXT HXT  sing N N 172 
LEU N   CA   sing N N 173 
LEU N   H    sing N N 174 
LEU N   H2   sing N N 175 
LEU CA  C    sing N N 176 
LEU CA  CB   sing N N 177 
LEU CA  HA   sing N N 178 
LEU C   O    doub N N 179 
LEU C   OXT  sing N N 180 
LEU CB  CG   sing N N 181 
LEU CB  HB2  sing N N 182 
LEU CB  HB3  sing N N 183 
LEU CG  CD1  sing N N 184 
LEU CG  CD2  sing N N 185 
LEU CG  HG   sing N N 186 
LEU CD1 HD11 sing N N 187 
LEU CD1 HD12 sing N N 188 
LEU CD1 HD13 sing N N 189 
LEU CD2 HD21 sing N N 190 
LEU CD2 HD22 sing N N 191 
LEU CD2 HD23 sing N N 192 
LEU OXT HXT  sing N N 193 
LYS N   CA   sing N N 194 
LYS N   H    sing N N 195 
LYS N   H2   sing N N 196 
LYS CA  C    sing N N 197 
LYS CA  CB   sing N N 198 
LYS CA  HA   sing N N 199 
LYS C   O    doub N N 200 
LYS C   OXT  sing N N 201 
LYS CB  CG   sing N N 202 
LYS CB  HB2  sing N N 203 
LYS CB  HB3  sing N N 204 
LYS CG  CD   sing N N 205 
LYS CG  HG2  sing N N 206 
LYS CG  HG3  sing N N 207 
LYS CD  CE   sing N N 208 
LYS CD  HD2  sing N N 209 
LYS CD  HD3  sing N N 210 
LYS CE  NZ   sing N N 211 
LYS CE  HE2  sing N N 212 
LYS CE  HE3  sing N N 213 
LYS NZ  HZ1  sing N N 214 
LYS NZ  HZ2  sing N N 215 
LYS NZ  HZ3  sing N N 216 
LYS OXT HXT  sing N N 217 
MSE N   CA   sing N N 218 
MSE N   H    sing N N 219 
MSE N   H2   sing N N 220 
MSE CA  C    sing N N 221 
MSE CA  CB   sing N N 222 
MSE CA  HA   sing N N 223 
MSE C   O    doub N N 224 
MSE C   OXT  sing N N 225 
MSE OXT HXT  sing N N 226 
MSE CB  CG   sing N N 227 
MSE CB  HB2  sing N N 228 
MSE CB  HB3  sing N N 229 
MSE CG  SE   sing N N 230 
MSE CG  HG2  sing N N 231 
MSE CG  HG3  sing N N 232 
MSE SE  CE   sing N N 233 
MSE CE  HE1  sing N N 234 
MSE CE  HE2  sing N N 235 
MSE CE  HE3  sing N N 236 
PHE N   CA   sing N N 237 
PHE N   H    sing N N 238 
PHE N   H2   sing N N 239 
PHE CA  C    sing N N 240 
PHE CA  CB   sing N N 241 
PHE CA  HA   sing N N 242 
PHE C   O    doub N N 243 
PHE C   OXT  sing N N 244 
PHE CB  CG   sing N N 245 
PHE CB  HB2  sing N N 246 
PHE CB  HB3  sing N N 247 
PHE CG  CD1  doub Y N 248 
PHE CG  CD2  sing Y N 249 
PHE CD1 CE1  sing Y N 250 
PHE CD1 HD1  sing N N 251 
PHE CD2 CE2  doub Y N 252 
PHE CD2 HD2  sing N N 253 
PHE CE1 CZ   doub Y N 254 
PHE CE1 HE1  sing N N 255 
PHE CE2 CZ   sing Y N 256 
PHE CE2 HE2  sing N N 257 
PHE CZ  HZ   sing N N 258 
PHE OXT HXT  sing N N 259 
PRO N   CA   sing N N 260 
PRO N   CD   sing N N 261 
PRO N   H    sing N N 262 
PRO CA  C    sing N N 263 
PRO CA  CB   sing N N 264 
PRO CA  HA   sing N N 265 
PRO C   O    doub N N 266 
PRO C   OXT  sing N N 267 
PRO CB  CG   sing N N 268 
PRO CB  HB2  sing N N 269 
PRO CB  HB3  sing N N 270 
PRO CG  CD   sing N N 271 
PRO CG  HG2  sing N N 272 
PRO CG  HG3  sing N N 273 
PRO CD  HD2  sing N N 274 
PRO CD  HD3  sing N N 275 
PRO OXT HXT  sing N N 276 
SER N   CA   sing N N 277 
SER N   H    sing N N 278 
SER N   H2   sing N N 279 
SER CA  C    sing N N 280 
SER CA  CB   sing N N 281 
SER CA  HA   sing N N 282 
SER C   O    doub N N 283 
SER C   OXT  sing N N 284 
SER CB  OG   sing N N 285 
SER CB  HB2  sing N N 286 
SER CB  HB3  sing N N 287 
SER OG  HG   sing N N 288 
SER OXT HXT  sing N N 289 
SO4 S   O1   doub N N 290 
SO4 S   O2   doub N N 291 
SO4 S   O3   sing N N 292 
SO4 S   O4   sing N N 293 
THR N   CA   sing N N 294 
THR N   H    sing N N 295 
THR N   H2   sing N N 296 
THR CA  C    sing N N 297 
THR CA  CB   sing N N 298 
THR CA  HA   sing N N 299 
THR C   O    doub N N 300 
THR C   OXT  sing N N 301 
THR CB  OG1  sing N N 302 
THR CB  CG2  sing N N 303 
THR CB  HB   sing N N 304 
THR OG1 HG1  sing N N 305 
THR CG2 HG21 sing N N 306 
THR CG2 HG22 sing N N 307 
THR CG2 HG23 sing N N 308 
THR OXT HXT  sing N N 309 
TRP N   CA   sing N N 310 
TRP N   H    sing N N 311 
TRP N   H2   sing N N 312 
TRP CA  C    sing N N 313 
TRP CA  CB   sing N N 314 
TRP CA  HA   sing N N 315 
TRP C   O    doub N N 316 
TRP C   OXT  sing N N 317 
TRP CB  CG   sing N N 318 
TRP CB  HB2  sing N N 319 
TRP CB  HB3  sing N N 320 
TRP CG  CD1  doub Y N 321 
TRP CG  CD2  sing Y N 322 
TRP CD1 NE1  sing Y N 323 
TRP CD1 HD1  sing N N 324 
TRP CD2 CE2  doub Y N 325 
TRP CD2 CE3  sing Y N 326 
TRP NE1 CE2  sing Y N 327 
TRP NE1 HE1  sing N N 328 
TRP CE2 CZ2  sing Y N 329 
TRP CE3 CZ3  doub Y N 330 
TRP CE3 HE3  sing N N 331 
TRP CZ2 CH2  doub Y N 332 
TRP CZ2 HZ2  sing N N 333 
TRP CZ3 CH2  sing Y N 334 
TRP CZ3 HZ3  sing N N 335 
TRP CH2 HH2  sing N N 336 
TRP OXT HXT  sing N N 337 
TYR N   CA   sing N N 338 
TYR N   H    sing N N 339 
TYR N   H2   sing N N 340 
TYR CA  C    sing N N 341 
TYR CA  CB   sing N N 342 
TYR CA  HA   sing N N 343 
TYR C   O    doub N N 344 
TYR C   OXT  sing N N 345 
TYR CB  CG   sing N N 346 
TYR CB  HB2  sing N N 347 
TYR CB  HB3  sing N N 348 
TYR CG  CD1  doub Y N 349 
TYR CG  CD2  sing Y N 350 
TYR CD1 CE1  sing Y N 351 
TYR CD1 HD1  sing N N 352 
TYR CD2 CE2  doub Y N 353 
TYR CD2 HD2  sing N N 354 
TYR CE1 CZ   doub Y N 355 
TYR CE1 HE1  sing N N 356 
TYR CE2 CZ   sing Y N 357 
TYR CE2 HE2  sing N N 358 
TYR CZ  OH   sing N N 359 
TYR OH  HH   sing N N 360 
TYR OXT HXT  sing N N 361 
VAL N   CA   sing N N 362 
VAL N   H    sing N N 363 
VAL N   H2   sing N N 364 
VAL CA  C    sing N N 365 
VAL CA  CB   sing N N 366 
VAL CA  HA   sing N N 367 
VAL C   O    doub N N 368 
VAL C   OXT  sing N N 369 
VAL CB  CG1  sing N N 370 
VAL CB  CG2  sing N N 371 
VAL CB  HB   sing N N 372 
VAL CG1 HG11 sing N N 373 
VAL CG1 HG12 sing N N 374 
VAL CG1 HG13 sing N N 375 
VAL CG2 HG21 sing N N 376 
VAL CG2 HG22 sing N N 377 
VAL CG2 HG23 sing N N 378 
VAL OXT HXT  sing N N 379 
# 
_atom_sites.entry_id                    3H9N 
_atom_sites.fract_transf_matrix[1][1]   0.00490843 
_atom_sites.fract_transf_matrix[1][2]   -0.00163677 
_atom_sites.fract_transf_matrix[1][3]   0.00572137 
_atom_sites.fract_transf_matrix[2][1]   -0.00568793 
_atom_sites.fract_transf_matrix[2][2]   -0.00347070 
_atom_sites.fract_transf_matrix[2][3]   0.00388684 
_atom_sites.fract_transf_matrix[3][1]   0.00174946 
_atom_sites.fract_transf_matrix[3][2]   -0.00669186 
_atom_sites.fract_transf_matrix[3][3]   -0.00341529 
_atom_sites.fract_transf_vector[1]      0.292047 
_atom_sites.fract_transf_vector[2]      0.221682 
_atom_sites.fract_transf_vector[3]      -0.180002 
# 
loop_
_atom_type.symbol 
C  
N  
O  
S  
SE 
# 
loop_
_atom_site.group_PDB 
_atom_site.id 
_atom_site.type_symbol 
_atom_site.label_atom_id 
_atom_site.label_alt_id 
_atom_site.label_comp_id 
_atom_site.label_asym_id 
_atom_site.label_entity_id 
_atom_site.label_seq_id 
_atom_site.pdbx_PDB_ins_code 
_atom_site.Cartn_x 
_atom_site.Cartn_y 
_atom_site.Cartn_z 
_atom_site.occupancy 
_atom_site.B_iso_or_equiv 
_atom_site.pdbx_formal_charge 
_atom_site.auth_seq_id 
_atom_site.auth_comp_id 
_atom_site.auth_asym_id 
_atom_site.auth_atom_id 
_atom_site.pdbx_PDB_model_num 
ATOM   1    N  N   . HIS A 1 1   ? -16.603 -14.819 -1.103  1.00 74.48  ? 8   HIS A N   1 
ATOM   2    C  CA  . HIS A 1 1   ? -15.682 -14.386 -2.189  1.00 74.49  ? 8   HIS A CA  1 
ATOM   3    C  C   . HIS A 1 1   ? -15.993 -13.013 -2.814  1.00 73.53  ? 8   HIS A C   1 
ATOM   4    O  O   . HIS A 1 1   ? -15.998 -11.996 -2.116  1.00 73.57  ? 8   HIS A O   1 
ATOM   5    C  CB  . HIS A 1 1   ? -15.615 -15.472 -3.272  1.00 76.10  ? 8   HIS A CB  1 
ATOM   6    C  CG  . HIS A 1 1   ? -14.578 -16.523 -3.004  1.00 79.50  ? 8   HIS A CG  1 
ATOM   7    N  ND1 . HIS A 1 1   ? -14.382 -17.078 -1.755  1.00 81.39  ? 8   HIS A ND1 1 
ATOM   8    C  CD2 . HIS A 1 1   ? -13.680 -17.121 -3.823  1.00 80.39  ? 8   HIS A CD2 1 
ATOM   9    C  CE1 . HIS A 1 1   ? -13.411 -17.971 -1.815  1.00 79.66  ? 8   HIS A CE1 1 
ATOM   10   N  NE2 . HIS A 1 1   ? -12.967 -18.017 -3.059  1.00 81.30  ? 8   HIS A NE2 1 
ATOM   11   N  N   . ILE A 1 2   ? -16.262 -12.987 -4.119  1.00 71.26  ? 9   ILE A N   1 
ATOM   12   C  CA  . ILE A 1 2   ? -16.505 -11.739 -4.841  1.00 68.98  ? 9   ILE A CA  1 
ATOM   13   C  C   . ILE A 1 2   ? -17.674 -10.867 -4.413  1.00 68.81  ? 9   ILE A C   1 
ATOM   14   O  O   . ILE A 1 2   ? -18.783 -11.348 -4.199  1.00 69.87  ? 9   ILE A O   1 
ATOM   15   C  CB  . ILE A 1 2   ? -16.632 -12.004 -6.347  1.00 67.55  ? 9   ILE A CB  1 
ATOM   16   C  CG1 . ILE A 1 2   ? -15.384 -12.745 -6.840  1.00 66.25  ? 9   ILE A CG1 1 
ATOM   17   C  CG2 . ILE A 1 2   ? -16.794 -10.685 -7.090  1.00 67.36  ? 9   ILE A CG2 1 
ATOM   18   C  CD1 . ILE A 1 2   ? -15.372 -13.038 -8.325  1.00 65.16  ? 9   ILE A CD1 1 
ATOM   19   N  N   . GLU A 1 3   ? -17.416 -9.566  -4.313  1.00 68.51  ? 10  GLU A N   1 
ATOM   20   C  CA  . GLU A 1 3   ? -18.441 -8.605  -3.913  1.00 68.52  ? 10  GLU A CA  1 
ATOM   21   C  C   . GLU A 1 3   ? -18.395 -7.364  -4.792  1.00 67.01  ? 10  GLU A C   1 
ATOM   22   O  O   . GLU A 1 3   ? -17.313 -6.860  -5.107  1.00 67.26  ? 10  GLU A O   1 
ATOM   23   C  CB  . GLU A 1 3   ? -18.230 -8.183  -2.462  1.00 70.34  ? 10  GLU A CB  1 
ATOM   24   C  CG  . GLU A 1 3   ? -18.076 -9.338  -1.501  1.00 73.89  ? 10  GLU A CG  1 
ATOM   25   C  CD  . GLU A 1 3   ? -17.890 -8.866  -0.077  1.00 77.73  ? 10  GLU A CD  1 
ATOM   26   O  OE1 . GLU A 1 3   ? -17.654 -9.717  0.814   1.00 79.12  ? 10  GLU A OE1 1 
ATOM   27   O  OE2 . GLU A 1 3   ? -17.984 -7.636  0.147   1.00 79.91  ? 10  GLU A OE2 1 
ATOM   28   N  N   . VAL A 1 4   ? -19.568 -6.873  -5.184  1.00 64.14  ? 11  VAL A N   1 
ATOM   29   C  CA  . VAL A 1 4   ? -19.651 -5.678  -6.021  1.00 62.14  ? 11  VAL A CA  1 
ATOM   30   C  C   . VAL A 1 4   ? -19.060 -4.489  -5.266  1.00 61.23  ? 11  VAL A C   1 
ATOM   31   O  O   . VAL A 1 4   ? -19.310 -4.315  -4.073  1.00 60.96  ? 11  VAL A O   1 
ATOM   32   C  CB  . VAL A 1 4   ? -21.121 -5.359  -6.407  1.00 60.28  ? 11  VAL A CB  1 
ATOM   33   C  CG1 . VAL A 1 4   ? -21.192 -4.068  -7.188  1.00 59.07  ? 11  VAL A CG1 1 
ATOM   34   C  CG2 . VAL A 1 4   ? -21.692 -6.486  -7.241  1.00 59.79  ? 11  VAL A CG2 1 
ATOM   35   N  N   . VAL A 1 5   ? -18.271 -3.679  -5.962  1.00 60.11  ? 12  VAL A N   1 
ATOM   36   C  CA  . VAL A 1 5   ? -17.648 -2.515  -5.350  1.00 59.23  ? 12  VAL A CA  1 
ATOM   37   C  C   . VAL A 1 5   ? -17.710 -1.306  -6.269  1.00 60.64  ? 12  VAL A C   1 
ATOM   38   O  O   . VAL A 1 5   ? -17.212 -0.235  -5.926  1.00 60.38  ? 12  VAL A O   1 
ATOM   39   C  CB  . VAL A 1 5   ? -16.158 -2.776  -4.999  1.00 57.55  ? 12  VAL A CB  1 
ATOM   40   C  CG1 . VAL A 1 5   ? -16.052 -3.722  -3.813  1.00 54.02  ? 12  VAL A CG1 1 
ATOM   41   C  CG2 . VAL A 1 5   ? -15.438 -3.356  -6.204  1.00 55.78  ? 12  VAL A CG2 1 
ATOM   42   N  N   . GLY A 1 6   ? -18.324 -1.472  -7.437  1.00 61.97  ? 13  GLY A N   1 
ATOM   43   C  CA  . GLY A 1 6   ? -18.403 -0.353  -8.361  1.00 63.07  ? 13  GLY A CA  1 
ATOM   44   C  C   . GLY A 1 6   ? -19.161 -0.622  -9.645  1.00 63.56  ? 13  GLY A C   1 
ATOM   45   O  O   . GLY A 1 6   ? -19.889 -1.604  -9.756  1.00 63.22  ? 13  GLY A O   1 
ATOM   46   N  N   . LYS A 1 7   ? -18.962 0.245   -10.631 1.00 63.77  ? 14  LYS A N   1 
ATOM   47   C  CA  . LYS A 1 7   ? -19.665 0.125   -11.896 1.00 66.01  ? 14  LYS A CA  1 
ATOM   48   C  C   . LYS A 1 7   ? -18.968 0.989   -12.951 1.00 65.63  ? 14  LYS A C   1 
ATOM   49   O  O   . LYS A 1 7   ? -18.610 2.139   -12.686 1.00 67.15  ? 14  LYS A O   1 
ATOM   50   C  CB  . LYS A 1 7   ? -21.110 0.602   -11.686 1.00 68.85  ? 14  LYS A CB  1 
ATOM   51   C  CG  . LYS A 1 7   ? -22.148 0.169   -12.721 1.00 72.24  ? 14  LYS A CG  1 
ATOM   52   C  CD  . LYS A 1 7   ? -23.552 0.548   -12.211 1.00 75.23  ? 14  LYS A CD  1 
ATOM   53   C  CE  . LYS A 1 7   ? -24.682 0.075   -13.126 1.00 76.70  ? 14  LYS A CE  1 
ATOM   54   N  NZ  . LYS A 1 7   ? -24.693 0.766   -14.452 1.00 78.41  ? 14  LYS A NZ  1 
ATOM   55   N  N   . LEU A 1 8   ? -18.766 0.436   -14.142 1.00 63.87  ? 15  LEU A N   1 
ATOM   56   C  CA  . LEU A 1 8   ? -18.126 1.186   -15.219 1.00 62.27  ? 15  LEU A CA  1 
ATOM   57   C  C   . LEU A 1 8   ? -19.124 2.152   -15.873 1.00 62.14  ? 15  LEU A C   1 
ATOM   58   O  O   . LEU A 1 8   ? -20.327 1.878   -15.946 1.00 60.94  ? 15  LEU A O   1 
ATOM   59   C  CB  . LEU A 1 8   ? -17.557 0.218   -16.261 1.00 60.11  ? 15  LEU A CB  1 
ATOM   60   C  CG  . LEU A 1 8   ? -16.367 -0.614  -15.769 1.00 59.55  ? 15  LEU A CG  1 
ATOM   61   C  CD1 . LEU A 1 8   ? -16.044 -1.733  -16.750 1.00 58.03  ? 15  LEU A CD1 1 
ATOM   62   C  CD2 . LEU A 1 8   ? -15.170 0.302   -15.583 1.00 57.80  ? 15  LEU A CD2 1 
ATOM   63   N  N   . GLY A 1 9   ? -18.618 3.287   -16.345 1.00 62.04  ? 16  GLY A N   1 
ATOM   64   C  CA  . GLY A 1 9   ? -19.483 4.269   -16.967 1.00 61.58  ? 16  GLY A CA  1 
ATOM   65   C  C   . GLY A 1 9   ? -19.242 4.496   -18.447 1.00 62.16  ? 16  GLY A C   1 
ATOM   66   O  O   . GLY A 1 9   ? -18.879 3.583   -19.191 1.00 62.33  ? 16  GLY A O   1 
ATOM   67   N  N   . SER A 1 10  ? -19.440 5.733   -18.872 1.00 62.99  ? 17  SER A N   1 
ATOM   68   C  CA  . SER A 1 10  ? -19.268 6.095   -20.266 1.00 65.73  ? 17  SER A CA  1 
ATOM   69   C  C   . SER A 1 10  ? -17.806 6.150   -20.703 1.00 67.76  ? 17  SER A C   1 
ATOM   70   O  O   . SER A 1 10  ? -16.911 6.446   -19.907 1.00 67.78  ? 17  SER A O   1 
ATOM   71   C  CB  . SER A 1 10  ? -19.924 7.448   -20.531 1.00 65.41  ? 17  SER A CB  1 
ATOM   72   O  OG  . SER A 1 10  ? -19.869 7.763   -21.911 1.00 68.20  ? 17  SER A OG  1 
ATOM   73   N  N   . THR A 1 11  ? -17.578 5.868   -21.980 1.00 68.86  ? 18  THR A N   1 
ATOM   74   C  CA  . THR A 1 11  ? -16.242 5.901   -22.545 1.00 71.98  ? 18  THR A CA  1 
ATOM   75   C  C   . THR A 1 11  ? -15.732 7.338   -22.602 1.00 73.15  ? 18  THR A C   1 
ATOM   76   O  O   . THR A 1 11  ? -16.490 8.260   -22.911 1.00 74.15  ? 18  THR A O   1 
ATOM   77   C  CB  . THR A 1 11  ? -16.232 5.335   -23.978 1.00 73.28  ? 18  THR A CB  1 
ATOM   78   O  OG1 . THR A 1 11  ? -14.897 5.385   -24.501 1.00 75.97  ? 18  THR A OG1 1 
ATOM   79   C  CG2 . THR A 1 11  ? -17.149 6.156   -24.883 1.00 74.21  ? 18  THR A CG2 1 
ATOM   80   N  N   . TYR A 1 12  ? -14.452 7.524   -22.289 1.00 73.80  ? 19  TYR A N   1 
ATOM   81   C  CA  . TYR A 1 12  ? -13.823 8.841   -22.334 1.00 74.47  ? 19  TYR A CA  1 
ATOM   82   C  C   . TYR A 1 12  ? -12.666 8.735   -23.314 1.00 75.35  ? 19  TYR A C   1 
ATOM   83   O  O   . TYR A 1 12  ? -12.041 7.679   -23.428 1.00 76.17  ? 19  TYR A O   1 
ATOM   84   C  CB  . TYR A 1 12  ? -13.276 9.245   -20.968 1.00 74.91  ? 19  TYR A CB  1 
ATOM   85   C  CG  . TYR A 1 12  ? -12.540 10.568  -20.991 1.00 77.44  ? 19  TYR A CG  1 
ATOM   86   C  CD1 . TYR A 1 12  ? -13.210 11.763  -20.738 1.00 78.48  ? 19  TYR A CD1 1 
ATOM   87   C  CD2 . TYR A 1 12  ? -11.180 10.629  -21.301 1.00 78.44  ? 19  TYR A CD2 1 
ATOM   88   C  CE1 . TYR A 1 12  ? -12.545 12.996  -20.792 1.00 80.38  ? 19  TYR A CE1 1 
ATOM   89   C  CE2 . TYR A 1 12  ? -10.503 11.853  -21.363 1.00 80.45  ? 19  TYR A CE2 1 
ATOM   90   C  CZ  . TYR A 1 12  ? -11.192 13.035  -21.105 1.00 81.78  ? 19  TYR A CZ  1 
ATOM   91   O  OH  . TYR A 1 12  ? -10.531 14.248  -21.141 1.00 82.29  ? 19  TYR A OH  1 
ATOM   92   N  N   . GLY A 1 13  ? -12.370 9.827   -24.013 1.00 75.64  ? 20  GLY A N   1 
ATOM   93   C  CA  . GLY A 1 13  ? -11.282 9.796   -24.973 1.00 75.16  ? 20  GLY A CA  1 
ATOM   94   C  C   . GLY A 1 13  ? -11.561 8.812   -26.095 1.00 74.19  ? 20  GLY A C   1 
ATOM   95   O  O   . GLY A 1 13  ? -12.701 8.391   -26.289 1.00 74.09  ? 20  GLY A O   1 
ATOM   96   N  N   . ILE A 1 14  ? -10.512 8.428   -26.815 1.00 73.21  ? 21  ILE A N   1 
ATOM   97   C  CA  . ILE A 1 14  ? -10.633 7.512   -27.938 1.00 72.98  ? 21  ILE A CA  1 
ATOM   98   C  C   . ILE A 1 14  ? -9.708  6.305   -27.765 1.00 72.02  ? 21  ILE A C   1 
ATOM   99   O  O   . ILE A 1 14  ? -9.703  5.386   -28.584 1.00 71.39  ? 21  ILE A O   1 
ATOM   100  C  CB  . ILE A 1 14  ? -10.267 8.255   -29.251 1.00 75.09  ? 21  ILE A CB  1 
ATOM   101  C  CG1 . ILE A 1 14  ? -10.547 7.376   -30.468 1.00 75.53  ? 21  ILE A CG1 1 
ATOM   102  C  CG2 . ILE A 1 14  ? -8.790  8.672   -29.218 1.00 73.59  ? 21  ILE A CG2 1 
ATOM   103  C  CD1 . ILE A 1 14  ? -10.224 8.061   -31.784 1.00 76.68  ? 21  ILE A CD1 1 
ATOM   104  N  N   . ARG A 1 15  ? -8.939  6.302   -26.682 1.00 71.31  ? 22  ARG A N   1 
ATOM   105  C  CA  . ARG A 1 15  ? -7.993  5.221   -26.445 1.00 69.92  ? 22  ARG A CA  1 
ATOM   106  C  C   . ARG A 1 15  ? -8.377  4.110   -25.466 1.00 68.21  ? 22  ARG A C   1 
ATOM   107  O  O   . ARG A 1 15  ? -7.525  3.311   -25.071 1.00 68.20  ? 22  ARG A O   1 
ATOM   108  C  CB  . ARG A 1 15  ? -6.639  5.816   -26.060 1.00 70.47  ? 22  ARG A CB  1 
ATOM   109  C  CG  . ARG A 1 15  ? -5.993  6.593   -27.204 1.00 73.02  ? 22  ARG A CG  1 
ATOM   110  C  CD  . ARG A 1 15  ? -4.589  7.027   -26.860 1.00 76.11  ? 22  ARG A CD  1 
ATOM   111  N  NE  . ARG A 1 15  ? -4.574  7.880   -25.678 1.00 80.07  ? 22  ARG A NE  1 
ATOM   112  C  CZ  . ARG A 1 15  ? -3.469  8.266   -25.049 1.00 81.93  ? 22  ARG A CZ  1 
ATOM   113  N  NH1 . ARG A 1 15  ? -2.277  7.872   -25.493 1.00 82.30  ? 22  ARG A NH1 1 
ATOM   114  N  NH2 . ARG A 1 15  ? -3.555  9.047   -23.976 1.00 82.64  ? 22  ARG A NH2 1 
ATOM   115  N  N   . GLY A 1 16  ? -9.646  4.047   -25.077 1.00 65.65  ? 23  GLY A N   1 
ATOM   116  C  CA  . GLY A 1 16  ? -10.058 2.981   -24.180 1.00 62.69  ? 23  GLY A CA  1 
ATOM   117  C  C   . GLY A 1 16  ? -10.492 3.347   -22.778 1.00 61.26  ? 23  GLY A C   1 
ATOM   118  O  O   . GLY A 1 16  ? -11.156 2.560   -22.109 1.00 60.48  ? 23  GLY A O   1 
ATOM   119  N  N   . TRP A 1 17  ? -10.119 4.531   -22.316 1.00 60.41  ? 24  TRP A N   1 
ATOM   120  C  CA  . TRP A 1 17  ? -10.502 4.957   -20.977 1.00 59.13  ? 24  TRP A CA  1 
ATOM   121  C  C   . TRP A 1 17  ? -12.015 5.105   -20.835 1.00 59.03  ? 24  TRP A C   1 
ATOM   122  O  O   . TRP A 1 17  ? -12.708 5.400   -21.801 1.00 59.56  ? 24  TRP A O   1 
ATOM   123  C  CB  . TRP A 1 17  ? -9.855  6.293   -20.640 1.00 59.30  ? 24  TRP A CB  1 
ATOM   124  C  CG  . TRP A 1 17  ? -8.362  6.268   -20.535 1.00 59.65  ? 24  TRP A CG  1 
ATOM   125  C  CD1 . TRP A 1 17  ? -7.461  6.121   -21.554 1.00 58.88  ? 24  TRP A CD1 1 
ATOM   126  C  CD2 . TRP A 1 17  ? -7.593  6.470   -19.344 1.00 59.16  ? 24  TRP A CD2 1 
ATOM   127  N  NE1 . TRP A 1 17  ? -6.178  6.231   -21.067 1.00 58.57  ? 24  TRP A NE1 1 
ATOM   128  C  CE2 . TRP A 1 17  ? -6.232  6.448   -19.714 1.00 59.01  ? 24  TRP A CE2 1 
ATOM   129  C  CE3 . TRP A 1 17  ? -7.928  6.677   -17.997 1.00 57.21  ? 24  TRP A CE3 1 
ATOM   130  C  CZ2 . TRP A 1 17  ? -5.200  6.619   -18.789 1.00 59.40  ? 24  TRP A CZ2 1 
ATOM   131  C  CZ3 . TRP A 1 17  ? -6.905  6.846   -17.075 1.00 57.70  ? 24  TRP A CZ3 1 
ATOM   132  C  CH2 . TRP A 1 17  ? -5.553  6.820   -17.478 1.00 58.03  ? 24  TRP A CH2 1 
ATOM   133  N  N   . LEU A 1 18  ? -12.519 4.910   -19.621 1.00 59.25  ? 25  LEU A N   1 
ATOM   134  C  CA  . LEU A 1 18  ? -13.943 5.054   -19.339 1.00 59.70  ? 25  LEU A CA  1 
ATOM   135  C  C   . LEU A 1 18  ? -14.134 5.447   -17.875 1.00 60.18  ? 25  LEU A C   1 
ATOM   136  O  O   . LEU A 1 18  ? -13.318 5.104   -17.030 1.00 60.81  ? 25  LEU A O   1 
ATOM   137  C  CB  . LEU A 1 18  ? -14.704 3.755   -19.649 1.00 59.06  ? 25  LEU A CB  1 
ATOM   138  C  CG  . LEU A 1 18  ? -14.212 2.431   -19.072 1.00 57.85  ? 25  LEU A CG  1 
ATOM   139  C  CD1 . LEU A 1 18  ? -15.289 1.382   -19.218 1.00 57.26  ? 25  LEU A CD1 1 
ATOM   140  C  CD2 . LEU A 1 18  ? -12.958 2.003   -19.799 1.00 58.30  ? 25  LEU A CD2 1 
ATOM   141  N  N   . ARG A 1 19  ? -15.203 6.180   -17.586 1.00 61.05  ? 26  ARG A N   1 
ATOM   142  C  CA  . ARG A 1 19  ? -15.481 6.624   -16.227 1.00 61.21  ? 26  ARG A CA  1 
ATOM   143  C  C   . ARG A 1 19  ? -15.799 5.442   -15.331 1.00 60.79  ? 26  ARG A C   1 
ATOM   144  O  O   . ARG A 1 19  ? -15.997 4.316   -15.800 1.00 59.37  ? 26  ARG A O   1 
ATOM   145  C  CB  . ARG A 1 19  ? -16.652 7.611   -16.218 1.00 62.67  ? 26  ARG A CB  1 
ATOM   146  C  CG  . ARG A 1 19  ? -16.363 8.897   -16.965 1.00 64.84  ? 26  ARG A CG  1 
ATOM   147  C  CD  . ARG A 1 19  ? -17.634 9.552   -17.485 1.00 66.46  ? 26  ARG A CD  1 
ATOM   148  N  NE  . ARG A 1 19  ? -17.433 10.091  -18.831 1.00 67.79  ? 26  ARG A NE  1 
ATOM   149  C  CZ  . ARG A 1 19  ? -16.819 11.240  -19.107 1.00 67.72  ? 26  ARG A CZ  1 
ATOM   150  N  NH1 . ARG A 1 19  ? -16.339 12.003  -18.127 1.00 67.18  ? 26  ARG A NH1 1 
ATOM   151  N  NH2 . ARG A 1 19  ? -16.668 11.620  -20.372 1.00 66.16  ? 26  ARG A NH2 1 
ATOM   152  N  N   . ILE A 1 20  ? -15.849 5.710   -14.033 1.00 60.58  ? 27  ILE A N   1 
ATOM   153  C  CA  . ILE A 1 20  ? -16.137 4.672   -13.062 1.00 61.65  ? 27  ILE A CA  1 
ATOM   154  C  C   . ILE A 1 20  ? -16.941 5.240   -11.895 1.00 62.21  ? 27  ILE A C   1 
ATOM   155  O  O   . ILE A 1 20  ? -16.896 6.438   -11.599 1.00 60.92  ? 27  ILE A O   1 
ATOM   156  C  CB  . ILE A 1 20  ? -14.818 4.037   -12.527 1.00 62.37  ? 27  ILE A CB  1 
ATOM   157  C  CG1 . ILE A 1 20  ? -15.128 2.779   -11.725 1.00 62.37  ? 27  ILE A CG1 1 
ATOM   158  C  CG2 . ILE A 1 20  ? -14.057 5.035   -11.639 1.00 61.58  ? 27  ILE A CG2 1 
ATOM   159  C  CD1 . ILE A 1 20  ? -13.895 2.068   -11.234 1.00 64.29  ? 27  ILE A CD1 1 
ATOM   160  N  N   . TYR A 1 21  ? -17.690 4.367   -11.241 1.00 62.72  ? 28  TYR A N   1 
ATOM   161  C  CA  . TYR A 1 21  ? -18.494 4.760   -10.103 1.00 64.59  ? 28  TYR A CA  1 
ATOM   162  C  C   . TYR A 1 21  ? -18.295 3.637   -9.095  1.00 65.54  ? 28  TYR A C   1 
ATOM   163  O  O   . TYR A 1 21  ? -18.695 2.505   -9.335  1.00 66.39  ? 28  TYR A O   1 
ATOM   164  C  CB  . TYR A 1 21  ? -19.960 4.882   -10.523 1.00 64.95  ? 28  TYR A CB  1 
ATOM   165  C  CG  . TYR A 1 21  ? -20.159 5.822   -11.701 1.00 66.58  ? 28  TYR A CG  1 
ATOM   166  C  CD1 . TYR A 1 21  ? -19.923 7.190   -11.578 1.00 66.52  ? 28  TYR A CD1 1 
ATOM   167  C  CD2 . TYR A 1 21  ? -20.541 5.335   -12.948 1.00 66.15  ? 28  TYR A CD2 1 
ATOM   168  C  CE1 . TYR A 1 21  ? -20.057 8.057   -12.670 1.00 67.11  ? 28  TYR A CE1 1 
ATOM   169  C  CE2 . TYR A 1 21  ? -20.678 6.190   -14.048 1.00 68.04  ? 28  TYR A CE2 1 
ATOM   170  C  CZ  . TYR A 1 21  ? -20.433 7.551   -13.905 1.00 68.51  ? 28  TYR A CZ  1 
ATOM   171  O  OH  . TYR A 1 21  ? -20.554 8.393   -14.995 1.00 67.96  ? 28  TYR A OH  1 
ATOM   172  N  N   . SER A 1 22  ? -17.645 3.941   -7.980  1.00 66.97  ? 29  SER A N   1 
ATOM   173  C  CA  . SER A 1 22  ? -17.384 2.923   -6.973  1.00 69.43  ? 29  SER A CA  1 
ATOM   174  C  C   . SER A 1 22  ? -18.308 3.008   -5.775  1.00 70.62  ? 29  SER A C   1 
ATOM   175  O  O   . SER A 1 22  ? -18.515 4.075   -5.208  1.00 70.34  ? 29  SER A O   1 
ATOM   176  C  CB  . SER A 1 22  ? -15.931 3.011   -6.501  1.00 68.96  ? 29  SER A CB  1 
ATOM   177  O  OG  . SER A 1 22  ? -15.633 4.310   -6.026  1.00 69.21  ? 29  SER A OG  1 
ATOM   178  N  N   . SER A 1 23  ? -18.852 1.860   -5.391  1.00 73.19  ? 30  SER A N   1 
ATOM   179  C  CA  . SER A 1 23  ? -19.749 1.773   -4.248  1.00 75.96  ? 30  SER A CA  1 
ATOM   180  C  C   . SER A 1 23  ? -18.908 1.691   -2.978  1.00 77.70  ? 30  SER A C   1 
ATOM   181  O  O   . SER A 1 23  ? -19.430 1.775   -1.868  1.00 77.71  ? 30  SER A O   1 
ATOM   182  C  CB  . SER A 1 23  ? -20.633 0.526   -4.370  1.00 76.53  ? 30  SER A CB  1 
ATOM   183  O  OG  . SER A 1 23  ? -21.269 0.467   -5.640  1.00 76.81  ? 30  SER A OG  1 
ATOM   184  N  N   . THR A 1 24  ? -17.600 1.528   -3.155  1.00 80.46  ? 31  THR A N   1 
ATOM   185  C  CA  . THR A 1 24  ? -16.668 1.428   -2.034  1.00 83.57  ? 31  THR A CA  1 
ATOM   186  C  C   . THR A 1 24  ? -16.925 2.488   -0.962  1.00 84.49  ? 31  THR A C   1 
ATOM   187  O  O   . THR A 1 24  ? -17.056 3.679   -1.258  1.00 82.86  ? 31  THR A O   1 
ATOM   188  C  CB  . THR A 1 24  ? -15.196 1.536   -2.517  1.00 84.45  ? 31  THR A CB  1 
ATOM   189  O  OG1 . THR A 1 24  ? -14.311 1.442   -1.393  1.00 86.19  ? 31  THR A OG1 1 
ATOM   190  C  CG2 . THR A 1 24  ? -14.962 2.857   -3.228  1.00 84.64  ? 31  THR A CG2 1 
ATOM   191  N  N   . GLU A 1 25  ? -16.984 2.021   0.284   1.00 87.21  ? 32  GLU A N   1 
ATOM   192  C  CA  . GLU A 1 25  ? -17.243 2.845   1.467   1.00 89.28  ? 32  GLU A CA  1 
ATOM   193  C  C   . GLU A 1 25  ? -16.764 4.299   1.391   1.00 89.06  ? 32  GLU A C   1 
ATOM   194  O  O   . GLU A 1 25  ? -17.445 5.198   1.889   1.00 87.50  ? 32  GLU A O   1 
ATOM   195  C  CB  . GLU A 1 25  ? -16.649 2.158   2.703   1.00 91.17  ? 32  GLU A CB  1 
ATOM   196  C  CG  . GLU A 1 25  ? -17.026 0.668   2.830   1.00 95.55  ? 32  GLU A CG  1 
ATOM   197  C  CD  . GLU A 1 25  ? -18.445 0.427   3.366   1.00 97.92  ? 32  GLU A CD  1 
ATOM   198  O  OE1 . GLU A 1 25  ? -18.658 0.585   4.592   1.00 97.95  ? 32  GLU A OE1 1 
ATOM   199  O  OE2 . GLU A 1 25  ? -19.343 0.074   2.562   1.00 98.22  ? 32  GLU A OE2 1 
ATOM   200  N  N   . GLN A 1 26  ? -15.607 4.538   0.775   1.00 89.88  ? 33  GLN A N   1 
ATOM   201  C  CA  . GLN A 1 26  ? -15.105 5.905   0.665   1.00 90.45  ? 33  GLN A CA  1 
ATOM   202  C  C   . GLN A 1 26  ? -15.026 6.417   -0.779  1.00 89.16  ? 33  GLN A C   1 
ATOM   203  O  O   . GLN A 1 26  ? -15.754 7.350   -1.128  1.00 88.96  ? 33  GLN A O   1 
ATOM   204  C  CB  . GLN A 1 26  ? -13.746 6.043   1.371   1.00 93.01  ? 33  GLN A CB  1 
ATOM   205  C  CG  . GLN A 1 26  ? -12.558 5.427   0.652   1.00 96.91  ? 33  GLN A CG  1 
ATOM   206  C  CD  . GLN A 1 26  ? -11.682 6.466   -0.042  1.00 98.73  ? 33  GLN A CD  1 
ATOM   207  O  OE1 . GLN A 1 26  ? -10.612 6.139   -0.562  1.00 100.15 ? 33  GLN A OE1 1 
ATOM   208  N  NE2 . GLN A 1 26  ? -12.131 7.721   -0.052  1.00 98.09  ? 33  GLN A NE2 1 
ATOM   209  N  N   . ALA A 1 27  ? -14.173 5.819   -1.615  1.00 86.59  ? 34  ALA A N   1 
ATOM   210  C  CA  . ALA A 1 27  ? -14.052 6.266   -3.010  1.00 84.13  ? 34  ALA A CA  1 
ATOM   211  C  C   . ALA A 1 27  ? -12.882 5.637   -3.768  1.00 81.96  ? 34  ALA A C   1 
ATOM   212  O  O   . ALA A 1 27  ? -13.052 4.669   -4.506  1.00 81.25  ? 34  ALA A O   1 
ATOM   213  C  CB  . ALA A 1 27  ? -13.928 7.795   -3.062  1.00 85.30  ? 34  ALA A CB  1 
ATOM   214  N  N   . GLU A 1 28  ? -11.697 6.220   -3.601  1.00 79.42  ? 35  GLU A N   1 
ATOM   215  C  CA  . GLU A 1 28  ? -10.495 5.725   -4.256  1.00 76.12  ? 35  GLU A CA  1 
ATOM   216  C  C   . GLU A 1 28  ? -10.089 4.340   -3.743  1.00 73.24  ? 35  GLU A C   1 
ATOM   217  O  O   . GLU A 1 28  ? -9.152  3.728   -4.264  1.00 72.34  ? 35  GLU A O   1 
ATOM   218  C  CB  . GLU A 1 28  ? -9.331  6.692   -4.026  1.00 77.37  ? 35  GLU A CB  1 
ATOM   219  C  CG  . GLU A 1 28  ? -9.446  8.037   -4.729  1.00 79.43  ? 35  GLU A CG  1 
ATOM   220  C  CD  . GLU A 1 28  ? -8.224  8.925   -4.496  1.00 79.54  ? 35  GLU A CD  1 
ATOM   221  O  OE1 . GLU A 1 28  ? -8.162  10.020  -5.099  1.00 79.76  ? 35  GLU A OE1 1 
ATOM   222  O  OE2 . GLU A 1 28  ? -7.330  8.533   -3.709  1.00 79.28  ? 35  GLU A OE2 1 
ATOM   223  N  N   . SER A 1 29  ? -10.794 3.846   -2.729  1.00 69.18  ? 36  SER A N   1 
ATOM   224  C  CA  . SER A 1 29  ? -10.468 2.554   -2.149  1.00 64.97  ? 36  SER A CA  1 
ATOM   225  C  C   . SER A 1 29  ? -10.632 1.377   -3.094  1.00 61.87  ? 36  SER A C   1 
ATOM   226  O  O   . SER A 1 29  ? -10.042 0.327   -2.879  1.00 61.65  ? 36  SER A O   1 
ATOM   227  C  CB  . SER A 1 29  ? -11.295 2.312   -0.890  1.00 66.67  ? 36  SER A CB  1 
ATOM   228  O  OG  . SER A 1 29  ? -10.718 1.268   -0.121  1.00 69.99  ? 36  SER A OG  1 
ATOM   229  N  N   . ILE A 1 30  ? -11.424 1.532   -4.145  1.00 58.78  ? 37  ILE A N   1 
ATOM   230  C  CA  . ILE A 1 30  ? -11.606 0.425   -5.069  1.00 56.20  ? 37  ILE A CA  1 
ATOM   231  C  C   . ILE A 1 30  ? -10.282 0.105   -5.773  1.00 55.97  ? 37  ILE A C   1 
ATOM   232  O  O   . ILE A 1 30  ? -10.088 -0.993  -6.297  1.00 55.03  ? 37  ILE A O   1 
ATOM   233  C  CB  . ILE A 1 30  ? -12.709 0.747   -6.113  1.00 55.67  ? 37  ILE A CB  1 
ATOM   234  C  CG1 . ILE A 1 30  ? -13.015 -0.487  -6.949  1.00 54.07  ? 37  ILE A CG1 1 
ATOM   235  C  CG2 . ILE A 1 30  ? -12.267 1.872   -7.037  1.00 57.55  ? 37  ILE A CG2 1 
ATOM   236  C  CD1 . ILE A 1 30  ? -14.127 -0.267  -7.919  1.00 55.35  ? 37  ILE A CD1 1 
ATOM   237  N  N   . PHE A 1 31  ? -9.358  1.060   -5.754  1.00 55.86  ? 38  PHE A N   1 
ATOM   238  C  CA  . PHE A 1 31  ? -8.060  0.887   -6.400  1.00 53.75  ? 38  PHE A CA  1 
ATOM   239  C  C   . PHE A 1 31  ? -7.033  0.082   -5.613  1.00 52.33  ? 38  PHE A C   1 
ATOM   240  O  O   . PHE A 1 31  ? -5.951  -0.212  -6.127  1.00 52.68  ? 38  PHE A O   1 
ATOM   241  C  CB  . PHE A 1 31  ? -7.483  2.248   -6.766  1.00 53.20  ? 38  PHE A CB  1 
ATOM   242  C  CG  . PHE A 1 31  ? -8.331  3.001   -7.746  1.00 54.41  ? 38  PHE A CG  1 
ATOM   243  C  CD1 . PHE A 1 31  ? -8.520  2.514   -9.032  1.00 53.04  ? 38  PHE A CD1 1 
ATOM   244  C  CD2 . PHE A 1 31  ? -8.991  4.164   -7.368  1.00 55.11  ? 38  PHE A CD2 1 
ATOM   245  C  CE1 . PHE A 1 31  ? -9.354  3.161   -9.927  1.00 52.96  ? 38  PHE A CE1 1 
ATOM   246  C  CE2 . PHE A 1 31  ? -9.831  4.821   -8.261  1.00 56.10  ? 38  PHE A CE2 1 
ATOM   247  C  CZ  . PHE A 1 31  ? -10.013 4.312   -9.545  1.00 54.94  ? 38  PHE A CZ  1 
ATOM   248  N  N   . ASP A 1 32  ? -7.354  -0.280  -4.376  1.00 50.32  ? 39  ASP A N   1 
ATOM   249  C  CA  . ASP A 1 32  ? -6.423  -1.082  -3.581  1.00 49.77  ? 39  ASP A CA  1 
ATOM   250  C  C   . ASP A 1 32  ? -6.655  -2.581  -3.807  1.00 48.13  ? 39  ASP A C   1 
ATOM   251  O  O   . ASP A 1 32  ? -6.096  -3.412  -3.093  1.00 48.33  ? 39  ASP A O   1 
ATOM   252  C  CB  . ASP A 1 32  ? -6.570  -0.792  -2.081  1.00 50.59  ? 39  ASP A CB  1 
ATOM   253  C  CG  . ASP A 1 32  ? -6.342  0.665   -1.731  1.00 51.38  ? 39  ASP A CG  1 
ATOM   254  O  OD1 . ASP A 1 32  ? -5.399  1.283   -2.279  1.00 53.12  ? 39  ASP A OD1 1 
ATOM   255  O  OD2 . ASP A 1 32  ? -7.103  1.188   -0.889  1.00 52.74  ? 39  ASP A OD2 1 
ATOM   256  N  N   . TYR A 1 33  ? -7.464  -2.939  -4.799  1.00 46.76  ? 40  TYR A N   1 
ATOM   257  C  CA  . TYR A 1 33  ? -7.734  -4.351  -5.041  1.00 45.35  ? 40  TYR A CA  1 
ATOM   258  C  C   . TYR A 1 33  ? -7.483  -4.830  -6.473  1.00 43.72  ? 40  TYR A C   1 
ATOM   259  O  O   . TYR A 1 33  ? -7.808  -4.139  -7.443  1.00 42.65  ? 40  TYR A O   1 
ATOM   260  C  CB  . TYR A 1 33  ? -9.167  -4.668  -4.615  1.00 44.66  ? 40  TYR A CB  1 
ATOM   261  C  CG  . TYR A 1 33  ? -9.402  -4.344  -3.156  1.00 46.37  ? 40  TYR A CG  1 
ATOM   262  C  CD1 . TYR A 1 33  ? -8.808  -5.110  -2.150  1.00 45.66  ? 40  TYR A CD1 1 
ATOM   263  C  CD2 . TYR A 1 33  ? -10.144 -3.222  -2.780  1.00 45.62  ? 40  TYR A CD2 1 
ATOM   264  C  CE1 . TYR A 1 33  ? -8.941  -4.768  -0.790  1.00 46.26  ? 40  TYR A CE1 1 
ATOM   265  C  CE2 . TYR A 1 33  ? -10.284 -2.864  -1.430  1.00 47.60  ? 40  TYR A CE2 1 
ATOM   266  C  CZ  . TYR A 1 33  ? -9.680  -3.641  -0.437  1.00 48.60  ? 40  TYR A CZ  1 
ATOM   267  O  OH  . TYR A 1 33  ? -9.817  -3.291  0.895   1.00 48.62  ? 40  TYR A OH  1 
ATOM   268  N  N   . GLN A 1 34  ? -6.874  -6.011  -6.584  1.00 42.53  ? 41  GLN A N   1 
ATOM   269  C  CA  . GLN A 1 34  ? -6.572  -6.625  -7.876  1.00 43.20  ? 41  GLN A CA  1 
ATOM   270  C  C   . GLN A 1 34  ? -6.602  -8.157  -7.803  1.00 43.37  ? 41  GLN A C   1 
ATOM   271  O  O   . GLN A 1 34  ? -6.195  -8.759  -6.806  1.00 42.92  ? 41  GLN A O   1 
ATOM   272  C  CB  . GLN A 1 34  ? -5.198  -6.171  -8.368  1.00 43.98  ? 41  GLN A CB  1 
ATOM   273  C  CG  . GLN A 1 34  ? -5.124  -4.730  -8.847  1.00 46.99  ? 41  GLN A CG  1 
ATOM   274  C  CD  . GLN A 1 34  ? -5.889  -4.496  -10.143 1.00 49.85  ? 41  GLN A CD  1 
ATOM   275  O  OE1 . GLN A 1 34  ? -7.094  -4.222  -10.130 1.00 48.68  ? 41  GLN A OE1 1 
ATOM   276  N  NE2 . GLN A 1 34  ? -5.187  -4.611  -11.275 1.00 51.06  ? 41  GLN A NE2 1 
ATOM   277  N  N   . PRO A 1 35  ? -7.080  -8.810  -8.874  1.00 44.09  ? 42  PRO A N   1 
ATOM   278  C  CA  . PRO A 1 35  ? -7.575  -8.160  -10.091 1.00 44.32  ? 42  PRO A CA  1 
ATOM   279  C  C   . PRO A 1 35  ? -9.002  -7.687  -9.878  1.00 44.71  ? 42  PRO A C   1 
ATOM   280  O  O   . PRO A 1 35  ? -9.519  -7.739  -8.769  1.00 44.82  ? 42  PRO A O   1 
ATOM   281  C  CB  . PRO A 1 35  ? -7.517  -9.283  -11.125 1.00 41.42  ? 42  PRO A CB  1 
ATOM   282  C  CG  . PRO A 1 35  ? -7.886  -10.471 -10.303 1.00 40.17  ? 42  PRO A CG  1 
ATOM   283  C  CD  . PRO A 1 35  ? -7.044  -10.273 -9.048  1.00 42.01  ? 42  PRO A CD  1 
ATOM   284  N  N   . TRP A 1 36  ? -9.632  -7.216  -10.944 1.00 45.81  ? 43  TRP A N   1 
ATOM   285  C  CA  . TRP A 1 36  ? -11.015 -6.800  -10.862 1.00 48.22  ? 43  TRP A CA  1 
ATOM   286  C  C   . TRP A 1 36  ? -11.847 -7.862  -11.582 1.00 49.00  ? 43  TRP A C   1 
ATOM   287  O  O   . TRP A 1 36  ? -11.318 -8.687  -12.322 1.00 49.17  ? 43  TRP A O   1 
ATOM   288  C  CB  . TRP A 1 36  ? -11.210 -5.445  -11.537 1.00 48.83  ? 43  TRP A CB  1 
ATOM   289  C  CG  . TRP A 1 36  ? -10.918 -4.270  -10.644 1.00 48.72  ? 43  TRP A CG  1 
ATOM   290  C  CD1 . TRP A 1 36  ? -10.503 -4.300  -9.339  1.00 46.38  ? 43  TRP A CD1 1 
ATOM   291  C  CD2 . TRP A 1 36  ? -11.024 -2.886  -11.000 1.00 46.90  ? 43  TRP A CD2 1 
ATOM   292  N  NE1 . TRP A 1 36  ? -10.343 -3.018  -8.865  1.00 46.07  ? 43  TRP A NE1 1 
ATOM   293  C  CE2 . TRP A 1 36  ? -10.655 -2.130  -9.864  1.00 46.58  ? 43  TRP A CE2 1 
ATOM   294  C  CE3 . TRP A 1 36  ? -11.393 -2.212  -12.171 1.00 46.51  ? 43  TRP A CE3 1 
ATOM   295  C  CZ2 . TRP A 1 36  ? -10.646 -0.733  -9.861  1.00 45.98  ? 43  TRP A CZ2 1 
ATOM   296  C  CZ3 . TRP A 1 36  ? -11.384 -0.813  -12.171 1.00 47.33  ? 43  TRP A CZ3 1 
ATOM   297  C  CH2 . TRP A 1 36  ? -11.010 -0.092  -11.020 1.00 45.61  ? 43  TRP A CH2 1 
ATOM   298  N  N   . PHE A 1 37  ? -13.154 -7.838  -11.371 1.00 50.63  ? 44  PHE A N   1 
ATOM   299  C  CA  . PHE A 1 37  ? -14.040 -8.792  -12.019 1.00 51.08  ? 44  PHE A CA  1 
ATOM   300  C  C   . PHE A 1 37  ? -15.227 -8.063  -12.589 1.00 51.05  ? 44  PHE A C   1 
ATOM   301  O  O   . PHE A 1 37  ? -15.944 -7.384  -11.867 1.00 53.04  ? 44  PHE A O   1 
ATOM   302  C  CB  . PHE A 1 37  ? -14.518 -9.843  -11.023 1.00 50.41  ? 44  PHE A CB  1 
ATOM   303  C  CG  . PHE A 1 37  ? -13.461 -10.836 -10.655 1.00 51.28  ? 44  PHE A CG  1 
ATOM   304  C  CD1 . PHE A 1 37  ? -13.067 -11.814 -11.561 1.00 50.17  ? 44  PHE A CD1 1 
ATOM   305  C  CD2 . PHE A 1 37  ? -12.832 -10.776 -9.412  1.00 49.59  ? 44  PHE A CD2 1 
ATOM   306  C  CE1 . PHE A 1 37  ? -12.058 -12.718 -11.233 1.00 49.88  ? 44  PHE A CE1 1 
ATOM   307  C  CE2 . PHE A 1 37  ? -11.828 -11.673 -9.081  1.00 48.89  ? 44  PHE A CE2 1 
ATOM   308  C  CZ  . PHE A 1 37  ? -11.443 -12.644 -9.993  1.00 50.69  ? 44  PHE A CZ  1 
ATOM   309  N  N   . LEU A 1 38  ? -15.423 -8.198  -13.890 1.00 51.12  ? 45  LEU A N   1 
ATOM   310  C  CA  . LEU A 1 38  ? -16.535 -7.552  -14.555 1.00 52.61  ? 45  LEU A CA  1 
ATOM   311  C  C   . LEU A 1 38  ? -17.604 -8.598  -14.798 1.00 55.18  ? 45  LEU A C   1 
ATOM   312  O  O   . LEU A 1 38  ? -17.308 -9.679  -15.295 1.00 55.81  ? 45  LEU A O   1 
ATOM   313  C  CB  . LEU A 1 38  ? -16.089 -6.982  -15.898 1.00 49.79  ? 45  LEU A CB  1 
ATOM   314  C  CG  . LEU A 1 38  ? -14.841 -6.107  -15.878 1.00 47.40  ? 45  LEU A CG  1 
ATOM   315  C  CD1 . LEU A 1 38  ? -14.590 -5.550  -17.284 1.00 44.50  ? 45  LEU A CD1 1 
ATOM   316  C  CD2 . LEU A 1 38  ? -15.023 -4.988  -14.855 1.00 44.99  ? 45  LEU A CD2 1 
ATOM   317  N  N   . LYS A 1 39  ? -18.843 -8.281  -14.443 1.00 57.79  ? 46  LYS A N   1 
ATOM   318  C  CA  . LYS A 1 39  ? -19.935 -9.211  -14.659 1.00 60.32  ? 46  LYS A CA  1 
ATOM   319  C  C   . LYS A 1 39  ? -20.457 -9.013  -16.079 1.00 61.88  ? 46  LYS A C   1 
ATOM   320  O  O   . LYS A 1 39  ? -21.106 -8.012  -16.382 1.00 63.20  ? 46  LYS A O   1 
ATOM   321  C  CB  . LYS A 1 39  ? -21.059 -8.964  -13.645 1.00 62.33  ? 46  LYS A CB  1 
ATOM   322  C  CG  . LYS A 1 39  ? -21.923 -10.188 -13.378 1.00 63.25  ? 46  LYS A CG  1 
ATOM   323  C  CD  . LYS A 1 39  ? -22.714 -10.009 -12.101 1.00 66.51  ? 46  LYS A CD  1 
ATOM   324  C  CE  . LYS A 1 39  ? -23.357 -11.317 -11.650 1.00 69.10  ? 46  LYS A CE  1 
ATOM   325  N  NZ  . LYS A 1 39  ? -22.334 -12.333 -11.239 1.00 70.83  ? 46  LYS A NZ  1 
ATOM   326  N  N   . ILE A 1 40  ? -20.140 -9.961  -16.953 1.00 62.17  ? 47  ILE A N   1 
ATOM   327  C  CA  . ILE A 1 40  ? -20.583 -9.919  -18.335 1.00 61.96  ? 47  ILE A CA  1 
ATOM   328  C  C   . ILE A 1 40  ? -21.322 -11.238 -18.572 1.00 64.14  ? 47  ILE A C   1 
ATOM   329  O  O   . ILE A 1 40  ? -20.816 -12.311 -18.225 1.00 62.81  ? 47  ILE A O   1 
ATOM   330  C  CB  . ILE A 1 40  ? -19.385 -9.784  -19.279 1.00 61.10  ? 47  ILE A CB  1 
ATOM   331  C  CG1 . ILE A 1 40  ? -18.615 -8.507  -18.927 1.00 61.63  ? 47  ILE A CG1 1 
ATOM   332  C  CG2 . ILE A 1 40  ? -19.853 -9.736  -20.723 1.00 61.22  ? 47  ILE A CG2 1 
ATOM   333  C  CD1 . ILE A 1 40  ? -17.422 -8.220  -19.817 1.00 59.11  ? 47  ILE A CD1 1 
ATOM   334  N  N   . LYS A 1 41  ? -22.528 -11.148 -19.141 1.00 65.20  ? 48  LYS A N   1 
ATOM   335  C  CA  . LYS A 1 41  ? -23.360 -12.325 -19.387 1.00 65.21  ? 48  LYS A CA  1 
ATOM   336  C  C   . LYS A 1 41  ? -23.524 -13.114 -18.101 1.00 64.92  ? 48  LYS A C   1 
ATOM   337  O  O   . LYS A 1 41  ? -23.438 -14.342 -18.107 1.00 64.47  ? 48  LYS A O   1 
ATOM   338  C  CB  . LYS A 1 41  ? -22.758 -13.234 -20.467 1.00 66.41  ? 48  LYS A CB  1 
ATOM   339  C  CG  . LYS A 1 41  ? -23.251 -12.957 -21.883 1.00 67.60  ? 48  LYS A CG  1 
ATOM   340  C  CD  . LYS A 1 41  ? -22.902 -11.545 -22.332 1.00 70.84  ? 48  LYS A CD  1 
ATOM   341  C  CE  . LYS A 1 41  ? -23.294 -11.310 -23.793 1.00 72.76  ? 48  LYS A CE  1 
ATOM   342  N  NZ  . LYS A 1 41  ? -22.807 -9.992  -24.312 1.00 73.72  ? 48  LYS A NZ  1 
ATOM   343  N  N   . GLY A 1 42  ? -23.744 -12.391 -17.003 1.00 65.91  ? 49  GLY A N   1 
ATOM   344  C  CA  . GLY A 1 42  ? -23.952 -13.008 -15.700 1.00 66.87  ? 49  GLY A CA  1 
ATOM   345  C  C   . GLY A 1 42  ? -22.783 -13.801 -15.163 1.00 68.04  ? 49  GLY A C   1 
ATOM   346  O  O   . GLY A 1 42  ? -22.944 -14.643 -14.280 1.00 68.00  ? 49  GLY A O   1 
ATOM   347  N  N   . GLU A 1 43  ? -21.594 -13.519 -15.682 1.00 69.51  ? 50  GLU A N   1 
ATOM   348  C  CA  . GLU A 1 43  ? -20.398 -14.232 -15.263 1.00 69.46  ? 50  GLU A CA  1 
ATOM   349  C  C   . GLU A 1 43  ? -19.282 -13.248 -14.896 1.00 69.30  ? 50  GLU A C   1 
ATOM   350  O  O   . GLU A 1 43  ? -19.222 -12.141 -15.441 1.00 70.09  ? 50  GLU A O   1 
ATOM   351  C  CB  . GLU A 1 43  ? -19.957 -15.145 -16.402 1.00 69.31  ? 50  GLU A CB  1 
ATOM   352  C  CG  . GLU A 1 43  ? -18.833 -16.080 -16.058 1.00 72.76  ? 50  GLU A CG  1 
ATOM   353  C  CD  . GLU A 1 43  ? -18.516 -17.031 -17.194 1.00 73.90  ? 50  GLU A CD  1 
ATOM   354  O  OE1 . GLU A 1 43  ? -17.644 -17.906 -16.994 1.00 74.43  ? 50  GLU A OE1 1 
ATOM   355  O  OE2 . GLU A 1 43  ? -19.138 -16.901 -18.279 1.00 73.07  ? 50  GLU A OE2 1 
ATOM   356  N  N   . TRP A 1 44  ? -18.416 -13.645 -13.965 1.00 66.91  ? 51  TRP A N   1 
ATOM   357  C  CA  . TRP A 1 44  ? -17.294 -12.806 -13.531 1.00 64.25  ? 51  TRP A CA  1 
ATOM   358  C  C   . TRP A 1 44  ? -16.083 -12.983 -14.440 1.00 62.33  ? 51  TRP A C   1 
ATOM   359  O  O   . TRP A 1 44  ? -15.510 -14.064 -14.505 1.00 63.57  ? 51  TRP A O   1 
ATOM   360  C  CB  . TRP A 1 44  ? -16.882 -13.170 -12.098 1.00 64.70  ? 51  TRP A CB  1 
ATOM   361  C  CG  . TRP A 1 44  ? -17.765 -12.601 -11.023 1.00 63.51  ? 51  TRP A CG  1 
ATOM   362  C  CD1 . TRP A 1 44  ? -18.301 -13.272 -9.969  1.00 62.01  ? 51  TRP A CD1 1 
ATOM   363  C  CD2 . TRP A 1 44  ? -18.185 -11.235 -10.887 1.00 62.98  ? 51  TRP A CD2 1 
ATOM   364  N  NE1 . TRP A 1 44  ? -19.032 -12.415 -9.181  1.00 61.96  ? 51  TRP A NE1 1 
ATOM   365  C  CE2 . TRP A 1 44  ? -18.978 -11.157 -9.723  1.00 62.82  ? 51  TRP A CE2 1 
ATOM   366  C  CE3 . TRP A 1 44  ? -17.967 -10.071 -11.639 1.00 63.43  ? 51  TRP A CE3 1 
ATOM   367  C  CZ2 . TRP A 1 44  ? -19.558 -9.964  -9.286  1.00 63.46  ? 51  TRP A CZ2 1 
ATOM   368  C  CZ3 . TRP A 1 44  ? -18.545 -8.877  -11.207 1.00 63.59  ? 51  TRP A CZ3 1 
ATOM   369  C  CH2 . TRP A 1 44  ? -19.332 -8.837  -10.037 1.00 64.58  ? 51  TRP A CH2 1 
ATOM   370  N  N   . GLN A 1 45  ? -15.691 -11.930 -15.142 1.00 60.31  ? 52  GLN A N   1 
ATOM   371  C  CA  . GLN A 1 45  ? -14.531 -12.016 -16.017 1.00 58.32  ? 52  GLN A CA  1 
ATOM   372  C  C   . GLN A 1 45  ? -13.411 -11.194 -15.411 1.00 58.06  ? 52  GLN A C   1 
ATOM   373  O  O   . GLN A 1 45  ? -13.558 -9.990  -15.195 1.00 57.85  ? 52  GLN A O   1 
ATOM   374  C  CB  . GLN A 1 45  ? -14.847 -11.485 -17.412 1.00 58.84  ? 52  GLN A CB  1 
ATOM   375  C  CG  . GLN A 1 45  ? -15.746 -12.381 -18.244 1.00 60.56  ? 52  GLN A CG  1 
ATOM   376  C  CD  . GLN A 1 45  ? -15.237 -13.809 -18.327 1.00 59.92  ? 52  GLN A CD  1 
ATOM   377  O  OE1 . GLN A 1 45  ? -14.031 -14.057 -18.280 1.00 56.98  ? 52  GLN A OE1 1 
ATOM   378  N  NE2 . GLN A 1 45  ? -16.162 -14.758 -18.464 1.00 60.90  ? 52  GLN A NE2 1 
ATOM   379  N  N   . SER A 1 46  ? -12.290 -11.855 -15.141 1.00 57.02  ? 53  SER A N   1 
ATOM   380  C  CA  . SER A 1 46  ? -11.126 -11.222 -14.546 1.00 55.38  ? 53  SER A CA  1 
ATOM   381  C  C   . SER A 1 46  ? -10.537 -10.148 -15.458 1.00 53.95  ? 53  SER A C   1 
ATOM   382  O  O   . SER A 1 46  ? -10.510 -10.304 -16.681 1.00 54.47  ? 53  SER A O   1 
ATOM   383  C  CB  . SER A 1 46  ? -10.074 -12.287 -14.263 1.00 57.05  ? 53  SER A CB  1 
ATOM   384  O  OG  . SER A 1 46  ? -9.231  -11.895 -13.201 1.00 60.95  ? 53  SER A OG  1 
ATOM   385  N  N   . ILE A 1 47  ? -10.071 -9.052  -14.870 1.00 50.88  ? 54  ILE A N   1 
ATOM   386  C  CA  . ILE A 1 47  ? -9.475  -7.993  -15.667 1.00 49.86  ? 54  ILE A CA  1 
ATOM   387  C  C   . ILE A 1 47  ? -8.512  -7.147  -14.838 1.00 50.87  ? 54  ILE A C   1 
ATOM   388  O  O   . ILE A 1 47  ? -8.782  -6.837  -13.669 1.00 51.53  ? 54  ILE A O   1 
ATOM   389  C  CB  . ILE A 1 47  ? -10.557 -7.100  -16.314 1.00 47.84  ? 54  ILE A CB  1 
ATOM   390  C  CG1 . ILE A 1 47  ? -9.923  -6.270  -17.429 1.00 45.09  ? 54  ILE A CG1 1 
ATOM   391  C  CG2 . ILE A 1 47  ? -11.226 -6.217  -15.269 1.00 44.78  ? 54  ILE A CG2 1 
ATOM   392  C  CD1 . ILE A 1 47  ? -10.907 -5.492  -18.245 1.00 43.09  ? 54  ILE A CD1 1 
ATOM   393  N  N   . GLU A 1 48  ? -7.391  -6.784  -15.460 1.00 50.65  ? 55  GLU A N   1 
ATOM   394  C  CA  . GLU A 1 48  ? -6.321  -6.008  -14.836 1.00 52.53  ? 55  GLU A CA  1 
ATOM   395  C  C   . GLU A 1 48  ? -6.387  -4.492  -15.052 1.00 52.29  ? 55  GLU A C   1 
ATOM   396  O  O   . GLU A 1 48  ? -6.510  -4.020  -16.182 1.00 52.46  ? 55  GLU A O   1 
ATOM   397  C  CB  . GLU A 1 48  ? -4.972  -6.521  -15.361 1.00 54.92  ? 55  GLU A CB  1 
ATOM   398  C  CG  . GLU A 1 48  ? -3.737  -5.854  -14.769 1.00 58.69  ? 55  GLU A CG  1 
ATOM   399  C  CD  . GLU A 1 48  ? -2.441  -6.362  -15.393 1.00 61.33  ? 55  GLU A CD  1 
ATOM   400  O  OE1 . GLU A 1 48  ? -2.401  -7.553  -15.776 1.00 60.70  ? 55  GLU A OE1 1 
ATOM   401  O  OE2 . GLU A 1 48  ? -1.462  -5.579  -15.489 1.00 64.78  ? 55  GLU A OE2 1 
ATOM   402  N  N   . LEU A 1 49  ? -6.287  -3.734  -13.962 1.00 51.93  ? 56  LEU A N   1 
ATOM   403  C  CA  . LEU A 1 49  ? -6.300  -2.269  -14.028 1.00 51.41  ? 56  LEU A CA  1 
ATOM   404  C  C   . LEU A 1 49  ? -4.902  -1.792  -14.431 1.00 51.67  ? 56  LEU A C   1 
ATOM   405  O  O   . LEU A 1 49  ? -3.903  -2.304  -13.933 1.00 51.82  ? 56  LEU A O   1 
ATOM   406  C  CB  . LEU A 1 49  ? -6.647  -1.686  -12.663 1.00 50.65  ? 56  LEU A CB  1 
ATOM   407  C  CG  . LEU A 1 49  ? -6.635  -0.162  -12.559 1.00 50.89  ? 56  LEU A CG  1 
ATOM   408  C  CD1 . LEU A 1 49  ? -7.823  0.380   -13.311 1.00 52.54  ? 56  LEU A CD1 1 
ATOM   409  C  CD2 . LEU A 1 49  ? -6.704  0.280   -11.102 1.00 51.53  ? 56  LEU A CD2 1 
ATOM   410  N  N   . GLU A 1 50  ? -4.819  -0.817  -15.328 1.00 51.53  ? 57  GLU A N   1 
ATOM   411  C  CA  . GLU A 1 50  ? -3.512  -0.322  -15.751 1.00 51.68  ? 57  GLU A CA  1 
ATOM   412  C  C   . GLU A 1 50  ? -3.173  1.027   -15.141 1.00 51.23  ? 57  GLU A C   1 
ATOM   413  O  O   . GLU A 1 50  ? -2.037  1.274   -14.743 1.00 52.10  ? 57  GLU A O   1 
ATOM   414  C  CB  . GLU A 1 50  ? -3.439  -0.192  -17.271 1.00 52.28  ? 57  GLU A CB  1 
ATOM   415  C  CG  . GLU A 1 50  ? -3.176  -1.478  -18.027 1.00 54.60  ? 57  GLU A CG  1 
ATOM   416  C  CD  . GLU A 1 50  ? -2.945  -1.221  -19.513 1.00 56.58  ? 57  GLU A CD  1 
ATOM   417  O  OE1 . GLU A 1 50  ? -2.622  -2.178  -20.249 1.00 56.75  ? 57  GLU A OE1 1 
ATOM   418  O  OE2 . GLU A 1 50  ? -3.086  -0.053  -19.944 1.00 58.22  ? 57  GLU A OE2 1 
ATOM   419  N  N   . ASN A 1 51  ? -4.159  1.903   -15.058 1.00 51.00  ? 58  ASN A N   1 
ATOM   420  C  CA  . ASN A 1 51  ? -3.907  3.222   -14.523 1.00 51.44  ? 58  ASN A CA  1 
ATOM   421  C  C   . ASN A 1 51  ? -5.227  3.942   -14.316 1.00 52.53  ? 58  ASN A C   1 
ATOM   422  O  O   . ASN A 1 51  ? -6.266  3.465   -14.752 1.00 53.49  ? 58  ASN A O   1 
ATOM   423  C  CB  . ASN A 1 51  ? -3.005  3.970   -15.519 1.00 49.68  ? 58  ASN A CB  1 
ATOM   424  C  CG  . ASN A 1 51  ? -2.709  5.392   -15.105 1.00 45.84  ? 58  ASN A CG  1 
ATOM   425  O  OD1 . ASN A 1 51  ? -2.624  5.715   -13.923 1.00 46.63  ? 58  ASN A OD1 1 
ATOM   426  N  ND2 . ASN A 1 51  ? -2.529  6.248   -16.087 1.00 44.45  ? 58  ASN A ND2 1 
ATOM   427  N  N   . TRP A 1 52  ? -5.191  5.080   -13.636 1.00 54.92  ? 59  TRP A N   1 
ATOM   428  C  CA  . TRP A 1 52  ? -6.401  5.858   -13.402 1.00 57.71  ? 59  TRP A CA  1 
ATOM   429  C  C   . TRP A 1 52  ? -6.032  7.267   -12.983 1.00 60.27  ? 59  TRP A C   1 
ATOM   430  O  O   . TRP A 1 52  ? -4.911  7.511   -12.538 1.00 61.36  ? 59  TRP A O   1 
ATOM   431  C  CB  . TRP A 1 52  ? -7.252  5.221   -12.307 1.00 56.66  ? 59  TRP A CB  1 
ATOM   432  C  CG  . TRP A 1 52  ? -6.600  5.203   -10.959 1.00 55.39  ? 59  TRP A CG  1 
ATOM   433  C  CD1 . TRP A 1 52  ? -5.707  4.285   -10.489 1.00 55.54  ? 59  TRP A CD1 1 
ATOM   434  C  CD2 . TRP A 1 52  ? -6.834  6.118   -9.884  1.00 55.16  ? 59  TRP A CD2 1 
ATOM   435  N  NE1 . TRP A 1 52  ? -5.376  4.565   -9.187  1.00 54.29  ? 59  TRP A NE1 1 
ATOM   436  C  CE2 . TRP A 1 52  ? -6.054  5.690   -8.789  1.00 55.30  ? 59  TRP A CE2 1 
ATOM   437  C  CE3 . TRP A 1 52  ? -7.629  7.266   -9.740  1.00 54.76  ? 59  TRP A CE3 1 
ATOM   438  C  CZ2 . TRP A 1 52  ? -6.048  6.358   -7.561  1.00 55.10  ? 59  TRP A CZ2 1 
ATOM   439  C  CZ3 . TRP A 1 52  ? -7.625  7.936   -8.515  1.00 54.33  ? 59  TRP A CZ3 1 
ATOM   440  C  CH2 . TRP A 1 52  ? -6.835  7.478   -7.444  1.00 54.74  ? 59  TRP A CH2 1 
ATOM   441  N  N   . ARG A 1 53  ? -6.972  8.195   -13.127 1.00 63.17  ? 60  ARG A N   1 
ATOM   442  C  CA  . ARG A 1 53  ? -6.712  9.573   -12.744 1.00 66.02  ? 60  ARG A CA  1 
ATOM   443  C  C   . ARG A 1 53  ? -7.975  10.417  -12.698 1.00 67.90  ? 60  ARG A C   1 
ATOM   444  O  O   . ARG A 1 53  ? -9.053  9.962   -13.077 1.00 66.91  ? 60  ARG A O   1 
ATOM   445  C  CB  . ARG A 1 53  ? -5.700  10.196  -13.706 1.00 66.85  ? 60  ARG A CB  1 
ATOM   446  C  CG  . ARG A 1 53  ? -6.219  10.427  -15.103 1.00 67.06  ? 60  ARG A CG  1 
ATOM   447  C  CD  . ARG A 1 53  ? -5.091  10.871  -15.989 1.00 69.86  ? 60  ARG A CD  1 
ATOM   448  N  NE  . ARG A 1 53  ? -5.580  11.324  -17.281 1.00 74.32  ? 60  ARG A NE  1 
ATOM   449  C  CZ  . ARG A 1 53  ? -6.180  12.492  -17.479 1.00 76.97  ? 60  ARG A CZ  1 
ATOM   450  N  NH1 . ARG A 1 53  ? -6.358  13.328  -16.459 1.00 79.25  ? 60  ARG A NH1 1 
ATOM   451  N  NH2 . ARG A 1 53  ? -6.608  12.820  -18.692 1.00 77.17  ? 60  ARG A NH2 1 
ATOM   452  N  N   . TYR A 1 54  ? -7.823  11.657  -12.242 1.00 71.60  ? 61  TYR A N   1 
ATOM   453  C  CA  . TYR A 1 54  ? -8.938  12.589  -12.118 1.00 74.43  ? 61  TYR A CA  1 
ATOM   454  C  C   . TYR A 1 54  ? -9.176  13.509  -13.308 1.00 77.88  ? 61  TYR A C   1 
ATOM   455  O  O   . TYR A 1 54  ? -8.252  14.144  -13.822 1.00 79.17  ? 61  TYR A O   1 
ATOM   456  C  CB  . TYR A 1 54  ? -8.755  13.436  -10.868 1.00 72.06  ? 61  TYR A CB  1 
ATOM   457  C  CG  . TYR A 1 54  ? -9.287  12.764  -9.641  1.00 72.04  ? 61  TYR A CG  1 
ATOM   458  C  CD1 . TYR A 1 54  ? -10.654 12.664  -9.432  1.00 72.29  ? 61  TYR A CD1 1 
ATOM   459  C  CD2 . TYR A 1 54  ? -8.432  12.191  -8.707  1.00 71.56  ? 61  TYR A CD2 1 
ATOM   460  C  CE1 . TYR A 1 54  ? -11.170 12.010  -8.322  1.00 73.23  ? 61  TYR A CE1 1 
ATOM   461  C  CE2 . TYR A 1 54  ? -8.934  11.530  -7.586  1.00 72.91  ? 61  TYR A CE2 1 
ATOM   462  C  CZ  . TYR A 1 54  ? -10.310 11.444  -7.402  1.00 74.34  ? 61  TYR A CZ  1 
ATOM   463  O  OH  . TYR A 1 54  ? -10.837 10.798  -6.307  1.00 76.62  ? 61  TYR A OH  1 
ATOM   464  N  N   . HIS A 1 55  ? -10.435 13.575  -13.731 1.00 81.51  ? 62  HIS A N   1 
ATOM   465  C  CA  . HIS A 1 55  ? -10.862 14.418  -14.843 1.00 84.78  ? 62  HIS A CA  1 
ATOM   466  C  C   . HIS A 1 55  ? -12.021 15.294  -14.362 1.00 85.77  ? 62  HIS A C   1 
ATOM   467  O  O   . HIS A 1 55  ? -13.186 15.022  -14.665 1.00 85.80  ? 62  HIS A O   1 
ATOM   468  C  CB  . HIS A 1 55  ? -11.323 13.556  -16.026 1.00 86.54  ? 62  HIS A CB  1 
ATOM   469  C  CG  . HIS A 1 55  ? -11.821 14.348  -17.198 1.00 89.92  ? 62  HIS A CG  1 
ATOM   470  N  ND1 . HIS A 1 55  ? -11.008 15.189  -17.931 1.00 91.60  ? 62  HIS A ND1 1 
ATOM   471  C  CD2 . HIS A 1 55  ? -13.051 14.429  -17.762 1.00 90.87  ? 62  HIS A CD2 1 
ATOM   472  C  CE1 . HIS A 1 55  ? -11.716 15.752  -18.895 1.00 91.13  ? 62  HIS A CE1 1 
ATOM   473  N  NE2 . HIS A 1 55  ? -12.957 15.308  -18.816 1.00 91.14  ? 62  HIS A NE2 1 
ATOM   474  N  N   . ASN A 1 56  ? -11.694 16.332  -13.596 1.00 86.51  ? 63  ASN A N   1 
ATOM   475  C  CA  . ASN A 1 56  ? -12.694 17.256  -13.074 1.00 87.62  ? 63  ASN A CA  1 
ATOM   476  C  C   . ASN A 1 56  ? -13.692 16.581  -12.137 1.00 88.04  ? 63  ASN A C   1 
ATOM   477  O  O   . ASN A 1 56  ? -14.834 16.328  -12.520 1.00 87.97  ? 63  ASN A O   1 
ATOM   478  C  CB  . ASN A 1 56  ? -13.462 17.911  -14.225 1.00 88.14  ? 63  ASN A CB  1 
ATOM   479  C  CG  . ASN A 1 56  ? -12.547 18.529  -15.259 1.00 89.61  ? 63  ASN A CG  1 
ATOM   480  O  OD1 . ASN A 1 56  ? -11.690 19.358  -14.936 1.00 89.35  ? 63  ASN A OD1 1 
ATOM   481  N  ND2 . ASN A 1 56  ? -12.725 18.131  -16.517 1.00 89.36  ? 63  ASN A ND2 1 
ATOM   482  N  N   . HIS A 1 57  ? -13.268 16.296  -10.911 1.00 88.40  ? 64  HIS A N   1 
ATOM   483  C  CA  . HIS A 1 57  ? -14.149 15.666  -9.932  1.00 89.14  ? 64  HIS A CA  1 
ATOM   484  C  C   . HIS A 1 57  ? -14.813 14.435  -10.548 1.00 87.54  ? 64  HIS A C   1 
ATOM   485  O  O   . HIS A 1 57  ? -15.954 14.101  -10.224 1.00 87.23  ? 64  HIS A O   1 
ATOM   486  C  CB  . HIS A 1 57  ? -15.244 16.648  -9.490  1.00 91.76  ? 64  HIS A CB  1 
ATOM   487  C  CG  . HIS A 1 57  ? -14.732 17.997  -9.086  1.00 93.90  ? 64  HIS A CG  1 
ATOM   488  N  ND1 . HIS A 1 57  ? -13.963 18.784  -9.919  1.00 94.27  ? 64  HIS A ND1 1 
ATOM   489  C  CD2 . HIS A 1 57  ? -14.904 18.711  -7.948  1.00 94.13  ? 64  HIS A CD2 1 
ATOM   490  C  CE1 . HIS A 1 57  ? -13.685 19.924  -9.313  1.00 94.22  ? 64  HIS A CE1 1 
ATOM   491  N  NE2 . HIS A 1 57  ? -14.244 19.907  -8.115  1.00 95.07  ? 64  HIS A NE2 1 
ATOM   492  N  N   . GLU A 1 58  ? -14.100 13.765  -11.443 1.00 85.35  ? 65  GLU A N   1 
ATOM   493  C  CA  . GLU A 1 58  ? -14.647 12.590  -12.099 1.00 83.38  ? 65  GLU A CA  1 
ATOM   494  C  C   . GLU A 1 58  ? -13.517 11.598  -12.354 1.00 80.67  ? 65  GLU A C   1 
ATOM   495  O  O   . GLU A 1 58  ? -12.654 11.843  -13.195 1.00 80.41  ? 65  GLU A O   1 
ATOM   496  C  CB  . GLU A 1 58  ? -15.299 13.001  -13.425 1.00 84.00  ? 65  GLU A CB  1 
ATOM   497  C  CG  . GLU A 1 58  ? -16.493 12.155  -13.833 1.00 86.29  ? 65  GLU A CG  1 
ATOM   498  C  CD  . GLU A 1 58  ? -17.036 12.511  -15.215 1.00 87.72  ? 65  GLU A CD  1 
ATOM   499  O  OE1 . GLU A 1 58  ? -18.065 11.919  -15.615 1.00 88.28  ? 65  GLU A OE1 1 
ATOM   500  O  OE2 . GLU A 1 58  ? -16.435 13.370  -15.902 1.00 87.12  ? 65  GLU A OE2 1 
ATOM   501  N  N   . ILE A 1 59  ? -13.517 10.487  -11.622 1.00 76.97  ? 66  ILE A N   1 
ATOM   502  C  CA  . ILE A 1 59  ? -12.479 9.474   -11.788 1.00 72.78  ? 66  ILE A CA  1 
ATOM   503  C  C   . ILE A 1 59  ? -12.642 8.729   -13.108 1.00 71.38  ? 66  ILE A C   1 
ATOM   504  O  O   . ILE A 1 59  ? -13.754 8.377   -13.500 1.00 71.20  ? 66  ILE A O   1 
ATOM   505  C  CB  . ILE A 1 59  ? -12.520 8.423   -10.678 1.00 71.22  ? 66  ILE A CB  1 
ATOM   506  C  CG1 . ILE A 1 59  ? -12.748 9.090   -9.321  1.00 68.93  ? 66  ILE A CG1 1 
ATOM   507  C  CG2 . ILE A 1 59  ? -11.211 7.645   -10.678 1.00 70.70  ? 66  ILE A CG2 1 
ATOM   508  C  CD1 . ILE A 1 59  ? -13.039 8.109   -8.219  1.00 65.35  ? 66  ILE A CD1 1 
ATOM   509  N  N   . ILE A 1 60  ? -11.525 8.482   -13.781 1.00 69.84  ? 67  ILE A N   1 
ATOM   510  C  CA  . ILE A 1 60  ? -11.527 7.775   -15.056 1.00 68.48  ? 67  ILE A CA  1 
ATOM   511  C  C   . ILE A 1 60  ? -10.493 6.634   -15.010 1.00 67.21  ? 67  ILE A C   1 
ATOM   512  O  O   . ILE A 1 60  ? -9.382  6.799   -14.494 1.00 67.34  ? 67  ILE A O   1 
ATOM   513  C  CB  . ILE A 1 60  ? -11.226 8.762   -16.218 1.00 69.95  ? 67  ILE A CB  1 
ATOM   514  C  CG1 . ILE A 1 60  ? -11.130 8.007   -17.535 1.00 72.78  ? 67  ILE A CG1 1 
ATOM   515  C  CG2 . ILE A 1 60  ? -9.926  9.519   -15.968 1.00 69.58  ? 67  ILE A CG2 1 
ATOM   516  C  CD1 . ILE A 1 60  ? -10.656 8.881   -18.676 1.00 75.41  ? 67  ILE A CD1 1 
ATOM   517  N  N   . VAL A 1 61  ? -10.867 5.479   -15.551 1.00 65.01  ? 68  VAL A N   1 
ATOM   518  C  CA  . VAL A 1 61  ? -10.013 4.290   -15.529 1.00 63.41  ? 68  VAL A CA  1 
ATOM   519  C  C   . VAL A 1 61  ? -9.533  3.763   -16.883 1.00 62.03  ? 68  VAL A C   1 
ATOM   520  O  O   . VAL A 1 61  ? -10.142 4.028   -17.914 1.00 61.59  ? 68  VAL A O   1 
ATOM   521  C  CB  . VAL A 1 61  ? -10.749 3.158   -14.778 1.00 63.00  ? 68  VAL A CB  1 
ATOM   522  C  CG1 . VAL A 1 61  ? -10.261 1.807   -15.231 1.00 64.16  ? 68  VAL A CG1 1 
ATOM   523  C  CG2 . VAL A 1 61  ? -10.537 3.319   -13.288 1.00 63.37  ? 68  VAL A CG2 1 
ATOM   524  N  N   . LYS A 1 62  ? -8.434  3.009   -16.862 1.00 61.29  ? 69  LYS A N   1 
ATOM   525  C  CA  . LYS A 1 62  ? -7.851  2.409   -18.069 1.00 60.05  ? 69  LYS A CA  1 
ATOM   526  C  C   . LYS A 1 62  ? -7.520  0.938   -17.814 1.00 60.34  ? 69  LYS A C   1 
ATOM   527  O  O   . LYS A 1 62  ? -6.555  0.630   -17.111 1.00 60.37  ? 69  LYS A O   1 
ATOM   528  C  CB  . LYS A 1 62  ? -6.567  3.131   -18.468 1.00 58.51  ? 69  LYS A CB  1 
ATOM   529  C  CG  . LYS A 1 62  ? -5.823  2.448   -19.609 1.00 56.05  ? 69  LYS A CG  1 
ATOM   530  C  CD  . LYS A 1 62  ? -6.593  2.559   -20.910 1.00 54.25  ? 69  LYS A CD  1 
ATOM   531  C  CE  . LYS A 1 62  ? -5.824  1.934   -22.041 1.00 53.31  ? 69  LYS A CE  1 
ATOM   532  N  NZ  . LYS A 1 62  ? -5.589  0.488   -21.781 1.00 52.54  ? 69  LYS A NZ  1 
ATOM   533  N  N   . LEU A 1 63  ? -8.305  0.040   -18.402 1.00 59.47  ? 70  LEU A N   1 
ATOM   534  C  CA  . LEU A 1 63  ? -8.115  -1.389  -18.213 1.00 58.76  ? 70  LEU A CA  1 
ATOM   535  C  C   . LEU A 1 63  ? -7.213  -2.044  -19.255 1.00 60.43  ? 70  LEU A C   1 
ATOM   536  O  O   . LEU A 1 63  ? -7.090  -1.566  -20.380 1.00 60.60  ? 70  LEU A O   1 
ATOM   537  C  CB  . LEU A 1 63  ? -9.472  -2.075  -18.215 1.00 59.15  ? 70  LEU A CB  1 
ATOM   538  C  CG  . LEU A 1 63  ? -10.542 -1.408  -17.354 1.00 58.72  ? 70  LEU A CG  1 
ATOM   539  C  CD1 . LEU A 1 63  ? -11.883 -2.085  -17.609 1.00 57.75  ? 70  LEU A CD1 1 
ATOM   540  C  CD2 . LEU A 1 63  ? -10.151 -1.496  -15.888 1.00 58.47  ? 70  LEU A CD2 1 
ATOM   541  N  N   . LYS A 1 64  ? -6.608  -3.162  -18.866 1.00 62.38  ? 71  LYS A N   1 
ATOM   542  C  CA  . LYS A 1 64  ? -5.688  -3.930  -19.705 1.00 63.38  ? 71  LYS A CA  1 
ATOM   543  C  C   . LYS A 1 64  ? -6.144  -4.264  -21.127 1.00 65.14  ? 71  LYS A C   1 
ATOM   544  O  O   . LYS A 1 64  ? -5.581  -3.756  -22.097 1.00 66.05  ? 71  LYS A O   1 
ATOM   545  C  CB  . LYS A 1 64  ? -5.316  -5.228  -18.988 1.00 62.34  ? 71  LYS A CB  1 
ATOM   546  C  CG  . LYS A 1 64  ? -3.838  -5.365  -18.661 1.00 61.03  ? 71  LYS A CG  1 
ATOM   547  C  CD  . LYS A 1 64  ? -3.021  -5.741  -19.878 1.00 60.06  ? 71  LYS A CD  1 
ATOM   548  C  CE  . LYS A 1 64  ? -1.537  -5.825  -19.532 1.00 60.82  ? 71  LYS A CE  1 
ATOM   549  N  NZ  . LYS A 1 64  ? -0.971  -4.504  -19.123 1.00 61.41  ? 71  LYS A NZ  1 
ATOM   550  N  N   . GLY A 1 65  ? -7.143  -5.126  -21.262 1.00 65.64  ? 72  GLY A N   1 
ATOM   551  C  CA  . GLY A 1 65  ? -7.588  -5.502  -22.596 1.00 68.34  ? 72  GLY A CA  1 
ATOM   552  C  C   . GLY A 1 65  ? -8.319  -4.455  -23.429 1.00 69.36  ? 72  GLY A C   1 
ATOM   553  O  O   . GLY A 1 65  ? -8.522  -4.643  -24.629 1.00 68.89  ? 72  GLY A O   1 
ATOM   554  N  N   . VAL A 1 66  ? -8.712  -3.352  -22.798 1.00 69.80  ? 73  VAL A N   1 
ATOM   555  C  CA  . VAL A 1 66  ? -9.448  -2.294  -23.477 1.00 70.71  ? 73  VAL A CA  1 
ATOM   556  C  C   . VAL A 1 66  ? -8.532  -1.189  -23.996 1.00 71.95  ? 73  VAL A C   1 
ATOM   557  O  O   . VAL A 1 66  ? -7.839  -0.537  -23.219 1.00 71.77  ? 73  VAL A O   1 
ATOM   558  C  CB  . VAL A 1 66  ? -10.476 -1.677  -22.519 1.00 70.21  ? 73  VAL A CB  1 
ATOM   559  C  CG1 . VAL A 1 66  ? -11.442 -0.793  -23.284 1.00 68.55  ? 73  VAL A CG1 1 
ATOM   560  C  CG2 . VAL A 1 66  ? -11.206 -2.780  -21.782 1.00 69.11  ? 73  VAL A CG2 1 
ATOM   561  N  N   . ASP A 1 67  ? -8.543  -0.964  -25.306 1.00 74.07  ? 74  ASP A N   1 
ATOM   562  C  CA  . ASP A 1 67  ? -7.685  0.068   -25.883 1.00 76.54  ? 74  ASP A CA  1 
ATOM   563  C  C   . ASP A 1 67  ? -8.347  1.010   -26.882 1.00 77.64  ? 74  ASP A C   1 
ATOM   564  O  O   . ASP A 1 67  ? -7.657  1.668   -27.660 1.00 77.40  ? 74  ASP A O   1 
ATOM   565  C  CB  . ASP A 1 67  ? -6.469  -0.581  -26.540 1.00 77.62  ? 74  ASP A CB  1 
ATOM   566  C  CG  . ASP A 1 67  ? -5.734  -1.513  -25.601 1.00 79.07  ? 74  ASP A CG  1 
ATOM   567  O  OD1 . ASP A 1 67  ? -6.322  -2.547  -25.220 1.00 81.11  ? 74  ASP A OD1 1 
ATOM   568  O  OD2 . ASP A 1 67  ? -4.580  -1.209  -25.240 1.00 78.57  ? 74  ASP A OD2 1 
ATOM   569  N  N   . ASP A 1 68  ? -9.675  1.079   -26.872 1.00 79.22  ? 75  ASP A N   1 
ATOM   570  C  CA  . ASP A 1 68  ? -10.377 1.976   -27.786 1.00 80.59  ? 75  ASP A CA  1 
ATOM   571  C  C   . ASP A 1 68  ? -11.838 2.206   -27.401 1.00 81.60  ? 75  ASP A C   1 
ATOM   572  O  O   . ASP A 1 68  ? -12.421 1.442   -26.630 1.00 81.23  ? 75  ASP A O   1 
ATOM   573  C  CB  . ASP A 1 68  ? -10.283 1.455   -29.225 1.00 80.02  ? 75  ASP A CB  1 
ATOM   574  C  CG  . ASP A 1 68  ? -10.840 0.057   -29.378 1.00 80.27  ? 75  ASP A CG  1 
ATOM   575  O  OD1 . ASP A 1 68  ? -12.057 -0.130  -29.166 1.00 81.21  ? 75  ASP A OD1 1 
ATOM   576  O  OD2 . ASP A 1 68  ? -10.058 -0.854  -29.709 1.00 80.26  ? 75  ASP A OD2 1 
ATOM   577  N  N   . ARG A 1 69  ? -12.415 3.270   -27.953 1.00 82.12  ? 76  ARG A N   1 
ATOM   578  C  CA  . ARG A 1 69  ? -13.796 3.644   -27.679 1.00 82.33  ? 76  ARG A CA  1 
ATOM   579  C  C   . ARG A 1 69  ? -14.807 2.513   -27.859 1.00 81.73  ? 76  ARG A C   1 
ATOM   580  O  O   . ARG A 1 69  ? -15.716 2.357   -27.043 1.00 80.98  ? 76  ARG A O   1 
ATOM   581  C  CB  . ARG A 1 69  ? -14.186 4.849   -28.551 1.00 84.14  ? 76  ARG A CB  1 
ATOM   582  C  CG  . ARG A 1 69  ? -15.655 5.247   -28.463 1.00 85.93  ? 76  ARG A CG  1 
ATOM   583  C  CD  . ARG A 1 69  ? -15.915 6.629   -29.047 1.00 87.63  ? 76  ARG A CD  1 
ATOM   584  N  NE  . ARG A 1 69  ? -15.345 7.696   -28.223 1.00 90.08  ? 76  ARG A NE  1 
ATOM   585  C  CZ  . ARG A 1 69  ? -15.702 8.978   -28.297 1.00 91.60  ? 76  ARG A CZ  1 
ATOM   586  N  NH1 . ARG A 1 69  ? -16.636 9.362   -29.164 1.00 91.32  ? 76  ARG A NH1 1 
ATOM   587  N  NH2 . ARG A 1 69  ? -15.133 9.880   -27.499 1.00 90.97  ? 76  ARG A NH2 1 
ATOM   588  N  N   . GLU A 1 70  ? -14.651 1.718   -28.912 1.00 81.92  ? 77  GLU A N   1 
ATOM   589  C  CA  . GLU A 1 70  ? -15.585 0.624   -29.161 1.00 82.91  ? 77  GLU A CA  1 
ATOM   590  C  C   . GLU A 1 70  ? -15.448 -0.509  -28.139 1.00 82.33  ? 77  GLU A C   1 
ATOM   591  O  O   . GLU A 1 70  ? -16.451 -1.068  -27.678 1.00 82.43  ? 77  GLU A O   1 
ATOM   592  C  CB  . GLU A 1 70  ? -15.389 0.069   -30.577 1.00 84.32  ? 77  GLU A CB  1 
ATOM   593  C  CG  . GLU A 1 70  ? -16.446 -0.958  -30.991 1.00 87.34  ? 77  GLU A CG  1 
ATOM   594  C  CD  . GLU A 1 70  ? -16.148 -1.621  -32.336 1.00 89.28  ? 77  GLU A CD  1 
ATOM   595  O  OE1 . GLU A 1 70  ? -15.109 -2.308  -32.445 1.00 89.15  ? 77  GLU A OE1 1 
ATOM   596  O  OE2 . GLU A 1 70  ? -16.956 -1.458  -33.282 1.00 90.05  ? 77  GLU A OE2 1 
ATOM   597  N  N   . ALA A 1 71  ? -14.208 -0.844  -27.785 1.00 80.77  ? 78  ALA A N   1 
ATOM   598  C  CA  . ALA A 1 71  ? -13.946 -1.918  -26.829 1.00 78.80  ? 78  ALA A CA  1 
ATOM   599  C  C   . ALA A 1 71  ? -14.396 -1.543  -25.423 1.00 77.60  ? 78  ALA A C   1 
ATOM   600  O  O   . ALA A 1 71  ? -14.722 -2.415  -24.620 1.00 77.02  ? 78  ALA A O   1 
ATOM   601  C  CB  . ALA A 1 71  ? -12.457 -2.270  -26.829 1.00 77.51  ? 78  ALA A CB  1 
ATOM   602  N  N   . ALA A 1 72  ? -14.411 -0.243  -25.136 1.00 76.91  ? 79  ALA A N   1 
ATOM   603  C  CA  . ALA A 1 72  ? -14.827 0.257   -23.831 1.00 76.55  ? 79  ALA A CA  1 
ATOM   604  C  C   . ALA A 1 72  ? -16.341 0.349   -23.801 1.00 76.64  ? 79  ALA A C   1 
ATOM   605  O  O   . ALA A 1 72  ? -16.962 0.120   -22.767 1.00 75.97  ? 79  ALA A O   1 
ATOM   606  C  CB  . ALA A 1 72  ? -14.220 1.627   -23.577 1.00 76.76  ? 79  ALA A CB  1 
ATOM   607  N  N   . GLN A 1 73  ? -16.917 0.692   -24.951 1.00 77.58  ? 80  GLN A N   1 
ATOM   608  C  CA  . GLN A 1 73  ? -18.363 0.824   -25.120 1.00 77.88  ? 80  GLN A CA  1 
ATOM   609  C  C   . GLN A 1 73  ? -19.043 -0.456  -24.638 1.00 76.57  ? 80  GLN A C   1 
ATOM   610  O  O   . GLN A 1 73  ? -20.051 -0.418  -23.938 1.00 75.74  ? 80  GLN A O   1 
ATOM   611  C  CB  . GLN A 1 73  ? -18.698 1.049   -26.602 1.00 80.59  ? 80  GLN A CB  1 
ATOM   612  C  CG  . GLN A 1 73  ? -19.761 2.118   -26.887 1.00 83.19  ? 80  GLN A CG  1 
ATOM   613  C  CD  . GLN A 1 73  ? -19.158 3.488   -27.200 1.00 85.41  ? 80  GLN A CD  1 
ATOM   614  O  OE1 . GLN A 1 73  ? -18.428 3.652   -28.184 1.00 84.92  ? 80  GLN A OE1 1 
ATOM   615  N  NE2 . GLN A 1 73  ? -19.464 4.479   -26.363 1.00 85.80  ? 80  GLN A NE2 1 
ATOM   616  N  N   . ILE A 1 74  ? -18.471 -1.590  -25.025 1.00 76.30  ? 81  ILE A N   1 
ATOM   617  C  CA  . ILE A 1 74  ? -18.991 -2.901  -24.657 1.00 76.01  ? 81  ILE A CA  1 
ATOM   618  C  C   . ILE A 1 74  ? -19.089 -3.087  -23.146 1.00 75.59  ? 81  ILE A C   1 
ATOM   619  O  O   . ILE A 1 74  ? -19.961 -3.807  -22.656 1.00 75.09  ? 81  ILE A O   1 
ATOM   620  C  CB  . ILE A 1 74  ? -18.089 -4.025  -25.232 1.00 76.50  ? 81  ILE A CB  1 
ATOM   621  C  CG1 . ILE A 1 74  ? -18.111 -3.980  -26.763 1.00 77.41  ? 81  ILE A CG1 1 
ATOM   622  C  CG2 . ILE A 1 74  ? -18.558 -5.383  -24.741 1.00 77.41  ? 81  ILE A CG2 1 
ATOM   623  C  CD1 . ILE A 1 74  ? -17.259 -5.052  -27.425 1.00 77.73  ? 81  ILE A CD1 1 
ATOM   624  N  N   . LEU A 1 75  ? -18.191 -2.429  -22.415 1.00 75.39  ? 82  LEU A N   1 
ATOM   625  C  CA  . LEU A 1 75  ? -18.138 -2.537  -20.961 1.00 73.64  ? 82  LEU A CA  1 
ATOM   626  C  C   . LEU A 1 75  ? -18.993 -1.560  -20.176 1.00 72.52  ? 82  LEU A C   1 
ATOM   627  O  O   . LEU A 1 75  ? -19.170 -1.731  -18.972 1.00 72.27  ? 82  LEU A O   1 
ATOM   628  C  CB  . LEU A 1 75  ? -16.697 -2.403  -20.487 1.00 73.87  ? 82  LEU A CB  1 
ATOM   629  C  CG  . LEU A 1 75  ? -15.788 -3.566  -20.877 1.00 74.93  ? 82  LEU A CG  1 
ATOM   630  C  CD1 . LEU A 1 75  ? -14.384 -3.322  -20.322 1.00 74.21  ? 82  LEU A CD1 1 
ATOM   631  C  CD2 . LEU A 1 75  ? -16.379 -4.874  -20.340 1.00 73.31  ? 82  LEU A CD2 1 
ATOM   632  N  N   . ALA A 1 76  ? -19.527 -0.545  -20.846 1.00 71.36  ? 83  ALA A N   1 
ATOM   633  C  CA  . ALA A 1 76  ? -20.348 0.458   -20.170 1.00 70.27  ? 83  ALA A CA  1 
ATOM   634  C  C   . ALA A 1 76  ? -21.411 -0.147  -19.254 1.00 68.71  ? 83  ALA A C   1 
ATOM   635  O  O   . ALA A 1 76  ? -22.131 -1.066  -19.641 1.00 68.14  ? 83  ALA A O   1 
ATOM   636  C  CB  . ALA A 1 76  ? -21.007 1.368   -21.198 1.00 70.59  ? 83  ALA A CB  1 
ATOM   637  N  N   . ASN A 1 77  ? -21.481 0.367   -18.030 1.00 66.99  ? 84  ASN A N   1 
ATOM   638  C  CA  . ASN A 1 77  ? -22.465 -0.074  -17.043 1.00 66.27  ? 84  ASN A CA  1 
ATOM   639  C  C   . ASN A 1 77  ? -22.373 -1.488  -16.491 1.00 64.52  ? 84  ASN A C   1 
ATOM   640  O  O   . ASN A 1 77  ? -23.397 -2.049  -16.101 1.00 63.87  ? 84  ASN A O   1 
ATOM   641  C  CB  . ASN A 1 77  ? -23.882 0.117   -17.586 1.00 67.54  ? 84  ASN A CB  1 
ATOM   642  C  CG  . ASN A 1 77  ? -24.273 1.566   -17.681 1.00 70.11  ? 84  ASN A CG  1 
ATOM   643  O  OD1 . ASN A 1 77  ? -24.219 2.298   -16.688 1.00 71.33  ? 84  ASN A OD1 1 
ATOM   644  N  ND2 . ASN A 1 77  ? -24.674 1.998   -18.876 1.00 70.55  ? 84  ASN A ND2 1 
ATOM   645  N  N   . VAL A 1 78  ? -21.184 -2.075  -16.445 1.00 62.55  ? 85  VAL A N   1 
ATOM   646  C  CA  . VAL A 1 78  ? -21.076 -3.424  -15.891 1.00 61.91  ? 85  VAL A CA  1 
ATOM   647  C  C   . VAL A 1 78  ? -20.532 -3.349  -14.470 1.00 60.26  ? 85  VAL A C   1 
ATOM   648  O  O   . VAL A 1 78  ? -19.751 -2.456  -14.140 1.00 59.65  ? 85  VAL A O   1 
ATOM   649  C  CB  . VAL A 1 78  ? -20.154 -4.343  -16.741 1.00 63.39  ? 85  VAL A CB  1 
ATOM   650  C  CG1 . VAL A 1 78  ? -20.717 -4.490  -18.148 1.00 62.76  ? 85  VAL A CG1 1 
ATOM   651  C  CG2 . VAL A 1 78  ? -18.746 -3.776  -16.786 1.00 63.79  ? 85  VAL A CG2 1 
ATOM   652  N  N   . GLU A 1 79  ? -20.952 -4.283  -13.625 1.00 59.07  ? 86  GLU A N   1 
ATOM   653  C  CA  . GLU A 1 79  ? -20.487 -4.291  -12.246 1.00 58.54  ? 86  GLU A CA  1 
ATOM   654  C  C   . GLU A 1 79  ? -19.039 -4.765  -12.112 1.00 58.21  ? 86  GLU A C   1 
ATOM   655  O  O   . GLU A 1 79  ? -18.588 -5.676  -12.813 1.00 57.55  ? 86  GLU A O   1 
ATOM   656  C  CB  . GLU A 1 79  ? -21.395 -5.168  -11.380 1.00 57.82  ? 86  GLU A CB  1 
ATOM   657  C  CG  . GLU A 1 79  ? -22.828 -4.669  -11.254 1.00 60.27  ? 86  GLU A CG  1 
ATOM   658  C  CD  . GLU A 1 79  ? -23.702 -5.595  -10.411 1.00 62.32  ? 86  GLU A CD  1 
ATOM   659  O  OE1 . GLU A 1 79  ? -23.852 -6.784  -10.782 1.00 63.69  ? 86  GLU A OE1 1 
ATOM   660  O  OE2 . GLU A 1 79  ? -24.237 -5.136  -9.376  1.00 62.31  ? 86  GLU A OE2 1 
ATOM   661  N  N   . ILE A 1 80  ? -18.314 -4.123  -11.201 1.00 58.19  ? 87  ILE A N   1 
ATOM   662  C  CA  . ILE A 1 80  ? -16.930 -4.461  -10.923 1.00 56.46  ? 87  ILE A CA  1 
ATOM   663  C  C   . ILE A 1 80  ? -16.923 -5.156  -9.563  1.00 56.30  ? 87  ILE A C   1 
ATOM   664  O  O   . ILE A 1 80  ? -17.605 -4.718  -8.631  1.00 57.38  ? 87  ILE A O   1 
ATOM   665  C  CB  . ILE A 1 80  ? -16.063 -3.184  -10.866 1.00 55.55  ? 87  ILE A CB  1 
ATOM   666  C  CG1 . ILE A 1 80  ? -16.100 -2.480  -12.225 1.00 58.27  ? 87  ILE A CG1 1 
ATOM   667  C  CG2 . ILE A 1 80  ? -14.622 -3.533  -10.476 1.00 56.85  ? 87  ILE A CG2 1 
ATOM   668  C  CD1 . ILE A 1 80  ? -15.440 -1.103  -12.240 1.00 57.78  ? 87  ILE A CD1 1 
ATOM   669  N  N   . GLY A 1 81  ? -16.170 -6.242  -9.453  1.00 55.82  ? 88  GLY A N   1 
ATOM   670  C  CA  . GLY A 1 81  ? -16.109 -6.957  -8.194  1.00 56.27  ? 88  GLY A CA  1 
ATOM   671  C  C   . GLY A 1 81  ? -14.694 -7.335  -7.812  1.00 56.73  ? 88  GLY A C   1 
ATOM   672  O  O   . GLY A 1 81  ? -13.803 -7.372  -8.661  1.00 56.22  ? 88  GLY A O   1 
ATOM   673  N  N   . VAL A 1 82  ? -14.481 -7.605  -6.528  1.00 56.44  ? 89  VAL A N   1 
ATOM   674  C  CA  . VAL A 1 82  ? -13.165 -7.994  -6.033  1.00 56.40  ? 89  VAL A CA  1 
ATOM   675  C  C   . VAL A 1 82  ? -13.304 -9.116  -5.007  1.00 58.66  ? 89  VAL A C   1 
ATOM   676  O  O   . VAL A 1 82  ? -14.361 -9.285  -4.400  1.00 60.56  ? 89  VAL A O   1 
ATOM   677  C  CB  . VAL A 1 82  ? -12.428 -6.811  -5.383  1.00 53.55  ? 89  VAL A CB  1 
ATOM   678  C  CG1 . VAL A 1 82  ? -12.078 -5.786  -6.424  1.00 51.85  ? 89  VAL A CG1 1 
ATOM   679  C  CG2 . VAL A 1 82  ? -13.282 -6.187  -4.316  1.00 53.17  ? 89  VAL A CG2 1 
ATOM   680  N  N   . ASP A 1 83  ? -12.238 -9.886  -4.823  1.00 59.44  ? 90  ASP A N   1 
ATOM   681  C  CA  . ASP A 1 83  ? -12.252 -10.996 -3.884  1.00 60.15  ? 90  ASP A CA  1 
ATOM   682  C  C   . ASP A 1 83  ? -11.875 -10.544 -2.463  1.00 60.31  ? 90  ASP A C   1 
ATOM   683  O  O   . ASP A 1 83  ? -10.698 -10.389 -2.132  1.00 59.40  ? 90  ASP A O   1 
ATOM   684  C  CB  . ASP A 1 83  ? -11.291 -12.077 -4.378  1.00 61.42  ? 90  ASP A CB  1 
ATOM   685  C  CG  . ASP A 1 83  ? -11.371 -13.340 -3.555  1.00 63.66  ? 90  ASP A CG  1 
ATOM   686  O  OD1 . ASP A 1 83  ? -12.123 -13.330 -2.551  1.00 65.43  ? 90  ASP A OD1 1 
ATOM   687  O  OD2 . ASP A 1 83  ? -10.687 -14.331 -3.906  1.00 61.18  ? 90  ASP A OD2 1 
ATOM   688  N  N   . LEU A 1 84  ? -12.889 -10.343 -1.625  1.00 60.23  ? 91  LEU A N   1 
ATOM   689  C  CA  . LEU A 1 84  ? -12.693 -9.897  -0.248  1.00 57.88  ? 91  LEU A CA  1 
ATOM   690  C  C   . LEU A 1 84  ? -12.588 -11.048 0.768   1.00 57.22  ? 91  LEU A C   1 
ATOM   691  O  O   . LEU A 1 84  ? -12.791 -10.848 1.968   1.00 57.88  ? 91  LEU A O   1 
ATOM   692  C  CB  . LEU A 1 84  ? -13.841 -8.961  0.151   1.00 59.02  ? 91  LEU A CB  1 
ATOM   693  C  CG  . LEU A 1 84  ? -13.650 -7.431  0.186   1.00 61.46  ? 91  LEU A CG  1 
ATOM   694  C  CD1 . LEU A 1 84  ? -12.700 -7.080  1.326   1.00 65.05  ? 91  LEU A CD1 1 
ATOM   695  C  CD2 . LEU A 1 84  ? -13.105 -6.904  -1.129  1.00 61.51  ? 91  LEU A CD2 1 
ATOM   696  N  N   . SER A 1 85  ? -12.267 -12.251 0.306   1.00 55.67  ? 92  SER A N   1 
ATOM   697  C  CA  . SER A 1 85  ? -12.154 -13.377 1.231   1.00 55.43  ? 92  SER A CA  1 
ATOM   698  C  C   . SER A 1 85  ? -10.873 -13.278 2.079   1.00 55.18  ? 92  SER A C   1 
ATOM   699  O  O   . SER A 1 85  ? -9.981  -12.487 1.773   1.00 55.62  ? 92  SER A O   1 
ATOM   700  C  CB  . SER A 1 85  ? -12.203 -14.706 0.457   1.00 54.11  ? 92  SER A CB  1 
ATOM   701  O  OG  . SER A 1 85  ? -11.236 -14.756 -0.572  1.00 53.01  ? 92  SER A OG  1 
ATOM   702  N  N   . VAL A 1 86  ? -10.786 -14.072 3.144   1.00 53.21  ? 93  VAL A N   1 
ATOM   703  C  CA  . VAL A 1 86  ? -9.618  -14.031 4.016   1.00 51.95  ? 93  VAL A CA  1 
ATOM   704  C  C   . VAL A 1 86  ? -8.335  -14.444 3.316   1.00 52.84  ? 93  VAL A C   1 
ATOM   705  O  O   . VAL A 1 86  ? -8.345  -15.229 2.365   1.00 54.14  ? 93  VAL A O   1 
ATOM   706  C  CB  . VAL A 1 86  ? -9.786  -14.939 5.260   1.00 51.21  ? 93  VAL A CB  1 
ATOM   707  C  CG1 . VAL A 1 86  ? -11.046 -14.552 6.011   1.00 52.83  ? 93  VAL A CG1 1 
ATOM   708  C  CG2 . VAL A 1 86  ? -9.832  -16.397 4.853   1.00 47.40  ? 93  VAL A CG2 1 
ATOM   709  N  N   . PHE A 1 87  ? -7.224  -13.901 3.798   1.00 51.58  ? 94  PHE A N   1 
ATOM   710  C  CA  . PHE A 1 87  ? -5.916  -14.224 3.259   1.00 50.63  ? 94  PHE A CA  1 
ATOM   711  C  C   . PHE A 1 87  ? -5.355  -15.384 4.071   1.00 50.59  ? 94  PHE A C   1 
ATOM   712  O  O   . PHE A 1 87  ? -5.771  -15.610 5.218   1.00 50.55  ? 94  PHE A O   1 
ATOM   713  C  CB  . PHE A 1 87  ? -4.998  -13.004 3.346   1.00 51.33  ? 94  PHE A CB  1 
ATOM   714  C  CG  . PHE A 1 87  ? -5.063  -12.129 2.134   1.00 51.36  ? 94  PHE A CG  1 
ATOM   715  C  CD1 . PHE A 1 87  ? -4.055  -12.175 1.176   1.00 50.94  ? 94  PHE A CD1 1 
ATOM   716  C  CD2 . PHE A 1 87  ? -6.169  -11.324 1.903   1.00 49.55  ? 94  PHE A CD2 1 
ATOM   717  C  CE1 . PHE A 1 87  ? -4.152  -11.435 0.006   1.00 50.67  ? 94  PHE A CE1 1 
ATOM   718  C  CE2 . PHE A 1 87  ? -6.274  -10.583 0.736   1.00 50.13  ? 94  PHE A CE2 1 
ATOM   719  C  CZ  . PHE A 1 87  ? -5.263  -10.642 -0.213  1.00 51.44  ? 94  PHE A CZ  1 
ATOM   720  N  N   . PRO A 1 88  ? -4.409  -16.139 3.495   1.00 49.68  ? 95  PRO A N   1 
ATOM   721  C  CA  . PRO A 1 88  ? -3.841  -17.272 4.231   1.00 49.37  ? 95  PRO A CA  1 
ATOM   722  C  C   . PRO A 1 88  ? -3.221  -16.886 5.574   1.00 51.18  ? 95  PRO A C   1 
ATOM   723  O  O   . PRO A 1 88  ? -2.639  -15.808 5.714   1.00 50.37  ? 95  PRO A O   1 
ATOM   724  C  CB  . PRO A 1 88  ? -2.823  -17.842 3.248   1.00 48.17  ? 95  PRO A CB  1 
ATOM   725  C  CG  . PRO A 1 88  ? -2.398  -16.662 2.477   1.00 49.48  ? 95  PRO A CG  1 
ATOM   726  C  CD  . PRO A 1 88  ? -3.697  -15.929 2.225   1.00 48.03  ? 95  PRO A CD  1 
ATOM   727  N  N   . GLU A 1 89  ? -3.369  -17.765 6.564   1.00 51.17  ? 96  GLU A N   1 
ATOM   728  C  CA  . GLU A 1 89  ? -2.813  -17.516 7.884   1.00 51.59  ? 96  GLU A CA  1 
ATOM   729  C  C   . GLU A 1 89  ? -1.291  -17.530 7.791   1.00 52.26  ? 96  GLU A C   1 
ATOM   730  O  O   . GLU A 1 89  ? -0.683  -18.539 7.401   1.00 51.47  ? 96  GLU A O   1 
ATOM   731  C  CB  . GLU A 1 89  ? -3.290  -18.584 8.863   1.00 54.49  ? 96  GLU A CB  1 
ATOM   732  C  CG  . GLU A 1 89  ? -2.679  -18.511 10.260  1.00 58.71  ? 96  GLU A CG  1 
ATOM   733  C  CD  . GLU A 1 89  ? -3.216  -19.607 11.189  1.00 62.81  ? 96  GLU A CD  1 
ATOM   734  O  OE1 . GLU A 1 89  ? -2.427  -20.145 12.001  1.00 62.82  ? 96  GLU A OE1 1 
ATOM   735  O  OE2 . GLU A 1 89  ? -4.425  -19.931 11.110  1.00 64.42  ? 96  GLU A OE2 1 
ATOM   736  N  N   . LEU A 1 90  ? -0.689  -16.395 8.145   1.00 49.85  ? 97  LEU A N   1 
ATOM   737  C  CA  . LEU A 1 90  ? 0.759   -16.214 8.117   1.00 46.89  ? 97  LEU A CA  1 
ATOM   738  C  C   . LEU A 1 90  ? 1.507   -17.150 9.057   1.00 46.22  ? 97  LEU A C   1 
ATOM   739  O  O   . LEU A 1 90  ? 1.099   -17.352 10.194  1.00 44.98  ? 97  LEU A O   1 
ATOM   740  C  CB  . LEU A 1 90  ? 1.094   -14.761 8.480   1.00 45.41  ? 97  LEU A CB  1 
ATOM   741  C  CG  . LEU A 1 90  ? 1.283   -13.717 7.368   1.00 44.52  ? 97  LEU A CG  1 
ATOM   742  C  CD1 . LEU A 1 90  ? 0.618   -14.139 6.085   1.00 42.19  ? 97  LEU A CD1 1 
ATOM   743  C  CD2 . LEU A 1 90  ? 0.741   -12.395 7.847   1.00 41.85  ? 97  LEU A CD2 1 
ATOM   744  N  N   . GLU A 1 91  ? 2.615   -17.713 8.581   1.00 47.01  ? 98  GLU A N   1 
ATOM   745  C  CA  . GLU A 1 91  ? 3.428   -18.605 9.402   1.00 48.28  ? 98  GLU A CA  1 
ATOM   746  C  C   . GLU A 1 91  ? 4.425   -17.772 10.202  1.00 49.26  ? 98  GLU A C   1 
ATOM   747  O  O   . GLU A 1 91  ? 5.242   -18.315 10.936  1.00 50.67  ? 98  GLU A O   1 
ATOM   748  C  CB  . GLU A 1 91  ? 4.220   -19.573 8.526   1.00 48.20  ? 98  GLU A CB  1 
ATOM   749  C  CG  . GLU A 1 91  ? 3.390   -20.413 7.570   1.00 50.38  ? 98  GLU A CG  1 
ATOM   750  C  CD  . GLU A 1 91  ? 4.241   -21.113 6.511   1.00 50.25  ? 98  GLU A CD  1 
ATOM   751  O  OE1 . GLU A 1 91  ? 3.700   -21.975 5.783   1.00 50.42  ? 98  GLU A OE1 1 
ATOM   752  O  OE2 . GLU A 1 91  ? 5.445   -20.790 6.399   1.00 50.06  ? 98  GLU A OE2 1 
ATOM   753  N  N   . GLU A 1 92  ? 4.356   -16.452 10.056  1.00 50.31  ? 99  GLU A N   1 
ATOM   754  C  CA  . GLU A 1 92  ? 5.285   -15.563 10.733  1.00 51.19  ? 99  GLU A CA  1 
ATOM   755  C  C   . GLU A 1 92  ? 4.760   -14.128 10.731  1.00 50.95  ? 99  GLU A C   1 
ATOM   756  O  O   . GLU A 1 92  ? 4.464   -13.577 9.662   1.00 50.20  ? 99  GLU A O   1 
ATOM   757  C  CB  . GLU A 1 92  ? 6.639   -15.612 10.007  1.00 55.45  ? 99  GLU A CB  1 
ATOM   758  C  CG  . GLU A 1 92  ? 7.794   -14.874 10.689  1.00 59.82  ? 99  GLU A CG  1 
ATOM   759  C  CD  . GLU A 1 92  ? 9.091   -14.914 9.867   1.00 63.54  ? 99  GLU A CD  1 
ATOM   760  O  OE1 . GLU A 1 92  ? 9.237   -14.068 8.948   1.00 62.48  ? 99  GLU A OE1 1 
ATOM   761  O  OE2 . GLU A 1 92  ? 9.953   -15.797 10.136  1.00 62.42  ? 99  GLU A OE2 1 
ATOM   762  N  N   . GLY A 1 93  ? 4.657   -13.530 11.925  1.00 49.54  ? 100 GLY A N   1 
ATOM   763  C  CA  . GLY A 1 93  ? 4.192   -12.158 12.055  1.00 47.64  ? 100 GLY A CA  1 
ATOM   764  C  C   . GLY A 1 93  ? 2.743   -11.956 11.658  1.00 49.17  ? 100 GLY A C   1 
ATOM   765  O  O   . GLY A 1 93  ? 1.937   -12.882 11.719  1.00 50.30  ? 100 GLY A O   1 
ATOM   766  N  N   . ASP A 1 94  ? 2.398   -10.738 11.261  1.00 49.72  ? 101 ASP A N   1 
ATOM   767  C  CA  . ASP A 1 94  ? 1.036   -10.445 10.835  1.00 50.92  ? 101 ASP A CA  1 
ATOM   768  C  C   . ASP A 1 94  ? 1.041   -9.542  9.623   1.00 48.70  ? 101 ASP A C   1 
ATOM   769  O  O   . ASP A 1 94  ? 2.080   -8.989  9.262   1.00 47.90  ? 101 ASP A O   1 
ATOM   770  C  CB  . ASP A 1 94  ? 0.231   -9.790  11.956  1.00 53.42  ? 101 ASP A CB  1 
ATOM   771  C  CG  . ASP A 1 94  ? 1.101   -9.118  12.969  1.00 56.07  ? 101 ASP A CG  1 
ATOM   772  O  OD1 . ASP A 1 94  ? 1.669   -9.845  13.814  1.00 59.80  ? 101 ASP A OD1 1 
ATOM   773  O  OD2 . ASP A 1 94  ? 1.226   -7.872  12.919  1.00 57.07  ? 101 ASP A OD2 1 
ATOM   774  N  N   . TYR A 1 95  ? -0.129  -9.388  9.009   1.00 47.54  ? 102 TYR A N   1 
ATOM   775  C  CA  . TYR A 1 95  ? -0.256  -8.570  7.812   1.00 46.18  ? 102 TYR A CA  1 
ATOM   776  C  C   . TYR A 1 95  ? 0.103   -7.117  8.014   1.00 46.39  ? 102 TYR A C   1 
ATOM   777  O  O   . TYR A 1 95  ? 0.570   -6.459  7.075   1.00 47.04  ? 102 TYR A O   1 
ATOM   778  C  CB  . TYR A 1 95  ? -1.666  -8.678  7.229   1.00 44.16  ? 102 TYR A CB  1 
ATOM   779  C  CG  . TYR A 1 95  ? -1.855  -9.968  6.482   1.00 43.22  ? 102 TYR A CG  1 
ATOM   780  C  CD1 . TYR A 1 95  ? -2.191  -11.135 7.156   1.00 42.59  ? 102 TYR A CD1 1 
ATOM   781  C  CD2 . TYR A 1 95  ? -1.577  -10.051 5.119   1.00 44.42  ? 102 TYR A CD2 1 
ATOM   782  C  CE1 . TYR A 1 95  ? -2.239  -12.362 6.505   1.00 43.79  ? 102 TYR A CE1 1 
ATOM   783  C  CE2 . TYR A 1 95  ? -1.618  -11.281 4.446   1.00 46.14  ? 102 TYR A CE2 1 
ATOM   784  C  CZ  . TYR A 1 95  ? -1.951  -12.433 5.153   1.00 46.66  ? 102 TYR A CZ  1 
ATOM   785  O  OH  . TYR A 1 95  ? -1.982  -13.655 4.525   1.00 48.73  ? 102 TYR A OH  1 
ATOM   786  N  N   . TYR A 1 96  ? -0.084  -6.609  9.229   1.00 44.01  ? 103 TYR A N   1 
ATOM   787  C  CA  . TYR A 1 96  ? 0.238   -5.217  9.454   1.00 44.10  ? 103 TYR A CA  1 
ATOM   788  C  C   . TYR A 1 96  ? 1.723   -4.943  9.248   1.00 44.31  ? 103 TYR A C   1 
ATOM   789  O  O   . TYR A 1 96  ? 2.090   -3.826  8.897   1.00 45.21  ? 103 TYR A O   1 
ATOM   790  C  CB  . TYR A 1 96  ? -0.201  -4.765  10.848  1.00 43.91  ? 103 TYR A CB  1 
ATOM   791  C  CG  . TYR A 1 96  ? -0.316  -3.260  10.946  1.00 43.42  ? 103 TYR A CG  1 
ATOM   792  C  CD1 . TYR A 1 96  ? 0.768   -2.474  11.337  1.00 42.64  ? 103 TYR A CD1 1 
ATOM   793  C  CD2 . TYR A 1 96  ? -1.501  -2.613  10.582  1.00 45.32  ? 103 TYR A CD2 1 
ATOM   794  C  CE1 . TYR A 1 96  ? 0.675   -1.066  11.365  1.00 43.28  ? 103 TYR A CE1 1 
ATOM   795  C  CE2 . TYR A 1 96  ? -1.608  -1.209  10.599  1.00 44.93  ? 103 TYR A CE2 1 
ATOM   796  C  CZ  . TYR A 1 96  ? -0.522  -0.449  10.994  1.00 45.27  ? 103 TYR A CZ  1 
ATOM   797  O  OH  . TYR A 1 96  ? -0.651  0.920   11.039  1.00 48.12  ? 103 TYR A OH  1 
ATOM   798  N  N   . TRP A 1 97  ? 2.569   -5.952  9.452   1.00 43.84  ? 104 TRP A N   1 
ATOM   799  C  CA  . TRP A 1 97  ? 4.012   -5.776  9.256   1.00 44.19  ? 104 TRP A CA  1 
ATOM   800  C  C   . TRP A 1 97  ? 4.290   -5.225  7.859   1.00 43.70  ? 104 TRP A C   1 
ATOM   801  O  O   . TRP A 1 97  ? 5.123   -4.337  7.678   1.00 41.90  ? 104 TRP A O   1 
ATOM   802  C  CB  . TRP A 1 97  ? 4.755   -7.106  9.431   1.00 44.02  ? 104 TRP A CB  1 
ATOM   803  C  CG  . TRP A 1 97  ? 4.854   -7.570  10.851  1.00 42.74  ? 104 TRP A CG  1 
ATOM   804  C  CD1 . TRP A 1 97  ? 4.173   -7.078  11.919  1.00 42.49  ? 104 TRP A CD1 1 
ATOM   805  C  CD2 . TRP A 1 97  ? 5.669   -8.644  11.351  1.00 43.08  ? 104 TRP A CD2 1 
ATOM   806  N  NE1 . TRP A 1 97  ? 4.508   -7.775  13.061  1.00 44.20  ? 104 TRP A NE1 1 
ATOM   807  C  CE2 . TRP A 1 97  ? 5.424   -8.742  12.744  1.00 42.92  ? 104 TRP A CE2 1 
ATOM   808  C  CE3 . TRP A 1 97  ? 6.580   -9.535  10.756  1.00 40.61  ? 104 TRP A CE3 1 
ATOM   809  C  CZ2 . TRP A 1 97  ? 6.054   -9.695  13.560  1.00 41.08  ? 104 TRP A CZ2 1 
ATOM   810  C  CZ3 . TRP A 1 97  ? 7.207   -10.487 11.561  1.00 40.81  ? 104 TRP A CZ3 1 
ATOM   811  C  CH2 . TRP A 1 97  ? 6.937   -10.557 12.958  1.00 41.40  ? 104 TRP A CH2 1 
ATOM   812  N  N   . HIS A 1 98  ? 3.572   -5.755  6.875   1.00 43.72  ? 105 HIS A N   1 
ATOM   813  C  CA  . HIS A 1 98  ? 3.739   -5.329  5.495   1.00 45.39  ? 105 HIS A CA  1 
ATOM   814  C  C   . HIS A 1 98  ? 3.689   -3.809  5.320   1.00 45.67  ? 105 HIS A C   1 
ATOM   815  O  O   . HIS A 1 98  ? 4.319   -3.274  4.414   1.00 47.79  ? 105 HIS A O   1 
ATOM   816  C  CB  . HIS A 1 98  ? 2.677   -5.999  4.625   1.00 43.35  ? 105 HIS A CB  1 
ATOM   817  C  CG  . HIS A 1 98  ? 2.680   -7.491  4.724   1.00 43.57  ? 105 HIS A CG  1 
ATOM   818  N  ND1 . HIS A 1 98  ? 1.661   -8.276  4.223   1.00 43.84  ? 105 HIS A ND1 1 
ATOM   819  C  CD2 . HIS A 1 98  ? 3.570   -8.343  5.289   1.00 42.35  ? 105 HIS A CD2 1 
ATOM   820  C  CE1 . HIS A 1 98  ? 1.920   -9.546  4.481   1.00 42.78  ? 105 HIS A CE1 1 
ATOM   821  N  NE2 . HIS A 1 98  ? 3.073   -9.614  5.127   1.00 42.49  ? 105 HIS A NE2 1 
ATOM   822  N  N   . ASP A 1 99  ? 2.951   -3.114  6.182   1.00 46.05  ? 106 ASP A N   1 
ATOM   823  C  CA  . ASP A 1 99  ? 2.849   -1.653  6.094   1.00 47.13  ? 106 ASP A CA  1 
ATOM   824  C  C   . ASP A 1 99  ? 4.070   -0.919  6.634   1.00 47.83  ? 106 ASP A C   1 
ATOM   825  O  O   . ASP A 1 99  ? 4.245   0.267   6.366   1.00 46.43  ? 106 ASP A O   1 
ATOM   826  C  CB  . ASP A 1 99  ? 1.626   -1.138  6.850   1.00 47.95  ? 106 ASP A CB  1 
ATOM   827  C  CG  . ASP A 1 99  ? 0.326   -1.535  6.198   1.00 49.37  ? 106 ASP A CG  1 
ATOM   828  O  OD1 . ASP A 1 99  ? 0.217   -1.398  4.957   1.00 48.35  ? 106 ASP A OD1 1 
ATOM   829  O  OD2 . ASP A 1 99  ? -0.590  -1.965  6.939   1.00 50.36  ? 106 ASP A OD2 1 
ATOM   830  N  N   . LEU A 1 100 ? 4.898   -1.617  7.410   1.00 49.11  ? 107 LEU A N   1 
ATOM   831  C  CA  . LEU A 1 100 ? 6.099   -1.012  7.984   1.00 47.52  ? 107 LEU A CA  1 
ATOM   832  C  C   . LEU A 1 100 ? 7.248   -1.028  6.990   1.00 47.77  ? 107 LEU A C   1 
ATOM   833  O  O   . LEU A 1 100 ? 8.128   -0.174  7.046   1.00 47.63  ? 107 LEU A O   1 
ATOM   834  C  CB  . LEU A 1 100 ? 6.503   -1.741  9.269   1.00 45.21  ? 107 LEU A CB  1 
ATOM   835  C  CG  . LEU A 1 100 ? 5.415   -1.709  10.355  1.00 46.20  ? 107 LEU A CG  1 
ATOM   836  C  CD1 . LEU A 1 100 ? 5.879   -2.472  11.584  1.00 47.14  ? 107 LEU A CD1 1 
ATOM   837  C  CD2 . LEU A 1 100 ? 5.093   -0.268  10.729  1.00 44.21  ? 107 LEU A CD2 1 
ATOM   838  N  N   . ILE A 1 101 ? 7.235   -1.984  6.066   1.00 47.17  ? 108 ILE A N   1 
ATOM   839  C  CA  . ILE A 1 101 ? 8.300   -2.055  5.071   1.00 46.78  ? 108 ILE A CA  1 
ATOM   840  C  C   . ILE A 1 101 ? 8.299   -0.751  4.287   1.00 47.34  ? 108 ILE A C   1 
ATOM   841  O  O   . ILE A 1 101 ? 7.251   -0.309  3.817   1.00 47.45  ? 108 ILE A O   1 
ATOM   842  C  CB  . ILE A 1 101 ? 8.089   -3.214  4.084   1.00 46.41  ? 108 ILE A CB  1 
ATOM   843  C  CG1 . ILE A 1 101 ? 7.877   -4.529  4.844   1.00 45.92  ? 108 ILE A CG1 1 
ATOM   844  C  CG2 . ILE A 1 101 ? 9.290   -3.323  3.170   1.00 45.18  ? 108 ILE A CG2 1 
ATOM   845  C  CD1 . ILE A 1 101 ? 9.034   -4.934  5.731   1.00 45.92  ? 108 ILE A CD1 1 
ATOM   846  N  N   . GLY A 1 102 ? 9.468   -0.129  4.157   1.00 46.88  ? 109 GLY A N   1 
ATOM   847  C  CA  . GLY A 1 102 ? 9.556   1.123   3.427   1.00 44.21  ? 109 GLY A CA  1 
ATOM   848  C  C   . GLY A 1 102 ? 9.395   2.390   4.264   1.00 44.06  ? 109 GLY A C   1 
ATOM   849  O  O   . GLY A 1 102 ? 9.566   3.495   3.743   1.00 44.43  ? 109 GLY A O   1 
ATOM   850  N  N   . CYS A 1 103 ? 9.051   2.257   5.543   1.00 43.26  ? 110 CYS A N   1 
ATOM   851  C  CA  . CYS A 1 103 ? 8.907   3.437   6.399   1.00 44.70  ? 110 CYS A CA  1 
ATOM   852  C  C   . CYS A 1 103 ? 10.282  3.960   6.806   1.00 43.86  ? 110 CYS A C   1 
ATOM   853  O  O   . CYS A 1 103 ? 11.278  3.242   6.715   1.00 45.41  ? 110 CYS A O   1 
ATOM   854  C  CB  . CYS A 1 103 ? 8.106   3.107   7.663   1.00 44.15  ? 110 CYS A CB  1 
ATOM   855  S  SG  . CYS A 1 103 ? 6.348   2.848   7.368   1.00 44.61  ? 110 CYS A SG  1 
ATOM   856  N  N   . THR A 1 104 ? 10.337  5.217   7.231   1.00 42.46  ? 111 THR A N   1 
ATOM   857  C  CA  . THR A 1 104 ? 11.589  5.816   7.665   1.00 41.48  ? 111 THR A CA  1 
ATOM   858  C  C   . THR A 1 104 ? 11.559  5.887   9.181   1.00 41.09  ? 111 THR A C   1 
ATOM   859  O  O   . THR A 1 104 ? 10.571  6.311   9.781   1.00 42.02  ? 111 THR A O   1 
ATOM   860  C  CB  . THR A 1 104 ? 11.782  7.235   7.100   1.00 40.80  ? 111 THR A CB  1 
ATOM   861  O  OG1 . THR A 1 104 ? 11.856  7.170   5.675   1.00 41.96  ? 111 THR A OG1 1 
ATOM   862  C  CG2 . THR A 1 104 ? 13.075  7.855   7.623   1.00 39.42  ? 111 THR A CG2 1 
ATOM   863  N  N   . VAL A 1 105 ? 12.650  5.458   9.793   1.00 40.15  ? 112 VAL A N   1 
ATOM   864  C  CA  . VAL A 1 105 ? 12.774  5.442   11.239  1.00 40.49  ? 112 VAL A CA  1 
ATOM   865  C  C   . VAL A 1 105 ? 13.537  6.662   11.738  1.00 42.14  ? 112 VAL A C   1 
ATOM   866  O  O   . VAL A 1 105 ? 14.632  6.965   11.249  1.00 42.76  ? 112 VAL A O   1 
ATOM   867  C  CB  . VAL A 1 105 ? 13.522  4.173   11.679  1.00 38.45  ? 112 VAL A CB  1 
ATOM   868  C  CG1 . VAL A 1 105 ? 13.680  4.153   13.160  1.00 37.74  ? 112 VAL A CG1 1 
ATOM   869  C  CG2 . VAL A 1 105 ? 12.763  2.949   11.206  1.00 41.22  ? 112 VAL A CG2 1 
ATOM   870  N  N   . VAL A 1 106 ? 12.956  7.380   12.695  1.00 41.79  ? 113 VAL A N   1 
ATOM   871  C  CA  . VAL A 1 106 ? 13.639  8.538   13.247  1.00 43.19  ? 113 VAL A CA  1 
ATOM   872  C  C   . VAL A 1 106 ? 13.518  8.448   14.755  1.00 42.73  ? 113 VAL A C   1 
ATOM   873  O  O   . VAL A 1 106 ? 12.422  8.233   15.274  1.00 41.97  ? 113 VAL A O   1 
ATOM   874  C  CB  . VAL A 1 106 ? 13.033  9.875   12.725  1.00 45.01  ? 113 VAL A CB  1 
ATOM   875  C  CG1 . VAL A 1 106 ? 12.556  9.688   11.289  1.00 42.64  ? 113 VAL A CG1 1 
ATOM   876  C  CG2 . VAL A 1 106 ? 11.911  10.360  13.637  1.00 43.87  ? 113 VAL A CG2 1 
ATOM   877  N  N   . ASN A 1 107 ? 14.638  8.597   15.459  1.00 41.51  ? 114 ASN A N   1 
ATOM   878  C  CA  . ASN A 1 107 ? 14.599  8.501   16.910  1.00 43.27  ? 114 ASN A CA  1 
ATOM   879  C  C   . ASN A 1 107 ? 14.144  9.791   17.593  1.00 44.72  ? 114 ASN A C   1 
ATOM   880  O  O   . ASN A 1 107 ? 13.905  10.813  16.946  1.00 47.18  ? 114 ASN A O   1 
ATOM   881  C  CB  . ASN A 1 107 ? 15.961  8.064   17.471  1.00 42.55  ? 114 ASN A CB  1 
ATOM   882  C  CG  . ASN A 1 107 ? 17.036  9.118   17.304  1.00 41.78  ? 114 ASN A CG  1 
ATOM   883  O  OD1 . ASN A 1 107 ? 16.747  10.318  17.209  1.00 39.57  ? 114 ASN A OD1 1 
ATOM   884  N  ND2 . ASN A 1 107 ? 18.291  8.677   17.296  1.00 39.26  ? 114 ASN A ND2 1 
ATOM   885  N  N   . LEU A 1 108 ? 14.025  9.735   18.914  1.00 44.85  ? 115 LEU A N   1 
ATOM   886  C  CA  . LEU A 1 108 ? 13.576  10.874  19.694  1.00 45.91  ? 115 LEU A CA  1 
ATOM   887  C  C   . LEU A 1 108 ? 14.421  12.129  19.535  1.00 47.97  ? 115 LEU A C   1 
ATOM   888  O  O   . LEU A 1 108 ? 13.965  13.234  19.840  1.00 48.15  ? 115 LEU A O   1 
ATOM   889  C  CB  . LEU A 1 108 ? 13.509  10.477  21.157  1.00 45.54  ? 115 LEU A CB  1 
ATOM   890  C  CG  . LEU A 1 108 ? 12.158  10.005  21.707  1.00 46.49  ? 115 LEU A CG  1 
ATOM   891  C  CD1 . LEU A 1 108 ? 11.169  9.650   20.591  1.00 41.74  ? 115 LEU A CD1 1 
ATOM   892  C  CD2 . LEU A 1 108 ? 12.422  8.830   22.661  1.00 43.99  ? 115 LEU A CD2 1 
ATOM   893  N  N   . GLU A 1 109 ? 15.645  11.973  19.049  1.00 49.73  ? 116 GLU A N   1 
ATOM   894  C  CA  . GLU A 1 109 ? 16.526  13.119  18.863  1.00 51.37  ? 116 GLU A CA  1 
ATOM   895  C  C   . GLU A 1 109 ? 16.343  13.707  17.459  1.00 51.13  ? 116 GLU A C   1 
ATOM   896  O  O   . GLU A 1 109 ? 16.984  14.703  17.092  1.00 51.56  ? 116 GLU A O   1 
ATOM   897  C  CB  . GLU A 1 109 ? 17.977  12.686  19.072  1.00 52.95  ? 116 GLU A CB  1 
ATOM   898  C  CG  . GLU A 1 109 ? 18.707  13.372  20.217  1.00 58.38  ? 116 GLU A CG  1 
ATOM   899  C  CD  . GLU A 1 109 ? 18.019  13.210  21.559  1.00 61.71  ? 116 GLU A CD  1 
ATOM   900  O  OE1 . GLU A 1 109 ? 17.053  13.959  21.825  1.00 64.79  ? 116 GLU A OE1 1 
ATOM   901  O  OE2 . GLU A 1 109 ? 18.438  12.335  22.353  1.00 62.97  ? 116 GLU A OE2 1 
ATOM   902  N  N   . GLY A 1 110 ? 15.471  13.083  16.669  1.00 48.98  ? 117 GLY A N   1 
ATOM   903  C  CA  . GLY A 1 110 ? 15.233  13.564  15.318  1.00 47.48  ? 117 GLY A CA  1 
ATOM   904  C  C   . GLY A 1 110 ? 16.226  13.077  14.270  1.00 45.75  ? 117 GLY A C   1 
ATOM   905  O  O   . GLY A 1 110 ? 16.300  13.642  13.178  1.00 46.17  ? 117 GLY A O   1 
ATOM   906  N  N   . TYR A 1 111 ? 16.991  12.038  14.600  1.00 44.43  ? 118 TYR A N   1 
ATOM   907  C  CA  . TYR A 1 111 ? 17.979  11.465  13.689  1.00 43.17  ? 118 TYR A CA  1 
ATOM   908  C  C   . TYR A 1 111 ? 17.291  10.401  12.818  1.00 45.43  ? 118 TYR A C   1 
ATOM   909  O  O   . TYR A 1 111 ? 16.530  9.576   13.331  1.00 46.94  ? 118 TYR A O   1 
ATOM   910  C  CB  . TYR A 1 111 ? 19.115  10.852  14.513  1.00 39.62  ? 118 TYR A CB  1 
ATOM   911  C  CG  . TYR A 1 111 ? 20.246  10.229  13.716  1.00 38.25  ? 118 TYR A CG  1 
ATOM   912  C  CD1 . TYR A 1 111 ? 20.126  8.947   13.168  1.00 37.14  ? 118 TYR A CD1 1 
ATOM   913  C  CD2 . TYR A 1 111 ? 21.453  10.911  13.531  1.00 36.99  ? 118 TYR A CD2 1 
ATOM   914  C  CE1 . TYR A 1 111 ? 21.189  8.361   12.460  1.00 34.39  ? 118 TYR A CE1 1 
ATOM   915  C  CE2 . TYR A 1 111 ? 22.512  10.339  12.816  1.00 34.11  ? 118 TYR A CE2 1 
ATOM   916  C  CZ  . TYR A 1 111 ? 22.372  9.066   12.291  1.00 36.12  ? 118 TYR A CZ  1 
ATOM   917  O  OH  . TYR A 1 111 ? 23.415  8.498   11.592  1.00 40.69  ? 118 TYR A OH  1 
ATOM   918  N  N   . THR A 1 112 ? 17.544  10.449  11.508  1.00 46.09  ? 119 THR A N   1 
ATOM   919  C  CA  . THR A 1 112 ? 16.971  9.516   10.534  1.00 45.79  ? 119 THR A CA  1 
ATOM   920  C  C   . THR A 1 112 ? 17.796  8.232   10.508  1.00 48.24  ? 119 THR A C   1 
ATOM   921  O  O   . THR A 1 112 ? 18.920  8.198   10.001  1.00 47.18  ? 119 THR A O   1 
ATOM   922  C  CB  . THR A 1 112 ? 16.956  10.146  9.123   1.00 45.55  ? 119 THR A CB  1 
ATOM   923  O  OG1 . THR A 1 112 ? 16.045  11.249  9.109   1.00 47.52  ? 119 THR A OG1 1 
ATOM   924  C  CG2 . THR A 1 112 ? 16.537  9.142   8.066   1.00 44.86  ? 119 THR A CG2 1 
HETATM 925  N  N   . MSE A 1 113 ? 17.217  7.171   11.053  1.00 50.57  ? 120 MSE A N   1 
HETATM 926  C  CA  . MSE A 1 113 ? 17.884  5.885   11.143  1.00 54.55  ? 120 MSE A CA  1 
HETATM 927  C  C   . MSE A 1 113 ? 17.991  5.152   9.814   1.00 54.82  ? 120 MSE A C   1 
HETATM 928  O  O   . MSE A 1 113 ? 18.857  4.294   9.649   1.00 56.43  ? 120 MSE A O   1 
HETATM 929  C  CB  . MSE A 1 113 ? 17.132  5.000   12.134  1.00 60.90  ? 120 MSE A CB  1 
HETATM 930  C  CG  . MSE A 1 113 ? 16.759  5.692   13.433  1.00 67.87  ? 120 MSE A CG  1 
HETATM 931  SE SE  . MSE A 1 113 ? 18.152  5.557   14.748  1.00 79.28  ? 120 MSE A SE  1 
HETATM 932  C  CE  . MSE A 1 113 ? 17.337  4.187   15.831  1.00 75.61  ? 120 MSE A CE  1 
ATOM   933  N  N   . GLY A 1 114 ? 17.111  5.477   8.873   1.00 54.31  ? 121 GLY A N   1 
ATOM   934  C  CA  . GLY A 1 114 ? 17.133  4.797   7.591   1.00 51.43  ? 121 GLY A CA  1 
ATOM   935  C  C   . GLY A 1 114 ? 15.762  4.258   7.225   1.00 51.24  ? 121 GLY A C   1 
ATOM   936  O  O   . GLY A 1 114 ? 14.762  4.573   7.875   1.00 49.69  ? 121 GLY A O   1 
ATOM   937  N  N   . THR A 1 115 ? 15.719  3.432   6.183   1.00 51.61  ? 122 THR A N   1 
ATOM   938  C  CA  . THR A 1 115 ? 14.472  2.848   5.689   1.00 50.75  ? 122 THR A CA  1 
ATOM   939  C  C   . THR A 1 115 ? 14.362  1.383   6.106   1.00 48.76  ? 122 THR A C   1 
ATOM   940  O  O   . THR A 1 115 ? 15.264  0.595   5.835   1.00 50.03  ? 122 THR A O   1 
ATOM   941  C  CB  . THR A 1 115 ? 14.422  2.950   4.134   1.00 51.71  ? 122 THR A CB  1 
ATOM   942  O  OG1 . THR A 1 115 ? 14.621  4.315   3.741   1.00 52.15  ? 122 THR A OG1 1 
ATOM   943  C  CG2 . THR A 1 115 ? 13.077  2.473   3.589   1.00 50.34  ? 122 THR A CG2 1 
ATOM   944  N  N   . VAL A 1 116 ? 13.268  1.016   6.765   1.00 46.89  ? 123 VAL A N   1 
ATOM   945  C  CA  . VAL A 1 116 ? 13.082  -0.368  7.198   1.00 46.40  ? 123 VAL A CA  1 
ATOM   946  C  C   . VAL A 1 116 ? 12.831  -1.263  5.988   1.00 45.96  ? 123 VAL A C   1 
ATOM   947  O  O   . VAL A 1 116 ? 11.853  -1.087  5.261   1.00 47.47  ? 123 VAL A O   1 
ATOM   948  C  CB  . VAL A 1 116 ? 11.909  -0.487  8.216   1.00 46.09  ? 123 VAL A CB  1 
ATOM   949  C  CG1 . VAL A 1 116 ? 10.825  0.481   7.850   1.00 48.27  ? 123 VAL A CG1 1 
ATOM   950  C  CG2 . VAL A 1 116 ? 11.353  -1.904  8.242   1.00 42.81  ? 123 VAL A CG2 1 
ATOM   951  N  N   . THR A 1 117 ? 13.722  -2.228  5.783   1.00 45.36  ? 124 THR A N   1 
ATOM   952  C  CA  . THR A 1 117 ? 13.628  -3.141  4.649   1.00 46.12  ? 124 THR A CA  1 
ATOM   953  C  C   . THR A 1 117 ? 13.016  -4.494  4.962   1.00 47.55  ? 124 THR A C   1 
ATOM   954  O  O   . THR A 1 117 ? 12.592  -5.209  4.056   1.00 48.17  ? 124 THR A O   1 
ATOM   955  C  CB  . THR A 1 117 ? 15.023  -3.410  4.022   1.00 45.33  ? 124 THR A CB  1 
ATOM   956  O  OG1 . THR A 1 117 ? 15.890  -3.974  5.016   1.00 41.90  ? 124 THR A OG1 1 
ATOM   957  C  CG2 . THR A 1 117 ? 15.632  -2.102  3.459   1.00 42.37  ? 124 THR A CG2 1 
ATOM   958  N  N   . GLU A 1 118 ? 12.954  -4.853  6.235   1.00 49.79  ? 125 GLU A N   1 
ATOM   959  C  CA  . GLU A 1 118 ? 12.416  -6.154  6.574   1.00 52.49  ? 125 GLU A CA  1 
ATOM   960  C  C   . GLU A 1 118 ? 12.128  -6.290  8.050   1.00 54.26  ? 125 GLU A C   1 
ATOM   961  O  O   . GLU A 1 118 ? 12.795  -5.672  8.881   1.00 54.00  ? 125 GLU A O   1 
ATOM   962  C  CB  . GLU A 1 118 ? 13.419  -7.234  6.146   1.00 52.72  ? 125 GLU A CB  1 
ATOM   963  C  CG  . GLU A 1 118 ? 13.162  -8.624  6.705   1.00 54.31  ? 125 GLU A CG  1 
ATOM   964  C  CD  . GLU A 1 118 ? 14.368  -9.563  6.575   1.00 55.42  ? 125 GLU A CD  1 
ATOM   965  O  OE1 . GLU A 1 118 ? 14.231  -10.757 6.928   1.00 57.45  ? 125 GLU A OE1 1 
ATOM   966  O  OE2 . GLU A 1 118 ? 15.444  -9.113  6.129   1.00 53.30  ? 125 GLU A OE2 1 
HETATM 967  N  N   . MSE A 1 119 ? 11.113  -7.083  8.370   1.00 56.44  ? 126 MSE A N   1 
HETATM 968  C  CA  . MSE A 1 119 ? 10.775  -7.361  9.750   1.00 59.46  ? 126 MSE A CA  1 
HETATM 969  C  C   . MSE A 1 119 ? 11.434  -8.710  9.916   1.00 60.75  ? 126 MSE A C   1 
HETATM 970  O  O   . MSE A 1 119 ? 11.257  -9.584  9.083   1.00 60.83  ? 126 MSE A O   1 
HETATM 971  C  CB  . MSE A 1 119 ? 9.272   -7.489  9.934   1.00 61.86  ? 126 MSE A CB  1 
HETATM 972  C  CG  . MSE A 1 119 ? 8.662   -6.439  10.866  1.00 70.46  ? 126 MSE A CG  1 
HETATM 973  SE SE  . MSE A 1 119 ? 9.341   -6.458  12.706  1.00 76.85  ? 126 MSE A SE  1 
HETATM 974  C  CE  . MSE A 1 119 ? 9.673   -8.360  12.857  1.00 76.02  ? 126 MSE A CE  1 
HETATM 975  N  N   . MSE A 1 120 ? 12.210  -8.887  10.969  1.00 64.11  ? 127 MSE A N   1 
HETATM 976  C  CA  . MSE A 1 120 ? 12.893  -10.156 11.157  1.00 66.94  ? 127 MSE A CA  1 
HETATM 977  C  C   . MSE A 1 120 ? 12.551  -10.836 12.477  1.00 67.21  ? 127 MSE A C   1 
HETATM 978  O  O   . MSE A 1 120 ? 12.714  -10.261 13.548  1.00 68.29  ? 127 MSE A O   1 
HETATM 979  C  CB  . MSE A 1 120 ? 14.397  -9.929  11.049  1.00 69.35  ? 127 MSE A CB  1 
HETATM 980  C  CG  . MSE A 1 120 ? 15.228  -11.176 11.143  1.00 75.38  ? 127 MSE A CG  1 
HETATM 981  SE SE  . MSE A 1 120 ? 17.095  -10.793 10.771  1.00 85.65  ? 127 MSE A SE  1 
HETATM 982  C  CE  . MSE A 1 120 ? 17.706  -10.522 12.591  1.00 82.72  ? 127 MSE A CE  1 
ATOM   983  N  N   . GLU A 1 121 ? 12.059  -12.064 12.390  1.00 67.81  ? 128 GLU A N   1 
ATOM   984  C  CA  . GLU A 1 121 ? 11.713  -12.825 13.580  1.00 69.27  ? 128 GLU A CA  1 
ATOM   985  C  C   . GLU A 1 121 ? 12.816  -13.863 13.714  1.00 70.15  ? 128 GLU A C   1 
ATOM   986  O  O   . GLU A 1 121 ? 13.057  -14.627 12.780  1.00 70.77  ? 128 GLU A O   1 
ATOM   987  C  CB  . GLU A 1 121 ? 10.349  -13.504 13.398  1.00 68.98  ? 128 GLU A CB  1 
ATOM   988  C  CG  . GLU A 1 121 ? 9.712   -14.009 14.683  1.00 69.16  ? 128 GLU A CG  1 
ATOM   989  C  CD  . GLU A 1 121 ? 8.241   -14.356 14.505  1.00 71.26  ? 128 GLU A CD  1 
ATOM   990  O  OE1 . GLU A 1 121 ? 7.941   -15.278 13.716  1.00 73.33  ? 128 GLU A OE1 1 
ATOM   991  O  OE2 . GLU A 1 121 ? 7.379   -13.705 15.146  1.00 70.91  ? 128 GLU A OE2 1 
ATOM   992  N  N   . THR A 1 122 ? 13.500  -13.884 14.855  1.00 71.07  ? 129 THR A N   1 
ATOM   993  C  CA  . THR A 1 122 ? 14.589  -14.838 15.054  1.00 72.37  ? 129 THR A CA  1 
ATOM   994  C  C   . THR A 1 122 ? 14.173  -16.007 15.951  1.00 72.92  ? 129 THR A C   1 
ATOM   995  O  O   . THR A 1 122 ? 14.730  -17.108 15.862  1.00 74.35  ? 129 THR A O   1 
ATOM   996  C  CB  . THR A 1 122 ? 15.823  -14.152 15.667  1.00 72.98  ? 129 THR A CB  1 
ATOM   997  O  OG1 . THR A 1 122 ? 16.997  -14.909 15.347  1.00 72.07  ? 129 THR A OG1 1 
ATOM   998  C  CG2 . THR A 1 122 ? 15.680  -14.053 17.196  1.00 73.55  ? 129 THR A CG2 1 
ATOM   999  N  N   . GLY A 1 123 ? 13.202  -15.763 16.820  1.00 72.01  ? 130 GLY A N   1 
ATOM   1000 C  CA  . GLY A 1 123 ? 12.720  -16.809 17.699  1.00 71.15  ? 130 GLY A CA  1 
ATOM   1001 C  C   . GLY A 1 123 ? 11.430  -16.306 18.298  1.00 70.97  ? 130 GLY A C   1 
ATOM   1002 O  O   . GLY A 1 123 ? 10.340  -16.622 17.827  1.00 70.64  ? 130 GLY A O   1 
ATOM   1003 N  N   . SER A 1 124 ? 11.569  -15.510 19.347  1.00 70.25  ? 131 SER A N   1 
ATOM   1004 C  CA  . SER A 1 124 ? 10.431  -14.908 20.021  1.00 69.42  ? 131 SER A CA  1 
ATOM   1005 C  C   . SER A 1 124 ? 10.695  -13.410 19.951  1.00 67.96  ? 131 SER A C   1 
ATOM   1006 O  O   . SER A 1 124 ? 9.940   -12.603 20.512  1.00 66.71  ? 131 SER A O   1 
ATOM   1007 C  CB  . SER A 1 124 ? 10.373  -15.343 21.485  1.00 69.76  ? 131 SER A CB  1 
ATOM   1008 O  OG  . SER A 1 124 ? 10.256  -16.747 21.594  1.00 72.51  ? 131 SER A OG  1 
ATOM   1009 N  N   . ASN A 1 125 ? 11.779  -13.055 19.259  1.00 64.27  ? 132 ASN A N   1 
ATOM   1010 C  CA  . ASN A 1 125 ? 12.167  -11.660 19.118  1.00 61.34  ? 132 ASN A CA  1 
ATOM   1011 C  C   . ASN A 1 125 ? 12.001  -11.100 17.709  1.00 58.47  ? 132 ASN A C   1 
ATOM   1012 O  O   . ASN A 1 125 ? 12.605  -11.591 16.752  1.00 57.05  ? 132 ASN A O   1 
ATOM   1013 C  CB  . ASN A 1 125 ? 13.621  -11.480 19.548  1.00 62.43  ? 132 ASN A CB  1 
ATOM   1014 C  CG  . ASN A 1 125 ? 13.921  -12.148 20.869  1.00 63.29  ? 132 ASN A CG  1 
ATOM   1015 O  OD1 . ASN A 1 125 ? 13.149  -12.031 21.826  1.00 62.68  ? 132 ASN A OD1 1 
ATOM   1016 N  ND2 . ASN A 1 125 ? 15.055  -12.847 20.935  1.00 62.01  ? 132 ASN A ND2 1 
ATOM   1017 N  N   . ASP A 1 126 ? 11.178  -10.067 17.582  1.00 54.98  ? 133 ASP A N   1 
ATOM   1018 C  CA  . ASP A 1 126 ? 10.990  -9.437  16.284  1.00 52.67  ? 133 ASP A CA  1 
ATOM   1019 C  C   . ASP A 1 126 ? 11.846  -8.188  16.214  1.00 49.49  ? 133 ASP A C   1 
ATOM   1020 O  O   . ASP A 1 126 ? 11.963  -7.454  17.186  1.00 49.20  ? 133 ASP A O   1 
ATOM   1021 C  CB  . ASP A 1 126 ? 9.528   -9.094  16.071  1.00 52.51  ? 133 ASP A CB  1 
ATOM   1022 C  CG  . ASP A 1 126 ? 8.666   -10.319 16.045  1.00 54.19  ? 133 ASP A CG  1 
ATOM   1023 O  OD1 . ASP A 1 126 ? 9.036   -11.271 15.321  1.00 53.05  ? 133 ASP A OD1 1 
ATOM   1024 O  OD2 . ASP A 1 126 ? 7.628   -10.332 16.741  1.00 55.44  ? 133 ASP A OD2 1 
ATOM   1025 N  N   . VAL A 1 127 ? 12.455  -7.955  15.061  1.00 47.25  ? 134 VAL A N   1 
ATOM   1026 C  CA  . VAL A 1 127 ? 13.319  -6.792  14.891  1.00 45.79  ? 134 VAL A CA  1 
ATOM   1027 C  C   . VAL A 1 127 ? 13.137  -6.105  13.534  1.00 44.26  ? 134 VAL A C   1 
ATOM   1028 O  O   . VAL A 1 127 ? 12.998  -6.770  12.498  1.00 44.15  ? 134 VAL A O   1 
ATOM   1029 C  CB  . VAL A 1 127 ? 14.797  -7.202  15.039  1.00 44.71  ? 134 VAL A CB  1 
ATOM   1030 C  CG1 . VAL A 1 127 ? 15.694  -6.038  14.688  1.00 45.44  ? 134 VAL A CG1 1 
ATOM   1031 C  CG2 . VAL A 1 127 ? 15.063  -7.667  16.449  1.00 41.22  ? 134 VAL A CG2 1 
ATOM   1032 N  N   . LEU A 1 128 ? 13.130  -4.776  13.539  1.00 41.72  ? 135 LEU A N   1 
ATOM   1033 C  CA  . LEU A 1 128 ? 13.003  -4.026  12.288  1.00 40.59  ? 135 LEU A CA  1 
ATOM   1034 C  C   . LEU A 1 128 ? 14.410  -3.933  11.700  1.00 41.91  ? 135 LEU A C   1 
ATOM   1035 O  O   . LEU A 1 128 ? 15.346  -3.519  12.391  1.00 42.22  ? 135 LEU A O   1 
ATOM   1036 C  CB  . LEU A 1 128 ? 12.498  -2.607  12.542  1.00 37.56  ? 135 LEU A CB  1 
ATOM   1037 C  CG  . LEU A 1 128 ? 11.119  -2.345  13.147  1.00 36.37  ? 135 LEU A CG  1 
ATOM   1038 C  CD1 . LEU A 1 128 ? 11.058  -0.918  13.654  1.00 32.57  ? 135 LEU A CD1 1 
ATOM   1039 C  CD2 . LEU A 1 128 ? 10.041  -2.598  12.100  1.00 36.21  ? 135 LEU A CD2 1 
ATOM   1040 N  N   . VAL A 1 129 ? 14.573  -4.339  10.444  1.00 42.96  ? 136 VAL A N   1 
ATOM   1041 C  CA  . VAL A 1 129 ? 15.872  -4.251  9.796   1.00 43.27  ? 136 VAL A CA  1 
ATOM   1042 C  C   . VAL A 1 129 ? 15.889  -2.907  9.077   1.00 42.86  ? 136 VAL A C   1 
ATOM   1043 O  O   . VAL A 1 129 ? 15.164  -2.697  8.105   1.00 41.16  ? 136 VAL A O   1 
ATOM   1044 C  CB  . VAL A 1 129 ? 16.092  -5.404  8.782   1.00 43.92  ? 136 VAL A CB  1 
ATOM   1045 C  CG1 . VAL A 1 129 ? 17.508  -5.350  8.231   1.00 41.39  ? 136 VAL A CG1 1 
ATOM   1046 C  CG2 . VAL A 1 129 ? 15.871  -6.740  9.466   1.00 47.18  ? 136 VAL A CG2 1 
ATOM   1047 N  N   . VAL A 1 130 ? 16.714  -1.993  9.571   1.00 43.12  ? 137 VAL A N   1 
ATOM   1048 C  CA  . VAL A 1 130 ? 16.795  -0.662  8.989   1.00 44.54  ? 137 VAL A CA  1 
ATOM   1049 C  C   . VAL A 1 130 ? 18.056  -0.448  8.162   1.00 45.29  ? 137 VAL A C   1 
ATOM   1050 O  O   . VAL A 1 130 ? 19.179  -0.684  8.638   1.00 46.45  ? 137 VAL A O   1 
ATOM   1051 C  CB  . VAL A 1 130 ? 16.738  0.401   10.088  1.00 44.23  ? 137 VAL A CB  1 
ATOM   1052 C  CG1 . VAL A 1 130 ? 16.802  1.785   9.480   1.00 44.25  ? 137 VAL A CG1 1 
ATOM   1053 C  CG2 . VAL A 1 130 ? 15.463  0.227   10.892  1.00 45.07  ? 137 VAL A CG2 1 
ATOM   1054 N  N   . LYS A 1 131 ? 17.863  -0.012  6.917   1.00 44.49  ? 138 LYS A N   1 
ATOM   1055 C  CA  . LYS A 1 131 ? 18.973  0.255   6.007   1.00 43.64  ? 138 LYS A CA  1 
ATOM   1056 C  C   . LYS A 1 131 ? 19.361  1.696   6.247   1.00 43.26  ? 138 LYS A C   1 
ATOM   1057 O  O   . LYS A 1 131 ? 18.634  2.609   5.871   1.00 42.69  ? 138 LYS A O   1 
ATOM   1058 C  CB  . LYS A 1 131 ? 18.531  0.067   4.555   1.00 44.35  ? 138 LYS A CB  1 
ATOM   1059 C  CG  . LYS A 1 131 ? 19.627  0.290   3.536   1.00 46.08  ? 138 LYS A CG  1 
ATOM   1060 C  CD  . LYS A 1 131 ? 20.614  -0.865  3.515   1.00 49.82  ? 138 LYS A CD  1 
ATOM   1061 C  CE  . LYS A 1 131 ? 21.898  -0.497  2.763   1.00 50.38  ? 138 LYS A CE  1 
ATOM   1062 N  NZ  . LYS A 1 131 ? 22.728  0.494   3.531   1.00 51.90  ? 138 LYS A NZ  1 
ATOM   1063 N  N   . ALA A 1 132 ? 20.500  1.899   6.899   1.00 44.74  ? 139 ALA A N   1 
ATOM   1064 C  CA  . ALA A 1 132 ? 20.972  3.246   7.209   1.00 45.41  ? 139 ALA A CA  1 
ATOM   1065 C  C   . ALA A 1 132 ? 21.204  4.066   5.941   1.00 46.37  ? 139 ALA A C   1 
ATOM   1066 O  O   . ALA A 1 132 ? 21.443  3.521   4.861   1.00 46.48  ? 139 ALA A O   1 
ATOM   1067 C  CB  . ALA A 1 132 ? 22.266  3.177   8.035   1.00 43.32  ? 139 ALA A CB  1 
ATOM   1068 N  N   . ASN A 1 133 ? 21.125  5.380   6.077   1.00 46.62  ? 140 ASN A N   1 
ATOM   1069 C  CA  . ASN A 1 133 ? 21.338  6.251   4.947   1.00 48.91  ? 140 ASN A CA  1 
ATOM   1070 C  C   . ASN A 1 133 ? 22.784  6.213   4.483   1.00 50.74  ? 140 ASN A C   1 
ATOM   1071 O  O   . ASN A 1 133 ? 23.660  5.734   5.197   1.00 50.78  ? 140 ASN A O   1 
ATOM   1072 C  CB  . ASN A 1 133 ? 20.940  7.671   5.315   1.00 47.34  ? 140 ASN A CB  1 
ATOM   1073 C  CG  . ASN A 1 133 ? 19.467  7.905   5.136   1.00 45.33  ? 140 ASN A CG  1 
ATOM   1074 O  OD1 . ASN A 1 133 ? 18.946  8.956   5.483   1.00 43.10  ? 140 ASN A OD1 1 
ATOM   1075 N  ND2 . ASN A 1 133 ? 18.781  6.914   4.579   1.00 45.65  ? 140 ASN A ND2 1 
ATOM   1076 N  N   . THR A 1 134 ? 23.030  6.710   3.276   1.00 52.86  ? 141 THR A N   1 
ATOM   1077 C  CA  . THR A 1 134 ? 24.374  6.722   2.731   1.00 54.57  ? 141 THR A CA  1 
ATOM   1078 C  C   . THR A 1 134 ? 25.333  7.487   3.634   1.00 56.28  ? 141 THR A C   1 
ATOM   1079 O  O   . THR A 1 134 ? 25.209  8.698   3.836   1.00 56.19  ? 141 THR A O   1 
ATOM   1080 C  CB  . THR A 1 134 ? 24.397  7.336   1.326   1.00 54.07  ? 141 THR A CB  1 
ATOM   1081 O  OG1 . THR A 1 134 ? 23.643  6.503   0.439   1.00 54.92  ? 141 THR A OG1 1 
ATOM   1082 C  CG2 . THR A 1 134 ? 25.821  7.443   0.816   1.00 52.42  ? 141 THR A CG2 1 
ATOM   1083 N  N   . LYS A 1 135 ? 26.295  6.757   4.178   1.00 58.92  ? 142 LYS A N   1 
ATOM   1084 C  CA  . LYS A 1 135 ? 27.295  7.343   5.059   1.00 61.17  ? 142 LYS A CA  1 
ATOM   1085 C  C   . LYS A 1 135 ? 26.660  8.191   6.166   1.00 60.47  ? 142 LYS A C   1 
ATOM   1086 O  O   . LYS A 1 135 ? 26.753  9.419   6.151   1.00 59.52  ? 142 LYS A O   1 
ATOM   1087 C  CB  . LYS A 1 135 ? 28.279  8.169   4.217   1.00 61.87  ? 142 LYS A CB  1 
ATOM   1088 C  CG  . LYS A 1 135 ? 28.836  7.365   3.017   1.00 63.53  ? 142 LYS A CG  1 
ATOM   1089 C  CD  . LYS A 1 135 ? 29.418  5.997   3.465   1.00 63.84  ? 142 LYS A CD  1 
ATOM   1090 C  CE  . LYS A 1 135 ? 29.089  4.838   2.494   1.00 61.31  ? 142 LYS A CE  1 
ATOM   1091 N  NZ  . LYS A 1 135 ? 27.680  4.369   2.568   1.00 55.02  ? 142 LYS A NZ  1 
ATOM   1092 N  N   . ASP A 1 136 ? 26.008  7.529   7.121   1.00 59.65  ? 143 ASP A N   1 
ATOM   1093 C  CA  . ASP A 1 136 ? 25.396  8.259   8.212   1.00 60.34  ? 143 ASP A CA  1 
ATOM   1094 C  C   . ASP A 1 136 ? 26.425  8.539   9.308   1.00 58.85  ? 143 ASP A C   1 
ATOM   1095 O  O   . ASP A 1 136 ? 27.412  7.808   9.461   1.00 57.22  ? 143 ASP A O   1 
ATOM   1096 C  CB  . ASP A 1 136 ? 24.162  7.514   8.766   1.00 64.93  ? 143 ASP A CB  1 
ATOM   1097 C  CG  . ASP A 1 136 ? 24.511  6.341   9.676   1.00 67.97  ? 143 ASP A CG  1 
ATOM   1098 O  OD1 . ASP A 1 136 ? 23.593  5.878   10.392  1.00 68.60  ? 143 ASP A OD1 1 
ATOM   1099 O  OD2 . ASP A 1 136 ? 25.672  5.880   9.678   1.00 69.86  ? 143 ASP A OD2 1 
ATOM   1100 N  N   . ALA A 1 137 ? 26.184  9.619   10.046  1.00 56.31  ? 144 ALA A N   1 
ATOM   1101 C  CA  . ALA A 1 137 ? 27.056  10.095  11.110  1.00 54.13  ? 144 ALA A CA  1 
ATOM   1102 C  C   . ALA A 1 137 ? 27.783  9.074   12.002  1.00 54.08  ? 144 ALA A C   1 
ATOM   1103 O  O   . ALA A 1 137 ? 28.920  9.322   12.415  1.00 53.30  ? 144 ALA A O   1 
ATOM   1104 C  CB  . ALA A 1 137 ? 26.283  11.066  11.974  1.00 52.87  ? 144 ALA A CB  1 
ATOM   1105 N  N   . PHE A 1 138 ? 27.165  7.934   12.304  1.00 52.71  ? 145 PHE A N   1 
ATOM   1106 C  CA  . PHE A 1 138 ? 27.841  6.968   13.170  1.00 51.52  ? 145 PHE A CA  1 
ATOM   1107 C  C   . PHE A 1 138 ? 28.414  5.744   12.465  1.00 50.75  ? 145 PHE A C   1 
ATOM   1108 O  O   . PHE A 1 138 ? 28.596  4.690   13.071  1.00 50.31  ? 145 PHE A O   1 
ATOM   1109 C  CB  . PHE A 1 138 ? 26.903  6.559   14.302  1.00 52.66  ? 145 PHE A CB  1 
ATOM   1110 C  CG  . PHE A 1 138 ? 26.526  7.707   15.194  1.00 53.17  ? 145 PHE A CG  1 
ATOM   1111 C  CD1 . PHE A 1 138 ? 27.346  8.082   16.250  1.00 51.75  ? 145 PHE A CD1 1 
ATOM   1112 C  CD2 . PHE A 1 138 ? 25.395  8.479   14.917  1.00 53.76  ? 145 PHE A CD2 1 
ATOM   1113 C  CE1 . PHE A 1 138 ? 27.052  9.214   17.018  1.00 53.90  ? 145 PHE A CE1 1 
ATOM   1114 C  CE2 . PHE A 1 138 ? 25.092  9.614   15.676  1.00 54.18  ? 145 PHE A CE2 1 
ATOM   1115 C  CZ  . PHE A 1 138 ? 25.923  9.981   16.726  1.00 54.62  ? 145 PHE A CZ  1 
ATOM   1116 N  N   . GLY A 1 139 ? 28.704  5.902   11.177  1.00 50.26  ? 146 GLY A N   1 
ATOM   1117 C  CA  . GLY A 1 139 ? 29.284  4.831   10.387  1.00 49.82  ? 146 GLY A CA  1 
ATOM   1118 C  C   . GLY A 1 139 ? 28.560  3.501   10.281  1.00 49.99  ? 146 GLY A C   1 
ATOM   1119 O  O   . GLY A 1 139 ? 29.180  2.504   9.927   1.00 50.93  ? 146 GLY A O   1 
ATOM   1120 N  N   . LYS A 1 140 ? 27.265  3.455   10.565  1.00 48.84  ? 147 LYS A N   1 
ATOM   1121 C  CA  . LYS A 1 140 ? 26.554  2.191   10.470  1.00 48.43  ? 147 LYS A CA  1 
ATOM   1122 C  C   . LYS A 1 140 ? 25.886  2.028   9.102   1.00 49.09  ? 147 LYS A C   1 
ATOM   1123 O  O   . LYS A 1 140 ? 25.448  2.998   8.491   1.00 50.54  ? 147 LYS A O   1 
ATOM   1124 C  CB  . LYS A 1 140 ? 25.518  2.099   11.591  1.00 47.11  ? 147 LYS A CB  1 
ATOM   1125 C  CG  . LYS A 1 140 ? 26.121  2.283   12.979  1.00 45.74  ? 147 LYS A CG  1 
ATOM   1126 C  CD  . LYS A 1 140 ? 25.057  2.222   14.061  1.00 45.10  ? 147 LYS A CD  1 
ATOM   1127 C  CE  . LYS A 1 140 ? 25.685  2.051   15.444  1.00 45.31  ? 147 LYS A CE  1 
ATOM   1128 N  NZ  . LYS A 1 140 ? 24.672  1.644   16.486  1.00 42.93  ? 147 LYS A NZ  1 
ATOM   1129 N  N   . GLN A 1 141 ? 25.832  0.796   8.617   1.00 50.51  ? 148 GLN A N   1 
ATOM   1130 C  CA  . GLN A 1 141 ? 25.215  0.490   7.327   1.00 51.60  ? 148 GLN A CA  1 
ATOM   1131 C  C   . GLN A 1 141 ? 23.786  0.050   7.576   1.00 50.78  ? 148 GLN A C   1 
ATOM   1132 O  O   . GLN A 1 141 ? 22.862  0.379   6.825   1.00 49.77  ? 148 GLN A O   1 
ATOM   1133 C  CB  . GLN A 1 141 ? 25.935  -0.677  6.648   1.00 53.70  ? 148 GLN A CB  1 
ATOM   1134 C  CG  . GLN A 1 141 ? 27.400  -0.462  6.353   1.00 59.28  ? 148 GLN A CG  1 
ATOM   1135 C  CD  . GLN A 1 141 ? 27.616  0.125   4.976   1.00 62.97  ? 148 GLN A CD  1 
ATOM   1136 O  OE1 . GLN A 1 141 ? 27.185  -0.455  3.974   1.00 64.82  ? 148 GLN A OE1 1 
ATOM   1137 N  NE2 . GLN A 1 141 ? 28.279  1.283   4.913   1.00 63.53  ? 148 GLN A NE2 1 
ATOM   1138 N  N   . GLU A 1 142 ? 23.624  -0.692  8.666   1.00 50.53  ? 149 GLU A N   1 
ATOM   1139 C  CA  . GLU A 1 142 ? 22.344  -1.270  9.031   1.00 50.18  ? 149 GLU A CA  1 
ATOM   1140 C  C   . GLU A 1 142 ? 22.098  -1.283  10.542  1.00 48.51  ? 149 GLU A C   1 
ATOM   1141 O  O   . GLU A 1 142 ? 23.030  -1.372  11.336  1.00 49.71  ? 149 GLU A O   1 
ATOM   1142 C  CB  . GLU A 1 142 ? 22.321  -2.685  8.459   1.00 49.08  ? 149 GLU A CB  1 
ATOM   1143 C  CG  . GLU A 1 142 ? 21.184  -3.542  8.883   1.00 53.82  ? 149 GLU A CG  1 
ATOM   1144 C  CD  . GLU A 1 142 ? 21.061  -4.759  7.995   1.00 54.78  ? 149 GLU A CD  1 
ATOM   1145 O  OE1 . GLU A 1 142 ? 20.809  -4.568  6.785   1.00 53.47  ? 149 GLU A OE1 1 
ATOM   1146 O  OE2 . GLU A 1 142 ? 21.222  -5.892  8.503   1.00 55.05  ? 149 GLU A OE2 1 
ATOM   1147 N  N   . ARG A 1 143 ? 20.837  -1.188  10.940  1.00 46.68  ? 150 ARG A N   1 
ATOM   1148 C  CA  . ARG A 1 143 ? 20.489  -1.206  12.357  1.00 44.94  ? 150 ARG A CA  1 
ATOM   1149 C  C   . ARG A 1 143 ? 19.398  -2.231  12.611  1.00 44.95  ? 150 ARG A C   1 
ATOM   1150 O  O   . ARG A 1 143 ? 18.477  -2.390  11.798  1.00 43.77  ? 150 ARG A O   1 
ATOM   1151 C  CB  . ARG A 1 143 ? 19.976  0.162   12.824  1.00 42.92  ? 150 ARG A CB  1 
ATOM   1152 C  CG  . ARG A 1 143 ? 21.019  1.241   12.896  1.00 43.47  ? 150 ARG A CG  1 
ATOM   1153 C  CD  . ARG A 1 143 ? 20.449  2.509   13.513  1.00 44.83  ? 150 ARG A CD  1 
ATOM   1154 N  NE  . ARG A 1 143 ? 21.509  3.457   13.851  1.00 48.24  ? 150 ARG A NE  1 
ATOM   1155 C  CZ  . ARG A 1 143 ? 22.156  4.208   12.962  1.00 48.82  ? 150 ARG A CZ  1 
ATOM   1156 N  NH1 . ARG A 1 143 ? 23.117  5.033   13.365  1.00 46.03  ? 150 ARG A NH1 1 
ATOM   1157 N  NH2 . ARG A 1 143 ? 21.822  4.157   11.676  1.00 48.43  ? 150 ARG A NH2 1 
ATOM   1158 N  N   . LEU A 1 144 ? 19.512  -2.932  13.735  1.00 43.98  ? 151 LEU A N   1 
ATOM   1159 C  CA  . LEU A 1 144 ? 18.510  -3.913  14.113  1.00 43.57  ? 151 LEU A CA  1 
ATOM   1160 C  C   . LEU A 1 144 ? 17.776  -3.313  15.296  1.00 44.82  ? 151 LEU A C   1 
ATOM   1161 O  O   . LEU A 1 144 ? 18.333  -3.197  16.384  1.00 46.27  ? 151 LEU A O   1 
ATOM   1162 C  CB  . LEU A 1 144 ? 19.177  -5.229  14.480  1.00 40.84  ? 151 LEU A CB  1 
ATOM   1163 C  CG  . LEU A 1 144 ? 19.884  -5.785  13.247  1.00 41.50  ? 151 LEU A CG  1 
ATOM   1164 C  CD1 . LEU A 1 144 ? 20.752  -6.958  13.614  1.00 41.33  ? 151 LEU A CD1 1 
ATOM   1165 C  CD2 . LEU A 1 144 ? 18.838  -6.172  12.212  1.00 44.11  ? 151 LEU A CD2 1 
ATOM   1166 N  N   . ILE A 1 145 ? 16.532  -2.901  15.067  1.00 44.82  ? 152 ILE A N   1 
ATOM   1167 C  CA  . ILE A 1 145 ? 15.733  -2.274  16.107  1.00 45.40  ? 152 ILE A CA  1 
ATOM   1168 C  C   . ILE A 1 145 ? 14.621  -3.185  16.604  1.00 46.10  ? 152 ILE A C   1 
ATOM   1169 O  O   . ILE A 1 145 ? 13.771  -3.611  15.827  1.00 47.30  ? 152 ILE A O   1 
ATOM   1170 C  CB  . ILE A 1 145 ? 15.137  -0.958  15.581  1.00 44.20  ? 152 ILE A CB  1 
ATOM   1171 C  CG1 . ILE A 1 145 ? 16.269  0.020   15.260  1.00 43.22  ? 152 ILE A CG1 1 
ATOM   1172 C  CG2 . ILE A 1 145 ? 14.210  -0.351  16.604  1.00 44.23  ? 152 ILE A CG2 1 
ATOM   1173 C  CD1 . ILE A 1 145 ? 15.811  1.290   14.556  1.00 45.93  ? 152 ILE A CD1 1 
ATOM   1174 N  N   . PRO A 1 146 ? 14.628  -3.512  17.910  1.00 46.79  ? 153 PRO A N   1 
ATOM   1175 C  CA  . PRO A 1 146 ? 13.607  -4.383  18.503  1.00 45.87  ? 153 PRO A CA  1 
ATOM   1176 C  C   . PRO A 1 146 ? 12.203  -3.820  18.334  1.00 46.55  ? 153 PRO A C   1 
ATOM   1177 O  O   . PRO A 1 146 ? 11.928  -2.669  18.675  1.00 44.77  ? 153 PRO A O   1 
ATOM   1178 C  CB  . PRO A 1 146 ? 14.023  -4.462  19.965  1.00 45.93  ? 153 PRO A CB  1 
ATOM   1179 C  CG  . PRO A 1 146 ? 15.506  -4.375  19.885  1.00 47.12  ? 153 PRO A CG  1 
ATOM   1180 C  CD  . PRO A 1 146 ? 15.704  -3.246  18.882  1.00 47.70  ? 153 PRO A CD  1 
ATOM   1181 N  N   . PHE A 1 147 ? 11.312  -4.644  17.796  1.00 47.04  ? 154 PHE A N   1 
ATOM   1182 C  CA  . PHE A 1 147 ? 9.953   -4.212  17.584  1.00 47.16  ? 154 PHE A CA  1 
ATOM   1183 C  C   . PHE A 1 147 ? 9.176   -4.400  18.874  1.00 46.81  ? 154 PHE A C   1 
ATOM   1184 O  O   . PHE A 1 147 ? 8.426   -5.373  19.023  1.00 43.60  ? 154 PHE A O   1 
ATOM   1185 C  CB  . PHE A 1 147 ? 9.313   -5.013  16.459  1.00 46.94  ? 154 PHE A CB  1 
ATOM   1186 C  CG  . PHE A 1 147 ? 8.021   -4.429  15.973  1.00 46.83  ? 154 PHE A CG  1 
ATOM   1187 C  CD1 . PHE A 1 147 ? 6.880   -5.215  15.882  1.00 46.25  ? 154 PHE A CD1 1 
ATOM   1188 C  CD2 . PHE A 1 147 ? 7.941   -3.086  15.622  1.00 46.51  ? 154 PHE A CD2 1 
ATOM   1189 C  CE1 . PHE A 1 147 ? 5.675   -4.669  15.442  1.00 48.20  ? 154 PHE A CE1 1 
ATOM   1190 C  CE2 . PHE A 1 147 ? 6.741   -2.526  15.177  1.00 46.99  ? 154 PHE A CE2 1 
ATOM   1191 C  CZ  . PHE A 1 147 ? 5.607   -3.314  15.091  1.00 47.79  ? 154 PHE A CZ  1 
ATOM   1192 N  N   . LEU A 1 148 ? 9.377   -3.450  19.790  1.00 46.65  ? 155 LEU A N   1 
ATOM   1193 C  CA  . LEU A 1 148 ? 8.742   -3.431  21.112  1.00 47.04  ? 155 LEU A CA  1 
ATOM   1194 C  C   . LEU A 1 148 ? 7.895   -2.166  21.304  1.00 48.09  ? 155 LEU A C   1 
ATOM   1195 O  O   . LEU A 1 148 ? 8.436   -1.060  21.393  1.00 49.72  ? 155 LEU A O   1 
ATOM   1196 C  CB  . LEU A 1 148 ? 9.827   -3.463  22.189  1.00 46.86  ? 155 LEU A CB  1 
ATOM   1197 C  CG  . LEU A 1 148 ? 10.371  -4.776  22.757  1.00 47.25  ? 155 LEU A CG  1 
ATOM   1198 C  CD1 . LEU A 1 148 ? 10.260  -5.899  21.758  1.00 45.55  ? 155 LEU A CD1 1 
ATOM   1199 C  CD2 . LEU A 1 148 ? 11.813  -4.548  23.166  1.00 46.08  ? 155 LEU A CD2 1 
ATOM   1200 N  N   . TYR A 1 149 ? 6.577   -2.304  21.385  1.00 47.68  ? 156 TYR A N   1 
ATOM   1201 C  CA  . TYR A 1 149 ? 5.755   -1.115  21.558  1.00 49.26  ? 156 TYR A CA  1 
ATOM   1202 C  C   . TYR A 1 149 ? 5.907   -0.448  22.904  1.00 51.12  ? 156 TYR A C   1 
ATOM   1203 O  O   . TYR A 1 149 ? 5.877   -1.100  23.936  1.00 52.08  ? 156 TYR A O   1 
ATOM   1204 C  CB  . TYR A 1 149 ? 4.284   -1.416  21.305  1.00 45.99  ? 156 TYR A CB  1 
ATOM   1205 C  CG  . TYR A 1 149 ? 3.960   -1.260  19.857  1.00 46.71  ? 156 TYR A CG  1 
ATOM   1206 C  CD1 . TYR A 1 149 ? 4.114   -0.023  19.231  1.00 46.64  ? 156 TYR A CD1 1 
ATOM   1207 C  CD2 . TYR A 1 149 ? 3.565   -2.348  19.085  1.00 43.98  ? 156 TYR A CD2 1 
ATOM   1208 C  CE1 . TYR A 1 149 ? 3.888   0.128   17.869  1.00 46.59  ? 156 TYR A CE1 1 
ATOM   1209 C  CE2 . TYR A 1 149 ? 3.335   -2.210  17.721  1.00 45.15  ? 156 TYR A CE2 1 
ATOM   1210 C  CZ  . TYR A 1 149 ? 3.498   -0.966  17.119  1.00 47.11  ? 156 TYR A CZ  1 
ATOM   1211 O  OH  . TYR A 1 149 ? 3.262   -0.809  15.771  1.00 50.63  ? 156 TYR A OH  1 
ATOM   1212 N  N   . GLU A 1 150 ? 6.073   0.871   22.858  1.00 53.39  ? 157 GLU A N   1 
ATOM   1213 C  CA  . GLU A 1 150 ? 6.236   1.733   24.020  1.00 54.27  ? 157 GLU A CA  1 
ATOM   1214 C  C   . GLU A 1 150 ? 7.691   1.923   24.451  1.00 53.35  ? 157 GLU A C   1 
ATOM   1215 O  O   . GLU A 1 150 ? 8.166   3.056   24.450  1.00 53.74  ? 157 GLU A O   1 
ATOM   1216 C  CB  . GLU A 1 150 ? 5.370   1.248   25.202  1.00 58.19  ? 157 GLU A CB  1 
ATOM   1217 C  CG  . GLU A 1 150 ? 3.849   1.304   24.939  1.00 62.90  ? 157 GLU A CG  1 
ATOM   1218 C  CD  . GLU A 1 150 ? 3.376   2.690   24.485  1.00 67.03  ? 157 GLU A CD  1 
ATOM   1219 O  OE1 . GLU A 1 150 ? 3.121   3.564   25.350  1.00 68.02  ? 157 GLU A OE1 1 
ATOM   1220 O  OE2 . GLU A 1 150 ? 3.274   2.909   23.253  1.00 68.02  ? 157 GLU A OE2 1 
ATOM   1221 N  N   . GLN A 1 151 ? 8.421   0.862   24.796  1.00 50.35  ? 158 GLN A N   1 
ATOM   1222 C  CA  . GLN A 1 151 ? 9.799   1.103   25.225  1.00 49.06  ? 158 GLN A CA  1 
ATOM   1223 C  C   . GLN A 1 151 ? 10.816  1.375   24.111  1.00 49.43  ? 158 GLN A C   1 
ATOM   1224 O  O   . GLN A 1 151 ? 11.831  2.050   24.341  1.00 50.90  ? 158 GLN A O   1 
ATOM   1225 C  CB  . GLN A 1 151 ? 10.311  -0.006  26.167  1.00 48.25  ? 158 GLN A CB  1 
ATOM   1226 C  CG  . GLN A 1 151 ? 9.920   -1.432  25.835  1.00 46.16  ? 158 GLN A CG  1 
ATOM   1227 C  CD  . GLN A 1 151 ? 8.557   -1.819  26.367  1.00 41.97  ? 158 GLN A CD  1 
ATOM   1228 O  OE1 . GLN A 1 151 ? 8.265   -1.657  27.548  1.00 38.15  ? 158 GLN A OE1 1 
ATOM   1229 N  NE2 . GLN A 1 151 ? 7.720   -2.356  25.492  1.00 43.24  ? 158 GLN A NE2 1 
ATOM   1230 N  N   . VAL A 1 152 ? 10.551  0.873   22.909  1.00 47.29  ? 159 VAL A N   1 
ATOM   1231 C  CA  . VAL A 1 152 ? 11.448  1.123   21.782  1.00 45.05  ? 159 VAL A CA  1 
ATOM   1232 C  C   . VAL A 1 152 ? 10.701  1.803   20.630  1.00 45.57  ? 159 VAL A C   1 
ATOM   1233 O  O   . VAL A 1 152 ? 11.048  2.920   20.224  1.00 45.72  ? 159 VAL A O   1 
ATOM   1234 C  CB  . VAL A 1 152 ? 12.087  -0.178  21.283  1.00 44.35  ? 159 VAL A CB  1 
ATOM   1235 C  CG1 . VAL A 1 152 ? 12.843  0.074   19.987  1.00 42.34  ? 159 VAL A CG1 1 
ATOM   1236 C  CG2 . VAL A 1 152 ? 13.028  -0.717  22.345  1.00 43.12  ? 159 VAL A CG2 1 
ATOM   1237 N  N   . VAL A 1 153 ? 9.687   1.132   20.095  1.00 44.63  ? 160 VAL A N   1 
ATOM   1238 C  CA  . VAL A 1 153 ? 8.902   1.708   19.016  1.00 45.09  ? 160 VAL A CA  1 
ATOM   1239 C  C   . VAL A 1 153 ? 7.786   2.513   19.667  1.00 47.51  ? 160 VAL A C   1 
ATOM   1240 O  O   . VAL A 1 153 ? 6.837   1.950   20.218  1.00 47.98  ? 160 VAL A O   1 
ATOM   1241 C  CB  . VAL A 1 153 ? 8.268   0.632   18.142  1.00 45.68  ? 160 VAL A CB  1 
ATOM   1242 C  CG1 . VAL A 1 153 ? 7.448   1.294   17.055  1.00 45.10  ? 160 VAL A CG1 1 
ATOM   1243 C  CG2 . VAL A 1 153 ? 9.344   -0.272  17.544  1.00 44.32  ? 160 VAL A CG2 1 
ATOM   1244 N  N   . LYS A 1 154 ? 7.899   3.834   19.606  1.00 48.57  ? 161 LYS A N   1 
ATOM   1245 C  CA  . LYS A 1 154 ? 6.906   4.701   20.216  1.00 49.53  ? 161 LYS A CA  1 
ATOM   1246 C  C   . LYS A 1 154 ? 5.642   4.845   19.395  1.00 50.82  ? 161 LYS A C   1 
ATOM   1247 O  O   . LYS A 1 154 ? 4.536   4.712   19.924  1.00 52.59  ? 161 LYS A O   1 
ATOM   1248 C  CB  . LYS A 1 154 ? 7.499   6.085   20.459  1.00 49.33  ? 161 LYS A CB  1 
ATOM   1249 C  CG  . LYS A 1 154 ? 8.690   6.092   21.399  1.00 50.20  ? 161 LYS A CG  1 
ATOM   1250 C  CD  . LYS A 1 154 ? 8.278   5.716   22.813  1.00 48.21  ? 161 LYS A CD  1 
ATOM   1251 C  CE  . LYS A 1 154 ? 9.447   5.841   23.775  1.00 46.60  ? 161 LYS A CE  1 
ATOM   1252 N  NZ  . LYS A 1 154 ? 9.035   5.477   25.160  1.00 46.53  ? 161 LYS A NZ  1 
ATOM   1253 N  N   . ARG A 1 155 ? 5.799   5.128   18.107  1.00 51.38  ? 162 ARG A N   1 
ATOM   1254 C  CA  . ARG A 1 155 ? 4.644   5.310   17.234  1.00 51.43  ? 162 ARG A CA  1 
ATOM   1255 C  C   . ARG A 1 155 ? 4.901   4.981   15.780  1.00 49.86  ? 162 ARG A C   1 
ATOM   1256 O  O   . ARG A 1 155 ? 6.032   5.060   15.293  1.00 50.66  ? 162 ARG A O   1 
ATOM   1257 C  CB  . ARG A 1 155 ? 4.155   6.756   17.290  1.00 52.33  ? 162 ARG A CB  1 
ATOM   1258 C  CG  . ARG A 1 155 ? 3.495   7.163   18.577  1.00 55.64  ? 162 ARG A CG  1 
ATOM   1259 C  CD  . ARG A 1 155 ? 3.021   8.605   18.476  1.00 59.55  ? 162 ARG A CD  1 
ATOM   1260 N  NE  . ARG A 1 155 ? 4.135   9.540   18.370  1.00 61.36  ? 162 ARG A NE  1 
ATOM   1261 C  CZ  . ARG A 1 155 ? 3.999   10.861  18.272  1.00 63.25  ? 162 ARG A CZ  1 
ATOM   1262 N  NH1 . ARG A 1 155 ? 2.789   11.410  18.262  1.00 62.44  ? 162 ARG A NH1 1 
ATOM   1263 N  NH2 . ARG A 1 155 ? 5.076   11.634  18.192  1.00 63.93  ? 162 ARG A NH2 1 
ATOM   1264 N  N   . VAL A 1 156 ? 3.825   4.626   15.091  1.00 47.26  ? 163 VAL A N   1 
ATOM   1265 C  CA  . VAL A 1 156 ? 3.875   4.337   13.666  1.00 45.39  ? 163 VAL A CA  1 
ATOM   1266 C  C   . VAL A 1 156 ? 2.865   5.296   13.058  1.00 46.28  ? 163 VAL A C   1 
ATOM   1267 O  O   . VAL A 1 156 ? 1.754   5.465   13.587  1.00 45.04  ? 163 VAL A O   1 
ATOM   1268 C  CB  . VAL A 1 156 ? 3.472   2.877   13.363  1.00 44.01  ? 163 VAL A CB  1 
ATOM   1269 C  CG1 . VAL A 1 156 ? 3.238   2.692   11.871  1.00 41.40  ? 163 VAL A CG1 1 
ATOM   1270 C  CG2 . VAL A 1 156 ? 4.565   1.936   13.841  1.00 40.53  ? 163 VAL A CG2 1 
ATOM   1271 N  N   . ASP A 1 157 ? 3.262   5.946   11.969  1.00 47.28  ? 164 ASP A N   1 
ATOM   1272 C  CA  . ASP A 1 157 ? 2.394   6.905   11.279  1.00 49.78  ? 164 ASP A CA  1 
ATOM   1273 C  C   . ASP A 1 157 ? 2.501   6.654   9.772   1.00 50.83  ? 164 ASP A C   1 
ATOM   1274 O  O   . ASP A 1 157 ? 3.460   7.104   9.133   1.00 51.91  ? 164 ASP A O   1 
ATOM   1275 C  CB  . ASP A 1 157 ? 2.839   8.342   11.587  1.00 51.26  ? 164 ASP A CB  1 
ATOM   1276 C  CG  . ASP A 1 157 ? 1.798   9.387   11.180  1.00 55.25  ? 164 ASP A CG  1 
ATOM   1277 O  OD1 . ASP A 1 157 ? 1.053   9.144   10.198  1.00 53.99  ? 164 ASP A OD1 1 
ATOM   1278 O  OD2 . ASP A 1 157 ? 1.731   10.460  11.838  1.00 56.95  ? 164 ASP A OD2 1 
ATOM   1279 N  N   . LEU A 1 158 ? 1.535   5.935   9.201   1.00 50.14  ? 165 LEU A N   1 
ATOM   1280 C  CA  . LEU A 1 158 ? 1.567   5.650   7.768   1.00 49.75  ? 165 LEU A CA  1 
ATOM   1281 C  C   . LEU A 1 158 ? 1.254   6.889   6.936   1.00 50.60  ? 165 LEU A C   1 
ATOM   1282 O  O   . LEU A 1 158 ? 1.565   6.952   5.748   1.00 52.06  ? 165 LEU A O   1 
ATOM   1283 C  CB  . LEU A 1 158 ? 0.600   4.517   7.428   1.00 46.96  ? 165 LEU A CB  1 
ATOM   1284 C  CG  . LEU A 1 158 ? 1.168   3.088   7.524   1.00 45.54  ? 165 LEU A CG  1 
ATOM   1285 C  CD1 . LEU A 1 158 ? 2.507   3.066   8.279   1.00 39.98  ? 165 LEU A CD1 1 
ATOM   1286 C  CD2 . LEU A 1 158 ? 0.131   2.193   8.197   1.00 41.02  ? 165 LEU A CD2 1 
ATOM   1287 N  N   . THR A 1 159 ? 0.649   7.880   7.574   1.00 52.70  ? 166 THR A N   1 
ATOM   1288 C  CA  . THR A 1 159 ? 0.314   9.136   6.920   1.00 52.99  ? 166 THR A CA  1 
ATOM   1289 C  C   . THR A 1 159 ? 1.546   9.739   6.235   1.00 54.30  ? 166 THR A C   1 
ATOM   1290 O  O   . THR A 1 159 ? 1.445   10.324  5.160   1.00 54.81  ? 166 THR A O   1 
ATOM   1291 C  CB  . THR A 1 159 ? -0.278  10.110  7.965   1.00 53.05  ? 166 THR A CB  1 
ATOM   1292 O  OG1 . THR A 1 159 ? -1.712  10.029  7.915   1.00 52.20  ? 166 THR A OG1 1 
ATOM   1293 C  CG2 . THR A 1 159 ? 0.211   11.538  7.740   1.00 50.45  ? 166 THR A CG2 1 
ATOM   1294 N  N   . THR A 1 160 ? 2.708   9.606   6.867   1.00 54.40  ? 167 THR A N   1 
ATOM   1295 C  CA  . THR A 1 160 ? 3.943   10.114  6.280   1.00 54.18  ? 167 THR A CA  1 
ATOM   1296 C  C   . THR A 1 160 ? 4.994   9.017   6.363   1.00 53.19  ? 167 THR A C   1 
ATOM   1297 O  O   . THR A 1 160 ? 6.189   9.294   6.494   1.00 54.93  ? 167 THR A O   1 
ATOM   1298 C  CB  . THR A 1 160 ? 4.476   11.367  7.012   1.00 55.52  ? 167 THR A CB  1 
ATOM   1299 O  OG1 . THR A 1 160 ? 4.527   11.123  8.422   1.00 53.47  ? 167 THR A OG1 1 
ATOM   1300 C  CG2 . THR A 1 160 ? 3.585   12.566  6.732   1.00 56.81  ? 167 THR A CG2 1 
ATOM   1301 N  N   . LYS A 1 161 ? 4.522   7.775   6.305   1.00 50.26  ? 168 LYS A N   1 
ATOM   1302 C  CA  . LYS A 1 161 ? 5.355   6.579   6.361   1.00 49.79  ? 168 LYS A CA  1 
ATOM   1303 C  C   . LYS A 1 161 ? 6.559   6.685   7.290   1.00 48.26  ? 168 LYS A C   1 
ATOM   1304 O  O   . LYS A 1 161 ? 7.704   6.514   6.872   1.00 46.25  ? 168 LYS A O   1 
ATOM   1305 C  CB  . LYS A 1 161 ? 5.791   6.197   4.944   1.00 51.42  ? 168 LYS A CB  1 
ATOM   1306 C  CG  . LYS A 1 161 ? 4.594   5.852   4.072   1.00 55.59  ? 168 LYS A CG  1 
ATOM   1307 C  CD  . LYS A 1 161 ? 4.952   5.309   2.698   1.00 59.30  ? 168 LYS A CD  1 
ATOM   1308 C  CE  . LYS A 1 161 ? 3.653   4.984   1.942   1.00 62.95  ? 168 LYS A CE  1 
ATOM   1309 N  NZ  . LYS A 1 161 ? 3.834   4.132   0.730   1.00 65.11  ? 168 LYS A NZ  1 
ATOM   1310 N  N   . THR A 1 162 ? 6.286   6.940   8.568   1.00 47.30  ? 169 THR A N   1 
ATOM   1311 C  CA  . THR A 1 162 ? 7.350   7.092   9.550   1.00 46.70  ? 169 THR A CA  1 
ATOM   1312 C  C   . THR A 1 162 ? 7.171   6.311   10.851  1.00 45.58  ? 169 THR A C   1 
ATOM   1313 O  O   . THR A 1 162 ? 6.058   6.144   11.345  1.00 45.64  ? 169 THR A O   1 
ATOM   1314 C  CB  . THR A 1 162 ? 7.566   8.583   9.894   1.00 46.26  ? 169 THR A CB  1 
ATOM   1315 O  OG1 . THR A 1 162 ? 7.972   8.708   11.266  1.00 47.56  ? 169 THR A OG1 1 
ATOM   1316 C  CG2 . THR A 1 162 ? 6.310   9.375   9.657   1.00 42.20  ? 169 THR A CG2 1 
ATOM   1317 N  N   . ILE A 1 163 ? 8.291   5.833   11.385  1.00 43.31  ? 170 ILE A N   1 
ATOM   1318 C  CA  . ILE A 1 163 ? 8.318   5.089   12.635  1.00 44.13  ? 170 ILE A CA  1 
ATOM   1319 C  C   . ILE A 1 163 ? 9.208   5.841   13.630  1.00 44.19  ? 170 ILE A C   1 
ATOM   1320 O  O   . ILE A 1 163 ? 10.381  6.076   13.362  1.00 44.99  ? 170 ILE A O   1 
ATOM   1321 C  CB  . ILE A 1 163 ? 8.877   3.656   12.418  1.00 43.98  ? 170 ILE A CB  1 
ATOM   1322 C  CG1 . ILE A 1 163 ? 7.913   2.858   11.533  1.00 41.71  ? 170 ILE A CG1 1 
ATOM   1323 C  CG2 . ILE A 1 163 ? 9.081   2.955   13.755  1.00 40.83  ? 170 ILE A CG2 1 
ATOM   1324 C  CD1 . ILE A 1 163 ? 8.368   1.458   11.260  1.00 39.30  ? 170 ILE A CD1 1 
ATOM   1325 N  N   . GLU A 1 164 ? 8.636   6.235   14.765  1.00 44.70  ? 171 GLU A N   1 
ATOM   1326 C  CA  . GLU A 1 164 ? 9.371   6.956   15.798  1.00 44.66  ? 171 GLU A CA  1 
ATOM   1327 C  C   . GLU A 1 164 ? 9.829   5.978   16.883  1.00 44.13  ? 171 GLU A C   1 
ATOM   1328 O  O   . GLU A 1 164 ? 9.029   5.235   17.449  1.00 44.58  ? 171 GLU A O   1 
ATOM   1329 C  CB  . GLU A 1 164 ? 8.483   8.042   16.406  1.00 44.96  ? 171 GLU A CB  1 
ATOM   1330 C  CG  . GLU A 1 164 ? 9.073   8.727   17.635  1.00 48.52  ? 171 GLU A CG  1 
ATOM   1331 C  CD  . GLU A 1 164 ? 8.122   9.759   18.244  1.00 52.63  ? 171 GLU A CD  1 
ATOM   1332 O  OE1 . GLU A 1 164 ? 6.930   9.428   18.463  1.00 52.90  ? 171 GLU A OE1 1 
ATOM   1333 O  OE2 . GLU A 1 164 ? 8.568   10.902  18.511  1.00 56.10  ? 171 GLU A OE2 1 
ATOM   1334 N  N   . VAL A 1 165 ? 11.118  5.988   17.188  1.00 43.69  ? 172 VAL A N   1 
ATOM   1335 C  CA  . VAL A 1 165 ? 11.646  5.072   18.184  1.00 43.31  ? 172 VAL A CA  1 
ATOM   1336 C  C   . VAL A 1 165 ? 12.592  5.757   19.170  1.00 44.27  ? 172 VAL A C   1 
ATOM   1337 O  O   . VAL A 1 165 ? 13.137  6.827   18.890  1.00 43.56  ? 172 VAL A O   1 
ATOM   1338 C  CB  . VAL A 1 165 ? 12.415  3.948   17.496  1.00 42.20  ? 172 VAL A CB  1 
ATOM   1339 C  CG1 . VAL A 1 165 ? 11.487  3.149   16.587  1.00 39.90  ? 172 VAL A CG1 1 
ATOM   1340 C  CG2 . VAL A 1 165 ? 13.554  4.545   16.680  1.00 39.57  ? 172 VAL A CG2 1 
ATOM   1341 N  N   . ASP A 1 166 ? 12.763  5.142   20.334  1.00 43.72  ? 173 ASP A N   1 
ATOM   1342 C  CA  . ASP A 1 166 ? 13.679  5.661   21.334  1.00 44.58  ? 173 ASP A CA  1 
ATOM   1343 C  C   . ASP A 1 166 ? 14.877  4.717   21.249  1.00 45.55  ? 173 ASP A C   1 
ATOM   1344 O  O   . ASP A 1 166 ? 15.058  3.831   22.090  1.00 46.33  ? 173 ASP A O   1 
ATOM   1345 C  CB  . ASP A 1 166 ? 13.046  5.616   22.725  1.00 44.07  ? 173 ASP A CB  1 
ATOM   1346 C  CG  . ASP A 1 166 ? 14.059  5.876   23.845  1.00 44.80  ? 173 ASP A CG  1 
ATOM   1347 O  OD1 . ASP A 1 166 ? 15.165  6.391   23.563  1.00 42.11  ? 173 ASP A OD1 1 
ATOM   1348 O  OD2 . ASP A 1 166 ? 13.740  5.564   25.012  1.00 46.09  ? 173 ASP A OD2 1 
ATOM   1349 N  N   . TRP A 1 167 ? 15.694  4.922   20.216  1.00 45.15  ? 174 TRP A N   1 
ATOM   1350 C  CA  . TRP A 1 167 ? 16.855  4.072   19.964  1.00 44.02  ? 174 TRP A CA  1 
ATOM   1351 C  C   . TRP A 1 167 ? 18.098  4.863   19.572  1.00 44.36  ? 174 TRP A C   1 
ATOM   1352 O  O   . TRP A 1 167 ? 18.153  5.456   18.498  1.00 47.26  ? 174 TRP A O   1 
ATOM   1353 C  CB  . TRP A 1 167 ? 16.504  3.083   18.846  1.00 41.14  ? 174 TRP A CB  1 
ATOM   1354 C  CG  . TRP A 1 167 ? 17.476  1.979   18.711  1.00 40.44  ? 174 TRP A CG  1 
ATOM   1355 C  CD1 . TRP A 1 167 ? 18.424  1.825   17.743  1.00 39.23  ? 174 TRP A CD1 1 
ATOM   1356 C  CD2 . TRP A 1 167 ? 17.610  0.858   19.592  1.00 40.42  ? 174 TRP A CD2 1 
ATOM   1357 N  NE1 . TRP A 1 167 ? 19.141  0.670   17.962  1.00 40.65  ? 174 TRP A NE1 1 
ATOM   1358 C  CE2 . TRP A 1 167 ? 18.662  0.056   19.092  1.00 41.25  ? 174 TRP A CE2 1 
ATOM   1359 C  CE3 . TRP A 1 167 ? 16.942  0.454   20.755  1.00 38.50  ? 174 TRP A CE3 1 
ATOM   1360 C  CZ2 . TRP A 1 167 ? 19.064  -1.133  19.711  1.00 40.39  ? 174 TRP A CZ2 1 
ATOM   1361 C  CZ3 . TRP A 1 167 ? 17.340  -0.728  21.375  1.00 41.74  ? 174 TRP A CZ3 1 
ATOM   1362 C  CH2 . TRP A 1 167 ? 18.395  -1.510  20.848  1.00 41.38  ? 174 TRP A CH2 1 
ATOM   1363 N  N   . ASP A 1 168 ? 19.098  4.869   20.441  1.00 44.69  ? 175 ASP A N   1 
ATOM   1364 C  CA  . ASP A 1 168 ? 20.337  5.586   20.175  1.00 47.34  ? 175 ASP A CA  1 
ATOM   1365 C  C   . ASP A 1 168 ? 20.913  5.299   18.791  1.00 47.06  ? 175 ASP A C   1 
ATOM   1366 O  O   . ASP A 1 168 ? 20.914  4.157   18.334  1.00 47.22  ? 175 ASP A O   1 
ATOM   1367 C  CB  . ASP A 1 168 ? 21.382  5.224   21.232  1.00 50.30  ? 175 ASP A CB  1 
ATOM   1368 C  CG  . ASP A 1 168 ? 21.314  6.120   22.449  1.00 53.50  ? 175 ASP A CG  1 
ATOM   1369 O  OD1 . ASP A 1 168 ? 20.298  6.844   22.608  1.00 52.23  ? 175 ASP A OD1 1 
ATOM   1370 O  OD2 . ASP A 1 168 ? 22.284  6.097   23.243  1.00 56.15  ? 175 ASP A OD2 1 
ATOM   1371 N  N   . ALA A 1 169 ? 21.399  6.345   18.130  1.00 46.83  ? 176 ALA A N   1 
ATOM   1372 C  CA  . ALA A 1 169 ? 22.004  6.205   16.816  1.00 47.73  ? 176 ALA A CA  1 
ATOM   1373 C  C   . ALA A 1 169 ? 23.377  5.546   16.994  1.00 49.42  ? 176 ALA A C   1 
ATOM   1374 O  O   . ALA A 1 169 ? 23.750  4.636   16.249  1.00 50.56  ? 176 ALA A O   1 
ATOM   1375 C  CB  . ALA A 1 169 ? 22.154  7.575   16.164  1.00 45.74  ? 176 ALA A CB  1 
ATOM   1376 N  N   . GLY A 1 170 ? 24.116  6.016   17.995  1.00 49.98  ? 177 GLY A N   1 
ATOM   1377 C  CA  . GLY A 1 170 ? 25.434  5.482   18.289  1.00 50.47  ? 177 GLY A CA  1 
ATOM   1378 C  C   . GLY A 1 170 ? 25.823  5.860   19.708  1.00 51.95  ? 177 GLY A C   1 
ATOM   1379 O  O   . GLY A 1 170 ? 25.119  6.625   20.375  1.00 51.86  ? 177 GLY A O   1 
ATOM   1380 N  N   . PHE A 1 171 ? 26.945  5.329   20.176  1.00 53.30  ? 178 PHE A N   1 
ATOM   1381 C  CA  . PHE A 1 171 ? 27.423  5.607   21.527  1.00 55.27  ? 178 PHE A CA  1 
ATOM   1382 C  C   . PHE A 1 171 ? 27.569  7.094   21.873  1.00 55.72  ? 178 PHE A C   1 
ATOM   1383 O  O   . PHE A 1 171 ? 27.116  7.544   22.926  1.00 54.60  ? 178 PHE A O   1 
ATOM   1384 C  CB  . PHE A 1 171 ? 28.763  4.894   21.748  1.00 56.90  ? 178 PHE A CB  1 
ATOM   1385 C  CG  . PHE A 1 171 ? 29.432  5.231   23.058  1.00 59.07  ? 178 PHE A CG  1 
ATOM   1386 C  CD1 . PHE A 1 171 ? 28.783  5.015   24.269  1.00 59.45  ? 178 PHE A CD1 1 
ATOM   1387 C  CD2 . PHE A 1 171 ? 30.713  5.775   23.077  1.00 59.87  ? 178 PHE A CD2 1 
ATOM   1388 C  CE1 . PHE A 1 171 ? 29.398  5.338   25.478  1.00 59.93  ? 178 PHE A CE1 1 
ATOM   1389 C  CE2 . PHE A 1 171 ? 31.333  6.099   24.284  1.00 61.08  ? 178 PHE A CE2 1 
ATOM   1390 C  CZ  . PHE A 1 171 ? 30.669  5.878   25.487  1.00 59.64  ? 178 PHE A CZ  1 
ATOM   1391 N  N   . LEU A 1 172 ? 28.199  7.857   20.985  1.00 57.62  ? 179 LEU A N   1 
ATOM   1392 C  CA  . LEU A 1 172 ? 28.424  9.279   21.236  1.00 58.23  ? 179 LEU A CA  1 
ATOM   1393 C  C   . LEU A 1 172 ? 27.308  10.246  20.852  1.00 58.14  ? 179 LEU A C   1 
ATOM   1394 O  O   . LEU A 1 172 ? 27.539  11.454  20.801  1.00 57.56  ? 179 LEU A O   1 
ATOM   1395 C  CB  . LEU A 1 172 ? 29.718  9.719   20.549  1.00 56.30  ? 179 LEU A CB  1 
ATOM   1396 C  CG  . LEU A 1 172 ? 30.987  9.100   21.145  1.00 56.77  ? 179 LEU A CG  1 
ATOM   1397 C  CD1 . LEU A 1 172 ? 32.202  9.463   20.288  1.00 53.50  ? 179 LEU A CD1 1 
ATOM   1398 C  CD2 . LEU A 1 172 ? 31.155  9.586   22.587  1.00 54.95  ? 179 LEU A CD2 1 
ATOM   1399 N  N   . GLU A 1 173 ? 26.105  9.732   20.604  1.00 58.26  ? 180 GLU A N   1 
ATOM   1400 C  CA  . GLU A 1 173 ? 24.988  10.594  20.210  1.00 58.69  ? 180 GLU A CA  1 
ATOM   1401 C  C   . GLU A 1 173 ? 24.603  11.567  21.319  1.00 59.21  ? 180 GLU A C   1 
ATOM   1402 O  O   . GLU A 1 173 ? 24.500  11.184  22.479  1.00 59.36  ? 180 GLU A O   1 
ATOM   1403 C  CB  . GLU A 1 173 ? 23.774  9.744   19.829  1.00 58.70  ? 180 GLU A CB  1 
ATOM   1404 C  CG  . GLU A 1 173 ? 22.656  10.506  19.115  1.00 58.04  ? 180 GLU A CG  1 
ATOM   1405 C  CD  . GLU A 1 173 ? 21.345  9.725   19.075  1.00 57.34  ? 180 GLU A CD  1 
ATOM   1406 O  OE1 . GLU A 1 173 ? 20.393  10.185  18.410  1.00 55.67  ? 180 GLU A OE1 1 
ATOM   1407 O  OE2 . GLU A 1 173 ? 21.261  8.653   19.714  1.00 57.38  ? 180 GLU A OE2 1 
ATOM   1408 N  N   . HIS A 1 174 ? 24.396  12.829  20.956  0.50 60.42  ? 181 HIS A N   1 
ATOM   1409 C  CA  . HIS A 1 174 ? 24.007  13.852  21.917  0.50 61.89  ? 181 HIS A CA  1 
ATOM   1410 C  C   . HIS A 1 174 ? 22.527  13.649  22.255  0.50 63.67  ? 181 HIS A C   1 
ATOM   1411 O  O   . HIS A 1 174 ? 21.729  13.307  21.388  0.50 63.42  ? 181 HIS A O   1 
ATOM   1412 C  CB  . HIS A 1 174 ? 24.260  15.237  21.313  0.50 61.87  ? 181 HIS A CB  1 
ATOM   1413 C  CG  . HIS A 1 174 ? 23.990  16.370  22.253  0.50 62.62  ? 181 HIS A CG  1 
ATOM   1414 N  ND1 . HIS A 1 174 ? 22.722  16.861  22.485  0.50 63.50  ? 181 HIS A ND1 1 
ATOM   1415 C  CD2 . HIS A 1 174 ? 24.824  17.106  23.022  0.50 62.42  ? 181 HIS A CD2 1 
ATOM   1416 C  CE1 . HIS A 1 174 ? 22.787  17.851  23.356  0.50 62.83  ? 181 HIS A CE1 1 
ATOM   1417 N  NE2 . HIS A 1 174 ? 24.053  18.020  23.698  0.50 63.04  ? 181 HIS A NE2 1 
ATOM   1418 N  N   . HIS A 1 175 ? 22.164  13.856  23.517  1.00 67.08  ? 182 HIS A N   1 
ATOM   1419 C  CA  . HIS A 1 175 ? 20.783  13.656  23.972  1.00 71.44  ? 182 HIS A CA  1 
ATOM   1420 C  C   . HIS A 1 175 ? 20.014  14.919  24.395  1.00 73.81  ? 182 HIS A C   1 
ATOM   1421 O  O   . HIS A 1 175 ? 20.524  15.750  25.146  1.00 72.45  ? 182 HIS A O   1 
ATOM   1422 C  CB  . HIS A 1 175 ? 20.771  12.648  25.127  1.00 70.59  ? 182 HIS A CB  1 
ATOM   1423 C  CG  . HIS A 1 175 ? 21.312  11.300  24.754  1.00 73.02  ? 182 HIS A CG  1 
ATOM   1424 N  ND1 . HIS A 1 175 ? 20.635  10.429  23.927  1.00 73.20  ? 182 HIS A ND1 1 
ATOM   1425 C  CD2 . HIS A 1 175 ? 22.484  10.692  25.061  1.00 73.39  ? 182 HIS A CD2 1 
ATOM   1426 C  CE1 . HIS A 1 175 ? 21.367  9.343   23.738  1.00 73.53  ? 182 HIS A CE1 1 
ATOM   1427 N  NE2 . HIS A 1 175 ? 22.494  9.478   24.415  1.00 73.36  ? 182 HIS A NE2 1 
ATOM   1428 N  N   . HIS A 1 176 ? 18.774  15.026  23.913  1.00 77.50  ? 183 HIS A N   1 
ATOM   1429 C  CA  . HIS A 1 176 ? 17.881  16.154  24.199  1.00 81.96  ? 183 HIS A CA  1 
ATOM   1430 C  C   . HIS A 1 176 ? 18.585  17.415  24.686  1.00 83.50  ? 183 HIS A C   1 
ATOM   1431 O  O   . HIS A 1 176 ? 19.018  18.236  23.867  1.00 83.73  ? 183 HIS A O   1 
ATOM   1432 C  CB  . HIS A 1 176 ? 16.804  15.742  25.214  1.00 84.61  ? 183 HIS A CB  1 
ATOM   1433 C  CG  . HIS A 1 176 ? 15.714  14.894  24.625  1.00 88.93  ? 183 HIS A CG  1 
ATOM   1434 N  ND1 . HIS A 1 176 ? 15.820  13.524  24.490  1.00 89.48  ? 183 HIS A ND1 1 
ATOM   1435 C  CD2 . HIS A 1 176 ? 14.502  15.229  24.113  1.00 89.50  ? 183 HIS A CD2 1 
ATOM   1436 C  CE1 . HIS A 1 176 ? 14.721  13.052  23.924  1.00 89.92  ? 183 HIS A CE1 1 
ATOM   1437 N  NE2 . HIS A 1 176 ? 13.906  14.066  23.685  1.00 90.26  ? 183 HIS A NE2 1 
ATOM   1438 N  N   . HIS A 1 177 ? 18.683  17.567  26.013  1.00 85.59  ? 184 HIS A N   1 
ATOM   1439 C  CA  . HIS A 1 177 ? 19.342  18.721  26.653  1.00 86.68  ? 184 HIS A CA  1 
ATOM   1440 C  C   . HIS A 1 177 ? 18.564  20.032  26.512  1.00 86.03  ? 184 HIS A C   1 
ATOM   1441 O  O   . HIS A 1 177 ? 18.254  20.632  27.566  1.00 86.06  ? 184 HIS A O   1 
ATOM   1442 C  CB  . HIS A 1 177 ? 20.782  18.867  26.103  1.00 88.24  ? 184 HIS A CB  1 
ATOM   1443 C  CG  . HIS A 1 177 ? 21.159  20.260  25.689  1.00 91.04  ? 184 HIS A CG  1 
ATOM   1444 N  ND1 . HIS A 1 177 ? 21.590  21.217  26.585  1.00 91.37  ? 184 HIS A ND1 1 
ATOM   1445 C  CD2 . HIS A 1 177 ? 21.199  20.845  24.465  1.00 91.50  ? 184 HIS A CD2 1 
ATOM   1446 C  CE1 . HIS A 1 177 ? 21.884  22.329  25.930  1.00 91.57  ? 184 HIS A CE1 1 
ATOM   1447 N  NE2 . HIS A 1 177 ? 21.656  22.131  24.642  1.00 91.57  ? 184 HIS A NE2 1 
ATOM   1448 O  OXT . HIS A 1 177 ? 18.278  20.444  25.362  1.00 84.17  ? 184 HIS A OXT 1 
HETATM 1449 S  S   . SO4 B 2 .   ? 27.463  1.834   18.895  1.00 73.97  ? 1   SO4 A S   1 
HETATM 1450 O  O1  . SO4 B 2 .   ? 26.109  2.344   19.201  1.00 73.99  ? 1   SO4 A O1  1 
HETATM 1451 O  O2  . SO4 B 2 .   ? 27.426  0.992   17.684  1.00 74.28  ? 1   SO4 A O2  1 
HETATM 1452 O  O3  . SO4 B 2 .   ? 28.378  2.972   18.646  1.00 74.31  ? 1   SO4 A O3  1 
HETATM 1453 O  O4  . SO4 B 2 .   ? 27.936  1.032   20.040  1.00 73.45  ? 1   SO4 A O4  1 
HETATM 1454 S  S   . SO4 C 2 .   ? -7.194  16.143  -19.624 1.00 100.58 ? 2   SO4 A S   1 
HETATM 1455 O  O1  . SO4 C 2 .   ? -8.216  15.405  -18.846 1.00 100.25 ? 2   SO4 A O1  1 
HETATM 1456 O  O2  . SO4 C 2 .   ? -7.560  17.580  -19.640 1.00 101.19 ? 2   SO4 A O2  1 
HETATM 1457 O  O3  . SO4 C 2 .   ? -5.862  15.988  -18.989 1.00 100.06 ? 2   SO4 A O3  1 
HETATM 1458 O  O4  . SO4 C 2 .   ? -7.147  15.605  -21.007 1.00 98.47  ? 2   SO4 A O4  1 
HETATM 1459 S  S   . SO4 D 2 .   ? 22.170  -1.133  16.237  1.00 47.86  ? 3   SO4 A S   1 
HETATM 1460 O  O1  . SO4 D 2 .   ? 22.314  -1.229  17.708  1.00 49.83  ? 3   SO4 A O1  1 
HETATM 1461 O  O2  . SO4 D 2 .   ? 21.229  -0.042  15.918  1.00 48.07  ? 3   SO4 A O2  1 
HETATM 1462 O  O3  . SO4 D 2 .   ? 23.483  -0.863  15.612  1.00 47.49  ? 3   SO4 A O3  1 
HETATM 1463 O  O4  . SO4 D 2 .   ? 21.636  -2.403  15.709  1.00 49.44  ? 3   SO4 A O4  1 
HETATM 1464 S  S   . SO4 E 2 .   ? 27.128  -2.170  10.424  1.00 94.08  ? 4   SO4 A S   1 
HETATM 1465 O  O1  . SO4 E 2 .   ? 27.798  -0.870  10.190  1.00 93.60  ? 4   SO4 A O1  1 
HETATM 1466 O  O2  . SO4 E 2 .   ? 25.884  -1.940  11.182  1.00 93.58  ? 4   SO4 A O2  1 
HETATM 1467 O  O3  . SO4 E 2 .   ? 26.797  -2.798  9.132   1.00 93.34  ? 4   SO4 A O3  1 
HETATM 1468 O  O4  . SO4 E 2 .   ? 28.030  -3.065  11.189  1.00 93.26  ? 4   SO4 A O4  1 
HETATM 1469 O  O   . HOH F 3 .   ? -20.075 6.784   -25.147 1.00 38.07  ? 185 HOH A O   1 
HETATM 1470 O  O   . HOH F 3 .   ? -9.232  7.017   -24.132 1.00 47.52  ? 186 HOH A O   1 
# 
